data_6HQ6
#
_entry.id   6HQ6
#
_cell.length_a   100.239
_cell.length_b   158.986
_cell.length_c   181.564
_cell.angle_alpha   90.000
_cell.angle_beta   90.000
_cell.angle_gamma   90.000
#
_symmetry.space_group_name_H-M   'P 21 21 21'
#
loop_
_entity.id
_entity.type
_entity.pdbx_description
1 polymer 'Bacterial beta-1,3-oligosaccharide phosphorylase'
2 non-polymer 'SULFATE ION'
3 non-polymer BICINE
4 non-polymer 1,2-ETHANEDIOL
5 non-polymer 'CHLORIDE ION'
6 water water
#
_entity_poly.entity_id   1
_entity_poly.type   'polypeptide(L)'
_entity_poly.pdbx_seq_one_letter_code
;MGSSHHHHHHSSGLVPAGSMSQSPNTLANEETTSIDKSITMDMVSMNGEMFYKIANNDAMRPFFMTIVSDSNHWMFVSSN
GGLTAGRKNAEYALFPYYTDDKITESADITGSKSIFQIQYNNELIVWEPFSERFTNKFKITRNLYKNYYGNKIIFEEINE
DLGLTYRYQWCSSNQFGFVRKSELSNHSKNVYEISLLDGIQNIMPYGVSSDLQSSTSNLVDAYKRSELHPKSGLGIFALS
AIIVDKAEPSEALKANIAWSLGLNNPKYLVSSLQLNHFRNGKSISPEDDIKGEKGAYFLNTVMTLEANTQKEWMIIANVN
QDHSDIIAITETIQNNKKIAEDINTDIELGTKRLIELNASSDALQLTADNLRDTRHFSNTLFNIMRGGIFDNNYQIEKGD
FSNYIKKANKLVFDKIDLNALGEIFSLNDLNEFASKQKDVDFDRLALEYLPLKFSRRHGDPSRPWNKFSINTQSEIDGSK
VLDYEGNWRDIFQNWEALAHSFPNFIDSMIHKFLNASTFDGYNPYRVTKEGFDWETIEEDDPWSYIGYWGDHQIIYLLKF
LEFIEKHQPGKLHSYFESECFVYAAVPYTIKPYEEILNNPKDTIGYNHEWEKVINERKKSIGADGALLKSNDKSIYHVNF
IEKILATVLAKMSNFIPEAGIWLNTQRPEWNDANNALVGNGVSMVTLYYLRRFLKFFDQLLENSTLENIKISNEMVEFYH
KVRETLMENQHLLAGSISDTDRKVILDKLGNAAADYRFQIYNSGFWGKKRTHSMQGLKNFTKVSLQFIDHSIKANQRPDK
LYHAYNLMSVEKNKEIAISYLSEMLEGQVAVLSSGFLSSKENLAVLDGLKNSALFREDQYSYLLYPNKELPKFLDKNTIS
KEAVSKSELLSLLVSKSNKQVIEKDSIGEYHFNGEFNNASNLKQALEDLSQQNEYKDLVAKESKTVEAIFEDVFNHKAFT
GRSGTFYGYEGLGSIYWHMVSKLQLAVLECCLKAVEEKESEEVIGRLLEHYYEINEGIGVHKSPSLYGAFPTDAYSHTPA
GKGAQQPGMTGQVKEDILSRFGELGIFVKNGCLELNPCLLRKDEFLKEAKTFDYVTVNFQHQSLELVEKSLAFTYCQIPI
IYKIANQKCIEVFTNDGKSAKAASLILDKQTSQDVFGRTGIINKIEVSILESDLR
;
_entity_poly.pdbx_strand_id   A,B
#
# COMPACT_ATOMS: atom_id res chain seq x y z
N SER A 38 -22.32 -2.57 -34.63
CA SER A 38 -21.68 -1.33 -34.06
C SER A 38 -20.20 -1.62 -33.75
N ILE A 39 -19.96 -2.59 -32.87
CA ILE A 39 -18.57 -2.95 -32.50
C ILE A 39 -18.05 -4.03 -33.45
N THR A 40 -17.28 -3.61 -34.46
CA THR A 40 -16.69 -4.53 -35.43
C THR A 40 -15.19 -4.54 -35.26
N MET A 41 -14.54 -5.54 -35.85
CA MET A 41 -13.08 -5.60 -35.88
C MET A 41 -12.56 -5.85 -37.31
N ASP A 42 -11.76 -4.92 -37.85
CA ASP A 42 -11.24 -4.99 -39.21
C ASP A 42 -9.71 -4.78 -39.26
N MET A 43 -9.12 -5.22 -40.39
CA MET A 43 -7.75 -4.92 -40.77
C MET A 43 -7.72 -3.61 -41.56
N VAL A 44 -6.87 -2.67 -41.11
CA VAL A 44 -6.82 -1.34 -41.66
C VAL A 44 -5.36 -0.87 -41.65
N SER A 45 -4.91 -0.33 -42.78
CA SER A 45 -3.61 0.26 -42.97
C SER A 45 -3.60 1.66 -42.33
N MET A 46 -2.63 1.92 -41.45
CA MET A 46 -2.47 3.24 -40.86
C MET A 46 -1.05 3.71 -41.16
N ASN A 47 -0.95 4.67 -42.08
CA ASN A 47 0.32 5.20 -42.53
C ASN A 47 1.23 4.07 -43.03
N GLY A 48 0.66 3.10 -43.75
CA GLY A 48 1.43 2.03 -44.40
C GLY A 48 1.69 0.82 -43.52
N GLU A 49 1.21 0.83 -42.26
CA GLU A 49 1.34 -0.34 -41.37
C GLU A 49 -0.06 -0.92 -41.06
N MET A 50 -0.19 -2.25 -41.07
CA MET A 50 -1.46 -2.92 -40.81
C MET A 50 -1.75 -3.03 -39.30
N PHE A 51 -2.97 -2.61 -38.93
CA PHE A 51 -3.49 -2.72 -37.57
C PHE A 51 -4.84 -3.46 -37.56
N TYR A 52 -5.16 -4.10 -36.43
CA TYR A 52 -6.55 -4.43 -36.13
C TYR A 52 -7.21 -3.18 -35.52
N LYS A 53 -8.41 -2.89 -35.99
CA LYS A 53 -9.25 -1.78 -35.57
C LYS A 53 -10.53 -2.30 -34.90
N ILE A 54 -10.74 -1.91 -33.64
CA ILE A 54 -12.02 -2.09 -33.00
C ILE A 54 -12.81 -0.79 -33.14
N ALA A 55 -13.85 -0.82 -33.95
CA ALA A 55 -14.74 0.34 -34.13
C ALA A 55 -15.67 0.45 -32.92
N ASN A 56 -15.89 1.70 -32.48
CA ASN A 56 -16.79 2.04 -31.42
C ASN A 56 -16.34 1.34 -30.12
N ASN A 57 -15.03 1.40 -29.85
CA ASN A 57 -14.46 0.69 -28.70
C ASN A 57 -15.05 1.17 -27.39
N ASP A 58 -15.60 2.39 -27.38
CA ASP A 58 -16.18 2.98 -26.18
C ASP A 58 -17.58 2.43 -25.90
N ALA A 59 -18.12 1.61 -26.80
CA ALA A 59 -19.35 0.88 -26.51
C ALA A 59 -19.05 -0.39 -25.72
N MET A 60 -17.77 -0.77 -25.62
CA MET A 60 -17.36 -1.92 -24.79
C MET A 60 -17.01 -1.40 -23.40
N ARG A 61 -17.20 -2.26 -22.40
CA ARG A 61 -16.60 -2.03 -21.11
C ARG A 61 -15.07 -1.98 -21.25
N PRO A 62 -14.39 -0.93 -20.74
CA PRO A 62 -12.95 -0.82 -20.94
C PRO A 62 -12.17 -2.08 -20.54
N PHE A 63 -11.21 -2.47 -21.38
CA PHE A 63 -10.43 -3.70 -21.15
C PHE A 63 -8.93 -3.38 -21.10
N PHE A 64 -8.15 -4.30 -20.51
CA PHE A 64 -6.74 -4.02 -20.19
C PHE A 64 -5.80 -4.75 -21.16
N MET A 65 -4.70 -4.08 -21.54
CA MET A 65 -3.74 -4.59 -22.53
C MET A 65 -2.31 -4.42 -22.00
N THR A 66 -1.41 -5.28 -22.50
CA THR A 66 0.02 -5.09 -22.38
C THR A 66 0.54 -4.76 -23.76
N ILE A 67 1.30 -3.66 -23.88
CA ILE A 67 1.98 -3.30 -25.11
C ILE A 67 3.41 -3.82 -24.98
N VAL A 68 3.82 -4.68 -25.91
CA VAL A 68 5.08 -5.38 -25.78
C VAL A 68 6.20 -4.58 -26.47
N SER A 69 7.41 -4.74 -25.95
CA SER A 69 8.63 -4.20 -26.49
C SER A 69 9.67 -5.32 -26.66
N ASP A 70 10.57 -5.12 -27.63
CA ASP A 70 11.80 -5.83 -27.80
C ASP A 70 12.79 -5.45 -26.70
N SER A 71 12.62 -4.26 -26.13
CA SER A 71 13.57 -3.67 -25.15
C SER A 71 13.00 -3.85 -23.73
N ASN A 72 13.24 -2.91 -22.81
CA ASN A 72 12.84 -3.09 -21.40
C ASN A 72 11.63 -2.20 -21.05
N HIS A 73 10.90 -1.70 -22.05
CA HIS A 73 9.67 -0.96 -21.83
C HIS A 73 8.60 -1.88 -21.29
N TRP A 74 7.77 -1.36 -20.38
CA TRP A 74 6.52 -1.94 -20.07
C TRP A 74 5.41 -0.86 -20.17
N MET A 75 4.23 -1.30 -20.57
CA MET A 75 3.10 -0.41 -20.71
C MET A 75 1.81 -1.23 -20.58
N PHE A 76 1.01 -0.88 -19.58
CA PHE A 76 -0.23 -1.54 -19.28
C PHE A 76 -1.35 -0.50 -19.39
N VAL A 77 -2.21 -0.67 -20.40
CA VAL A 77 -3.08 0.42 -20.81
C VAL A 77 -4.49 -0.14 -21.05
N SER A 78 -5.48 0.67 -20.65
CA SER A 78 -6.89 0.41 -20.89
C SER A 78 -7.31 0.92 -22.27
N SER A 79 -8.39 0.34 -22.79
CA SER A 79 -8.97 0.73 -24.05
C SER A 79 -9.56 2.14 -23.94
N ASN A 80 -9.71 2.65 -22.71
CA ASN A 80 -10.11 4.02 -22.50
C ASN A 80 -8.91 4.97 -22.45
N GLY A 81 -7.68 4.49 -22.56
CA GLY A 81 -6.49 5.35 -22.55
C GLY A 81 -5.74 5.41 -21.22
N GLY A 82 -6.37 5.01 -20.12
CA GLY A 82 -5.71 5.08 -18.82
C GLY A 82 -4.53 4.13 -18.80
N LEU A 83 -3.37 4.56 -18.26
CA LEU A 83 -2.20 3.68 -18.34
C LEU A 83 -1.27 3.89 -17.15
N THR A 84 -0.43 2.86 -16.98
CA THR A 84 0.88 2.96 -16.34
C THR A 84 1.94 2.49 -17.34
N ALA A 85 3.12 3.11 -17.28
CA ALA A 85 4.22 2.73 -18.14
C ALA A 85 5.53 3.12 -17.49
N GLY A 86 6.60 2.47 -17.97
CA GLY A 86 7.95 2.71 -17.47
C GLY A 86 8.94 1.83 -18.18
N ARG A 87 10.16 1.75 -17.63
CA ARG A 87 11.18 0.86 -18.15
C ARG A 87 11.75 0.03 -17.00
N LYS A 88 12.04 -1.24 -17.30
CA LYS A 88 12.60 -2.22 -16.38
C LYS A 88 11.55 -2.69 -15.38
N ASN A 89 11.14 -1.83 -14.44
CA ASN A 89 10.17 -2.24 -13.41
C ASN A 89 9.41 -1.01 -12.86
N ALA A 90 8.55 -1.26 -11.87
CA ALA A 90 7.64 -0.28 -11.31
C ALA A 90 8.39 0.84 -10.59
N GLU A 91 9.69 0.68 -10.33
CA GLU A 91 10.48 1.67 -9.58
C GLU A 91 11.02 2.76 -10.53
N TYR A 92 10.80 2.58 -11.83
CA TYR A 92 11.12 3.56 -12.88
C TYR A 92 9.86 3.77 -13.74
N ALA A 93 8.74 4.01 -13.06
CA ALA A 93 7.47 4.32 -13.69
C ALA A 93 7.47 5.75 -14.23
N LEU A 94 6.92 5.90 -15.44
CA LEU A 94 6.64 7.22 -16.04
C LEU A 94 5.30 7.73 -15.53
N PHE A 95 4.31 6.82 -15.47
CA PHE A 95 3.01 7.06 -14.85
C PHE A 95 2.82 6.08 -13.68
N PRO A 96 2.11 6.50 -12.62
CA PRO A 96 2.04 5.72 -11.39
C PRO A 96 1.53 4.27 -11.58
N TYR A 97 2.18 3.34 -10.86
CA TYR A 97 1.90 1.93 -10.95
C TYR A 97 0.84 1.57 -9.89
N TYR A 98 -0.40 1.41 -10.33
CA TYR A 98 -1.52 1.01 -9.49
C TYR A 98 -2.16 -0.26 -10.08
N THR A 99 -3.12 -0.83 -9.35
CA THR A 99 -3.93 -1.97 -9.87
C THR A 99 -4.76 -1.55 -11.10
N ASP A 100 -5.20 -2.54 -11.89
CA ASP A 100 -5.75 -2.26 -13.22
C ASP A 100 -7.09 -1.50 -13.14
N ASP A 101 -7.91 -1.75 -12.10
CA ASP A 101 -9.14 -0.98 -11.85
C ASP A 101 -8.78 0.52 -11.69
N LYS A 102 -7.77 0.84 -10.87
CA LYS A 102 -7.45 2.23 -10.60
C LYS A 102 -6.78 2.88 -11.82
N ILE A 103 -5.98 2.11 -12.58
CA ILE A 103 -5.43 2.61 -13.84
C ILE A 103 -6.58 3.04 -14.76
N THR A 104 -7.52 2.13 -15.01
CA THR A 104 -8.70 2.35 -15.85
C THR A 104 -9.50 3.59 -15.40
N GLU A 105 -9.61 3.81 -14.09
CA GLU A 105 -10.41 4.89 -13.48
C GLU A 105 -9.66 6.23 -13.52
N SER A 106 -8.38 6.24 -13.91
CA SER A 106 -7.48 7.40 -13.78
C SER A 106 -7.30 8.19 -15.09
N ALA A 107 -8.03 7.83 -16.16
CA ALA A 107 -7.76 8.34 -17.53
C ALA A 107 -7.91 9.87 -17.64
N ASP A 108 -8.78 10.45 -16.82
CA ASP A 108 -9.05 11.89 -16.92
C ASP A 108 -7.87 12.72 -16.39
N ILE A 109 -7.08 12.18 -15.44
CA ILE A 109 -6.04 12.94 -14.74
C ILE A 109 -4.64 12.39 -15.00
N THR A 110 -4.53 11.20 -15.57
CA THR A 110 -3.24 10.57 -15.76
C THR A 110 -3.09 10.14 -17.22
N GLY A 111 -1.94 10.48 -17.80
CA GLY A 111 -1.60 10.06 -19.14
C GLY A 111 -1.93 11.12 -20.17
N SER A 112 -2.52 10.67 -21.29
CA SER A 112 -2.79 11.49 -22.46
C SER A 112 -3.95 12.47 -22.19
N LYS A 113 -3.78 13.72 -22.62
CA LYS A 113 -4.85 14.71 -22.47
C LYS A 113 -4.74 15.73 -23.60
N SER A 114 -5.88 15.98 -24.27
CA SER A 114 -5.93 16.86 -25.43
C SER A 114 -7.19 17.72 -25.39
N ILE A 115 -7.03 19.05 -25.45
CA ILE A 115 -8.13 19.99 -25.52
C ILE A 115 -7.89 20.95 -26.71
N PHE A 116 -8.94 21.12 -27.53
CA PHE A 116 -8.93 21.99 -28.72
C PHE A 116 -10.00 23.08 -28.57
N GLN A 117 -9.56 24.33 -28.78
CA GLN A 117 -10.39 25.53 -28.87
C GLN A 117 -10.48 25.90 -30.36
N ILE A 118 -11.66 25.68 -30.95
CA ILE A 118 -11.86 25.77 -32.40
C ILE A 118 -12.76 26.97 -32.70
N GLN A 119 -12.26 27.91 -33.50
CA GLN A 119 -13.07 29.08 -33.93
C GLN A 119 -13.87 28.66 -35.16
N TYR A 120 -15.19 28.58 -35.00
CA TYR A 120 -16.12 28.52 -36.14
C TYR A 120 -17.28 29.50 -35.93
N ASN A 121 -17.50 30.32 -36.97
CA ASN A 121 -18.40 31.48 -36.96
C ASN A 121 -17.76 32.54 -36.03
N ASN A 122 -18.53 33.05 -35.07
CA ASN A 122 -17.97 33.91 -34.03
C ASN A 122 -18.12 33.16 -32.69
N GLU A 123 -17.84 31.85 -32.71
CA GLU A 123 -18.00 30.96 -31.57
C GLU A 123 -16.69 30.19 -31.32
N LEU A 124 -16.26 30.18 -30.06
CA LEU A 124 -15.16 29.35 -29.59
C LEU A 124 -15.73 28.04 -29.03
N ILE A 125 -15.42 26.94 -29.72
CA ILE A 125 -15.95 25.61 -29.45
C ILE A 125 -14.84 24.75 -28.84
N VAL A 126 -15.10 24.13 -27.68
CA VAL A 126 -14.13 23.32 -26.98
C VAL A 126 -14.45 21.84 -27.20
N TRP A 127 -13.43 21.09 -27.60
CA TRP A 127 -13.52 19.68 -27.84
C TRP A 127 -12.36 19.00 -27.12
N GLU A 128 -12.69 18.01 -26.29
CA GLU A 128 -11.75 17.29 -25.44
C GLU A 128 -11.89 15.80 -25.76
N PRO A 129 -11.27 15.32 -26.85
CA PRO A 129 -11.39 13.93 -27.24
C PRO A 129 -10.85 13.00 -26.13
N PHE A 130 -11.48 11.83 -26.06
CA PHE A 130 -11.16 10.71 -25.14
C PHE A 130 -11.63 11.00 -23.72
N SER A 131 -12.14 12.20 -23.43
CA SER A 131 -12.60 12.56 -22.09
C SER A 131 -14.09 12.26 -21.95
N GLU A 132 -14.55 12.32 -20.70
CA GLU A 132 -15.97 12.25 -20.37
C GLU A 132 -16.44 13.60 -19.83
N ARG A 133 -15.74 14.68 -20.21
CA ARG A 133 -15.99 16.02 -19.69
C ARG A 133 -17.15 16.72 -20.41
N PHE A 134 -17.49 16.25 -21.62
CA PHE A 134 -18.47 16.92 -22.48
C PHE A 134 -19.49 15.91 -23.02
N THR A 135 -20.20 15.22 -22.13
CA THR A 135 -21.00 14.06 -22.51
C THR A 135 -22.10 14.45 -23.51
N ASN A 136 -22.11 13.78 -24.67
CA ASN A 136 -23.11 13.92 -25.70
C ASN A 136 -23.17 15.35 -26.27
N LYS A 137 -22.10 16.15 -26.08
CA LYS A 137 -22.02 17.48 -26.65
C LYS A 137 -21.87 17.35 -28.19
N PHE A 138 -21.11 16.36 -28.66
CA PHE A 138 -20.88 16.12 -30.08
C PHE A 138 -21.26 14.69 -30.45
N LYS A 139 -21.60 14.44 -31.73
CA LYS A 139 -21.60 13.09 -32.30
C LYS A 139 -20.14 12.71 -32.56
N ILE A 140 -19.69 11.63 -31.93
CA ILE A 140 -18.30 11.21 -32.01
C ILE A 140 -18.26 9.71 -32.27
N THR A 141 -17.18 9.28 -32.91
CA THR A 141 -16.84 7.90 -33.06
C THR A 141 -15.46 7.67 -32.46
N ARG A 142 -15.36 6.67 -31.58
CA ARG A 142 -14.08 6.30 -31.03
C ARG A 142 -13.68 4.93 -31.59
N ASN A 143 -12.44 4.86 -32.08
CA ASN A 143 -11.84 3.63 -32.61
C ASN A 143 -10.50 3.37 -31.91
N LEU A 144 -10.16 2.08 -31.80
CA LEU A 144 -8.95 1.62 -31.17
C LEU A 144 -8.22 0.68 -32.12
N TYR A 145 -6.91 0.89 -32.25
CA TYR A 145 -6.09 0.12 -33.16
C TYR A 145 -4.91 -0.48 -32.40
N LYS A 146 -4.56 -1.71 -32.74
CA LYS A 146 -3.34 -2.34 -32.26
C LYS A 146 -2.73 -3.11 -33.43
N ASN A 147 -1.38 -3.01 -33.59
CA ASN A 147 -0.69 -3.58 -34.77
C ASN A 147 -0.56 -5.09 -34.60
N TYR A 148 -0.12 -5.76 -35.65
CA TYR A 148 -0.10 -7.24 -35.68
C TYR A 148 0.97 -7.77 -34.71
N TYR A 149 1.99 -6.96 -34.40
CA TYR A 149 3.10 -7.37 -33.54
C TYR A 149 2.80 -7.09 -32.06
N GLY A 150 1.82 -6.21 -31.80
CA GLY A 150 1.41 -5.87 -30.46
C GLY A 150 2.25 -4.79 -29.78
N ASN A 151 3.06 -4.02 -30.54
CA ASN A 151 3.98 -3.08 -29.94
C ASN A 151 3.62 -1.61 -30.25
N LYS A 152 2.46 -1.39 -30.86
CA LYS A 152 1.95 -0.07 -31.14
C LYS A 152 0.44 -0.06 -30.95
N ILE A 153 -0.09 1.04 -30.39
CA ILE A 153 -1.52 1.19 -30.22
C ILE A 153 -1.94 2.62 -30.59
N ILE A 154 -3.11 2.75 -31.26
CA ILE A 154 -3.60 4.05 -31.68
C ILE A 154 -4.99 4.25 -31.09
N PHE A 155 -5.19 5.43 -30.46
CA PHE A 155 -6.49 5.89 -30.03
C PHE A 155 -6.95 6.96 -31.01
N GLU A 156 -8.21 6.84 -31.47
CA GLU A 156 -8.77 7.74 -32.45
C GLU A 156 -10.17 8.22 -32.04
N GLU A 157 -10.39 9.54 -32.18
CA GLU A 157 -11.73 10.08 -32.02
C GLU A 157 -12.06 10.97 -33.23
N ILE A 158 -13.16 10.63 -33.90
CA ILE A 158 -13.75 11.44 -34.98
C ILE A 158 -14.84 12.33 -34.39
N ASN A 159 -14.68 13.65 -34.49
CA ASN A 159 -15.74 14.58 -34.15
C ASN A 159 -16.53 14.80 -35.44
N GLU A 160 -17.69 14.16 -35.53
CA GLU A 160 -18.45 14.10 -36.75
C GLU A 160 -19.14 15.45 -37.02
N ASP A 161 -19.37 16.24 -35.97
CA ASP A 161 -20.01 17.52 -36.14
C ASP A 161 -19.03 18.51 -36.79
N LEU A 162 -17.72 18.35 -36.52
CA LEU A 162 -16.75 19.33 -37.02
C LEU A 162 -15.96 18.80 -38.22
N GLY A 163 -16.07 17.50 -38.50
CA GLY A 163 -15.25 16.81 -39.51
C GLY A 163 -13.77 16.86 -39.16
N LEU A 164 -13.48 16.71 -37.86
CA LEU A 164 -12.13 16.72 -37.30
C LEU A 164 -11.87 15.36 -36.66
N THR A 165 -10.70 14.78 -36.93
CA THR A 165 -10.28 13.55 -36.29
C THR A 165 -8.97 13.79 -35.54
N TYR A 166 -8.88 13.29 -34.29
CA TYR A 166 -7.63 13.28 -33.54
C TYR A 166 -7.23 11.84 -33.23
N ARG A 167 -5.96 11.53 -33.50
CA ARG A 167 -5.36 10.26 -33.17
C ARG A 167 -4.07 10.49 -32.40
N TYR A 168 -3.79 9.62 -31.43
CA TYR A 168 -2.46 9.50 -30.88
C TYR A 168 -2.10 8.00 -30.77
N GLN A 169 -0.79 7.72 -30.93
CA GLN A 169 -0.24 6.41 -31.03
C GLN A 169 0.93 6.29 -30.05
N TRP A 170 0.96 5.21 -29.25
CA TRP A 170 2.12 4.94 -28.41
C TRP A 170 3.06 3.96 -29.12
N CYS A 171 4.34 4.31 -29.16
CA CYS A 171 5.43 3.49 -29.70
C CYS A 171 6.56 3.47 -28.67
N SER A 172 7.46 2.49 -28.80
CA SER A 172 8.63 2.39 -27.96
C SER A 172 9.91 2.59 -28.78
N SER A 173 10.93 3.15 -28.12
CA SER A 173 12.23 3.36 -28.69
C SER A 173 13.26 3.04 -27.62
N ASN A 174 14.18 2.13 -27.93
CA ASN A 174 15.20 1.73 -26.98
C ASN A 174 16.00 2.97 -26.59
N GLN A 175 16.33 3.79 -27.59
CA GLN A 175 17.15 4.95 -27.39
C GLN A 175 16.40 6.08 -26.66
N PHE A 176 15.13 6.32 -26.98
CA PHE A 176 14.48 7.60 -26.61
C PHE A 176 13.37 7.42 -25.56
N GLY A 177 12.87 6.19 -25.39
CA GLY A 177 11.83 5.90 -24.39
C GLY A 177 10.49 5.60 -25.05
N PHE A 178 9.46 6.37 -24.67
CA PHE A 178 8.11 6.27 -25.26
C PHE A 178 7.89 7.45 -26.20
N VAL A 179 7.22 7.17 -27.33
CA VAL A 179 6.94 8.16 -28.34
C VAL A 179 5.44 8.17 -28.61
N ARG A 180 4.82 9.33 -28.35
CA ARG A 180 3.41 9.57 -28.59
C ARG A 180 3.28 10.39 -29.87
N LYS A 181 2.81 9.74 -30.93
CA LYS A 181 2.66 10.37 -32.22
C LYS A 181 1.21 10.85 -32.38
N SER A 182 1.06 12.15 -32.64
CA SER A 182 -0.21 12.84 -32.74
C SER A 182 -0.50 13.25 -34.19
N GLU A 183 -1.77 13.14 -34.58
CA GLU A 183 -2.33 13.60 -35.86
C GLU A 183 -3.71 14.23 -35.64
N LEU A 184 -3.85 15.47 -36.09
CA LEU A 184 -5.11 16.20 -36.15
C LEU A 184 -5.44 16.44 -37.62
N SER A 185 -6.56 15.88 -38.05
CA SER A 185 -6.96 15.77 -39.44
C SER A 185 -8.28 16.52 -39.64
N ASN A 186 -8.25 17.50 -40.55
CA ASN A 186 -9.45 18.25 -40.92
C ASN A 186 -9.99 17.67 -42.24
N HIS A 187 -11.05 16.84 -42.14
CA HIS A 187 -11.74 16.29 -43.33
C HIS A 187 -13.07 17.03 -43.59
N SER A 188 -13.28 18.20 -42.99
CA SER A 188 -14.45 19.05 -43.29
C SER A 188 -14.14 19.85 -44.55
N LYS A 189 -15.11 20.68 -44.98
CA LYS A 189 -14.90 21.64 -46.05
C LYS A 189 -14.58 23.03 -45.45
N ASN A 190 -14.41 23.13 -44.12
CA ASN A 190 -14.16 24.40 -43.43
C ASN A 190 -12.67 24.58 -43.12
N VAL A 191 -12.29 25.84 -42.90
CA VAL A 191 -11.00 26.25 -42.37
C VAL A 191 -11.21 26.55 -40.89
N TYR A 192 -10.35 25.99 -40.02
CA TYR A 192 -10.50 26.17 -38.59
C TYR A 192 -9.26 26.87 -38.00
N GLU A 193 -9.50 27.93 -37.22
CA GLU A 193 -8.52 28.48 -36.32
C GLU A 193 -8.57 27.67 -35.02
N ILE A 194 -7.48 26.95 -34.72
CA ILE A 194 -7.47 26.05 -33.58
C ILE A 194 -6.33 26.46 -32.65
N SER A 195 -6.67 26.67 -31.38
CA SER A 195 -5.68 26.71 -30.31
C SER A 195 -5.71 25.36 -29.57
N LEU A 196 -4.58 24.66 -29.53
CA LEU A 196 -4.57 23.34 -28.91
C LEU A 196 -3.69 23.32 -27.67
N LEU A 197 -4.12 22.50 -26.69
CA LEU A 197 -3.33 22.09 -25.54
C LEU A 197 -3.26 20.56 -25.54
N ASP A 198 -2.06 20.02 -25.72
CA ASP A 198 -1.90 18.57 -25.89
C ASP A 198 -0.65 18.08 -25.14
N GLY A 199 -0.77 16.91 -24.51
CA GLY A 199 0.37 16.32 -23.81
C GLY A 199 -0.01 15.20 -22.87
N ILE A 200 0.78 15.09 -21.79
CA ILE A 200 0.68 14.00 -20.84
C ILE A 200 0.74 14.58 -19.43
N GLN A 201 -0.01 13.97 -18.50
CA GLN A 201 -0.10 14.47 -17.15
C GLN A 201 0.01 13.35 -16.12
N ASN A 202 0.22 13.77 -14.88
CA ASN A 202 0.58 12.92 -13.73
C ASN A 202 1.82 12.11 -14.09
N ILE A 203 2.82 12.81 -14.63
CA ILE A 203 4.16 12.27 -14.89
C ILE A 203 4.86 12.11 -13.55
N MET A 204 5.36 10.91 -13.29
CA MET A 204 6.11 10.65 -12.09
C MET A 204 7.45 11.36 -12.18
N PRO A 205 7.96 11.87 -11.05
CA PRO A 205 9.37 12.23 -10.95
C PRO A 205 10.21 10.95 -10.78
N TYR A 206 11.51 11.05 -11.05
CA TYR A 206 12.39 9.92 -10.79
C TYR A 206 12.50 9.72 -9.27
N GLY A 207 12.54 8.45 -8.86
CA GLY A 207 13.09 8.05 -7.55
C GLY A 207 12.04 7.91 -6.45
N VAL A 208 10.76 7.86 -6.84
CA VAL A 208 9.65 7.47 -5.97
C VAL A 208 9.40 5.96 -6.07
N SER A 209 9.49 5.26 -4.95
CA SER A 209 9.19 3.80 -4.90
C SER A 209 7.70 3.59 -5.20
N SER A 210 7.38 2.48 -5.86
CA SER A 210 5.98 2.14 -6.14
C SER A 210 5.19 2.00 -4.83
N ASP A 211 5.83 1.49 -3.75
CA ASP A 211 5.14 1.39 -2.45
C ASP A 211 4.74 2.77 -1.94
N LEU A 212 5.68 3.73 -1.98
CA LEU A 212 5.39 5.05 -1.43
C LEU A 212 4.31 5.77 -2.27
N GLN A 213 4.37 5.64 -3.59
CA GLN A 213 3.40 6.28 -4.48
C GLN A 213 2.02 5.68 -4.26
N SER A 214 1.98 4.39 -3.92
CA SER A 214 0.72 3.70 -3.74
C SER A 214 0.02 4.13 -2.45
N SER A 215 0.79 4.29 -1.37
CA SER A 215 0.26 4.46 0.00
C SER A 215 0.27 5.92 0.44
N THR A 216 1.18 6.73 -0.10
CA THR A 216 1.42 8.06 0.45
C THR A 216 1.71 9.06 -0.68
N SER A 217 0.88 9.06 -1.72
CA SER A 217 1.08 9.92 -2.91
C SER A 217 1.03 11.40 -2.55
N ASN A 218 0.22 11.76 -1.55
CA ASN A 218 0.05 13.16 -1.14
C ASN A 218 1.37 13.72 -0.61
N LEU A 219 2.11 12.95 0.20
CA LEU A 219 3.39 13.40 0.76
C LEU A 219 4.38 13.60 -0.39
N VAL A 220 4.36 12.70 -1.38
CA VAL A 220 5.29 12.76 -2.52
C VAL A 220 5.18 14.12 -3.22
N ASP A 221 3.95 14.62 -3.40
CA ASP A 221 3.70 15.90 -4.07
C ASP A 221 4.59 17.00 -3.50
N ALA A 222 4.79 17.02 -2.18
CA ALA A 222 5.49 18.12 -1.54
C ALA A 222 6.97 18.17 -1.94
N TYR A 223 7.48 17.07 -2.51
CA TYR A 223 8.88 16.98 -2.96
C TYR A 223 8.98 17.16 -4.49
N LYS A 224 7.87 17.34 -5.20
CA LYS A 224 7.94 17.44 -6.65
C LYS A 224 8.41 18.84 -7.08
N ARG A 225 9.28 18.85 -8.09
CA ARG A 225 9.66 20.08 -8.82
C ARG A 225 9.74 19.74 -10.30
N SER A 226 8.86 20.36 -11.10
CA SER A 226 8.83 20.23 -12.57
C SER A 226 9.39 21.50 -13.21
N GLU A 227 10.30 21.34 -14.18
CA GLU A 227 10.99 22.50 -14.79
C GLU A 227 10.95 22.36 -16.30
N LEU A 228 11.08 23.49 -16.98
CA LEU A 228 11.27 23.49 -18.42
C LEU A 228 12.66 24.06 -18.71
N HIS A 229 13.39 23.39 -19.61
CA HIS A 229 14.61 23.92 -20.15
C HIS A 229 14.26 24.83 -21.32
N PRO A 230 14.31 26.17 -21.16
CA PRO A 230 13.71 27.09 -22.13
C PRO A 230 14.17 26.89 -23.60
N LYS A 231 15.49 26.82 -23.79
CA LYS A 231 16.08 26.70 -25.14
C LYS A 231 15.54 25.48 -25.90
N SER A 232 15.34 24.34 -25.22
CA SER A 232 14.99 23.09 -25.90
C SER A 232 13.48 22.81 -25.85
N GLY A 233 12.77 23.40 -24.89
CA GLY A 233 11.39 23.00 -24.55
C GLY A 233 11.28 21.66 -23.80
N LEU A 234 12.40 21.10 -23.33
CA LEU A 234 12.36 19.82 -22.63
C LEU A 234 11.91 20.02 -21.17
N GLY A 235 11.05 19.10 -20.71
CA GLY A 235 10.51 19.09 -19.36
C GLY A 235 11.27 18.11 -18.46
N ILE A 236 11.63 18.58 -17.26
CA ILE A 236 12.37 17.82 -16.28
C ILE A 236 11.46 17.57 -15.08
N PHE A 237 11.25 16.30 -14.75
CA PHE A 237 10.34 15.90 -13.69
C PHE A 237 11.13 15.18 -12.60
N ALA A 238 11.43 15.89 -11.51
CA ALA A 238 12.31 15.40 -10.47
C ALA A 238 11.71 15.66 -9.08
N LEU A 239 12.44 15.19 -8.06
CA LEU A 239 12.16 15.45 -6.65
C LEU A 239 13.19 16.46 -6.15
N SER A 240 12.84 17.21 -5.12
CA SER A 240 13.77 18.12 -4.45
C SER A 240 14.77 17.31 -3.61
N ALA A 241 14.37 16.12 -3.16
CA ALA A 241 15.19 15.19 -2.41
C ALA A 241 14.54 13.80 -2.52
N ILE A 242 15.35 12.74 -2.48
CA ILE A 242 14.84 11.38 -2.38
C ILE A 242 14.24 11.25 -0.97
N ILE A 243 13.02 10.75 -0.89
CA ILE A 243 12.29 10.70 0.35
C ILE A 243 12.78 9.50 1.16
N VAL A 244 13.24 9.74 2.38
CA VAL A 244 13.87 8.72 3.19
C VAL A 244 13.60 9.03 4.68
N ASP A 245 13.54 7.99 5.52
CA ASP A 245 13.34 8.15 6.97
C ASP A 245 14.61 8.66 7.65
N LYS A 246 15.80 8.29 7.15
CA LYS A 246 17.09 8.68 7.77
C LYS A 246 17.21 10.20 7.81
N ALA A 247 17.74 10.73 8.92
CA ALA A 247 18.05 12.16 9.07
C ALA A 247 19.40 12.47 8.41
N GLU A 248 19.47 12.29 7.08
CA GLU A 248 20.67 12.49 6.31
C GLU A 248 20.28 13.17 5.00
N PRO A 249 21.20 13.93 4.35
CA PRO A 249 20.94 14.50 3.03
C PRO A 249 20.64 13.39 2.03
N SER A 250 19.78 13.69 1.05
CA SER A 250 19.34 12.69 0.11
C SER A 250 19.05 13.36 -1.25
N GLU A 251 20.11 13.52 -2.05
CA GLU A 251 20.08 14.26 -3.30
C GLU A 251 19.38 13.41 -4.36
N ALA A 252 18.59 14.09 -5.20
CA ALA A 252 17.87 13.46 -6.32
C ALA A 252 18.50 13.94 -7.61
N LEU A 253 19.40 13.11 -8.17
CA LEU A 253 20.27 13.54 -9.25
C LEU A 253 19.88 12.85 -10.55
N LYS A 254 18.66 12.30 -10.61
CA LYS A 254 18.10 11.86 -11.87
C LYS A 254 16.66 12.37 -11.98
N ALA A 255 16.11 12.25 -13.19
CA ALA A 255 14.79 12.81 -13.51
C ALA A 255 14.12 11.99 -14.59
N ASN A 256 12.79 12.11 -14.66
CA ASN A 256 12.04 11.70 -15.85
C ASN A 256 11.94 12.95 -16.75
N ILE A 257 11.81 12.71 -18.07
CA ILE A 257 11.80 13.79 -19.08
C ILE A 257 10.69 13.58 -20.11
N ALA A 258 10.27 14.70 -20.68
CA ALA A 258 9.44 14.73 -21.87
C ALA A 258 9.87 15.92 -22.73
N TRP A 259 9.81 15.69 -24.04
CA TRP A 259 10.13 16.72 -25.03
C TRP A 259 9.30 16.48 -26.29
N SER A 260 9.46 17.36 -27.27
CA SER A 260 8.49 17.49 -28.34
C SER A 260 9.16 17.95 -29.63
N LEU A 261 8.59 17.52 -30.76
CA LEU A 261 8.94 17.94 -32.12
C LEU A 261 7.66 18.14 -32.93
N GLY A 262 7.70 19.10 -33.88
CA GLY A 262 6.71 19.22 -34.95
C GLY A 262 5.81 20.45 -34.85
N LEU A 263 5.81 21.16 -33.72
CA LEU A 263 4.93 22.31 -33.52
C LEU A 263 5.76 23.59 -33.59
N ASN A 264 5.23 24.62 -34.25
CA ASN A 264 5.95 25.90 -34.37
C ASN A 264 5.59 26.78 -33.17
N ASN A 265 6.66 27.30 -32.54
CA ASN A 265 6.61 28.25 -31.42
C ASN A 265 5.63 27.77 -30.37
N PRO A 266 5.78 26.55 -29.81
CA PRO A 266 4.91 26.12 -28.72
C PRO A 266 5.19 26.88 -27.41
N LYS A 267 4.13 27.15 -26.65
CA LYS A 267 4.23 27.47 -25.25
C LYS A 267 4.11 26.14 -24.46
N TYR A 268 4.66 26.09 -23.24
CA TYR A 268 4.71 24.87 -22.49
C TYR A 268 4.08 25.06 -21.11
N LEU A 269 3.40 24.02 -20.64
CA LEU A 269 3.03 23.85 -19.23
C LEU A 269 3.82 22.67 -18.66
N VAL A 270 4.17 22.76 -17.37
CA VAL A 270 4.83 21.62 -16.67
C VAL A 270 3.95 21.14 -15.50
N SER A 271 2.65 21.41 -15.60
CA SER A 271 1.67 21.05 -14.60
C SER A 271 0.29 21.08 -15.25
N SER A 272 -0.70 20.51 -14.54
CA SER A 272 -2.09 20.53 -14.99
C SER A 272 -2.87 21.71 -14.36
N LEU A 273 -2.18 22.68 -13.75
CA LEU A 273 -2.85 23.74 -12.96
C LEU A 273 -3.82 24.57 -13.81
N GLN A 274 -3.47 24.84 -15.07
CA GLN A 274 -4.26 25.75 -15.94
C GLN A 274 -5.14 24.97 -16.93
N LEU A 275 -5.18 23.65 -16.79
CA LEU A 275 -5.88 22.80 -17.75
C LEU A 275 -7.36 23.22 -17.80
N ASN A 276 -7.93 23.42 -16.62
CA ASN A 276 -9.31 23.74 -16.54
C ASN A 276 -9.61 25.15 -17.08
N HIS A 277 -8.68 26.10 -16.91
CA HIS A 277 -8.81 27.43 -17.53
C HIS A 277 -9.00 27.29 -19.05
N PHE A 278 -8.18 26.44 -19.68
CA PHE A 278 -8.21 26.22 -21.12
C PHE A 278 -9.52 25.50 -21.52
N ARG A 279 -9.95 24.55 -20.67
CA ARG A 279 -11.18 23.80 -20.85
C ARG A 279 -12.34 24.79 -20.91
N ASN A 280 -12.23 25.91 -20.20
CA ASN A 280 -13.27 26.92 -20.13
C ASN A 280 -13.05 28.00 -21.20
N GLY A 281 -12.21 27.75 -22.20
CA GLY A 281 -12.08 28.63 -23.35
C GLY A 281 -11.10 29.78 -23.16
N LYS A 282 -10.29 29.79 -22.09
CA LYS A 282 -9.28 30.88 -21.88
C LYS A 282 -7.89 30.42 -22.35
N SER A 283 -6.98 31.41 -22.46
CA SER A 283 -5.56 31.22 -22.86
C SER A 283 -4.70 30.93 -21.63
N ILE A 284 -3.53 30.31 -21.85
CA ILE A 284 -2.70 29.88 -20.74
C ILE A 284 -1.44 30.75 -20.67
N SER A 285 -0.80 30.75 -19.50
CA SER A 285 0.54 31.34 -19.30
C SER A 285 1.59 30.24 -19.30
N PRO A 286 2.73 30.44 -19.98
CA PRO A 286 3.83 29.49 -19.96
C PRO A 286 4.32 29.24 -18.53
N GLU A 287 4.78 28.02 -18.28
CA GLU A 287 5.28 27.62 -16.98
C GLU A 287 6.65 27.00 -17.21
N ASP A 288 7.62 27.30 -16.34
CA ASP A 288 8.89 26.62 -16.43
C ASP A 288 9.45 26.18 -15.05
N ASP A 289 8.69 26.41 -13.98
CA ASP A 289 9.14 26.03 -12.62
C ASP A 289 7.92 25.91 -11.69
N ILE A 290 7.44 24.69 -11.49
CA ILE A 290 6.28 24.44 -10.63
C ILE A 290 6.69 23.43 -9.54
N LYS A 291 6.43 23.83 -8.29
CA LYS A 291 6.78 23.11 -7.10
C LYS A 291 5.51 22.58 -6.42
N GLY A 292 5.57 21.34 -5.95
CA GLY A 292 4.54 20.82 -5.05
C GLY A 292 3.33 20.26 -5.78
N GLU A 293 3.45 20.01 -7.10
CA GLU A 293 2.31 19.59 -7.94
C GLU A 293 2.75 18.43 -8.84
N LYS A 294 1.76 17.60 -9.20
CA LYS A 294 1.94 16.53 -10.14
C LYS A 294 2.58 17.12 -11.40
N GLY A 295 3.57 16.40 -11.94
CA GLY A 295 4.18 16.76 -13.18
C GLY A 295 3.23 16.57 -14.34
N ALA A 296 3.37 17.46 -15.34
CA ALA A 296 2.73 17.31 -16.63
C ALA A 296 3.58 17.98 -17.70
N TYR A 297 3.29 17.66 -18.96
CA TYR A 297 3.97 18.23 -20.06
C TYR A 297 2.93 18.51 -21.15
N PHE A 298 2.60 19.79 -21.35
CA PHE A 298 1.61 20.19 -22.33
C PHE A 298 2.23 21.21 -23.29
N LEU A 299 1.88 21.06 -24.58
CA LEU A 299 2.24 22.01 -25.61
C LEU A 299 0.99 22.81 -26.00
N ASN A 300 1.17 24.10 -26.19
CA ASN A 300 0.12 24.99 -26.63
C ASN A 300 0.59 25.71 -27.89
N THR A 301 -0.18 25.56 -28.97
CA THR A 301 0.09 26.30 -30.21
C THR A 301 -1.25 26.70 -30.83
N VAL A 302 -1.18 27.72 -31.69
CA VAL A 302 -2.29 28.21 -32.50
C VAL A 302 -1.93 27.93 -33.95
N MET A 303 -2.88 27.38 -34.71
CA MET A 303 -2.68 27.00 -36.10
C MET A 303 -3.97 27.27 -36.86
N THR A 304 -3.84 27.44 -38.18
CA THR A 304 -4.92 27.46 -39.12
C THR A 304 -4.89 26.13 -39.86
N LEU A 305 -5.93 25.31 -39.67
CA LEU A 305 -5.98 24.03 -40.28
C LEU A 305 -6.96 24.09 -41.45
N GLU A 306 -6.39 24.11 -42.66
CA GLU A 306 -7.13 24.19 -43.90
C GLU A 306 -7.95 22.91 -44.09
N ALA A 307 -8.98 23.00 -44.93
CA ALA A 307 -9.80 21.87 -45.34
C ALA A 307 -8.92 20.79 -45.91
N ASN A 308 -9.26 19.53 -45.64
CA ASN A 308 -8.64 18.37 -46.25
C ASN A 308 -7.13 18.37 -46.00
N THR A 309 -6.70 18.75 -44.79
CA THR A 309 -5.27 18.77 -44.42
C THR A 309 -5.11 18.16 -43.02
N GLN A 310 -3.87 17.87 -42.64
CA GLN A 310 -3.57 17.16 -41.43
C GLN A 310 -2.29 17.72 -40.82
N LYS A 311 -2.26 17.90 -39.50
CA LYS A 311 -1.08 18.34 -38.77
C LYS A 311 -0.60 17.21 -37.84
N GLU A 312 0.72 17.05 -37.75
CA GLU A 312 1.37 15.97 -37.02
C GLU A 312 2.38 16.54 -36.02
N TRP A 313 2.55 15.86 -34.88
CA TRP A 313 3.63 16.17 -33.93
C TRP A 313 3.90 14.94 -33.05
N MET A 314 5.01 14.96 -32.29
CA MET A 314 5.26 13.90 -31.37
C MET A 314 5.80 14.43 -30.04
N ILE A 315 5.49 13.66 -29.01
CA ILE A 315 6.04 13.83 -27.68
C ILE A 315 6.85 12.58 -27.36
N ILE A 316 8.05 12.79 -26.82
CA ILE A 316 8.94 11.74 -26.41
C ILE A 316 9.10 11.85 -24.88
N ALA A 317 9.03 10.70 -24.18
CA ALA A 317 9.23 10.69 -22.75
C ALA A 317 10.12 9.50 -22.36
N ASN A 318 11.00 9.71 -21.37
CA ASN A 318 11.92 8.68 -20.95
C ASN A 318 12.15 8.77 -19.45
N VAL A 319 12.64 7.66 -18.88
CA VAL A 319 12.83 7.55 -17.45
C VAL A 319 14.32 7.44 -17.12
N ASN A 320 14.65 7.71 -15.86
CA ASN A 320 15.94 7.39 -15.29
C ASN A 320 17.06 8.14 -16.00
N GLN A 321 16.91 9.46 -16.15
CA GLN A 321 17.86 10.31 -16.89
C GLN A 321 18.74 11.08 -15.93
N ASP A 322 20.07 11.01 -16.11
CA ASP A 322 21.01 11.84 -15.32
C ASP A 322 21.33 13.13 -16.10
N HIS A 323 22.16 14.00 -15.51
CA HIS A 323 22.48 15.33 -16.08
C HIS A 323 23.04 15.17 -17.51
N SER A 324 23.96 14.22 -17.70
CA SER A 324 24.57 13.95 -18.97
C SER A 324 23.52 13.52 -20.01
N ASP A 325 22.64 12.59 -19.65
CA ASP A 325 21.58 12.16 -20.54
C ASP A 325 20.72 13.34 -21.01
N ILE A 326 20.41 14.26 -20.09
CA ILE A 326 19.50 15.36 -20.39
C ILE A 326 20.20 16.35 -21.34
N ILE A 327 21.50 16.60 -21.11
CA ILE A 327 22.24 17.56 -21.93
C ILE A 327 22.35 17.04 -23.37
N ALA A 328 22.51 15.73 -23.52
CA ALA A 328 22.63 15.08 -24.82
C ALA A 328 21.33 15.31 -25.61
N ILE A 329 20.16 15.12 -24.96
CA ILE A 329 18.88 15.40 -25.61
C ILE A 329 18.75 16.91 -25.92
N THR A 330 19.10 17.78 -24.98
CA THR A 330 18.93 19.24 -25.24
C THR A 330 19.79 19.65 -26.44
N GLU A 331 20.99 19.08 -26.55
CA GLU A 331 21.89 19.38 -27.65
C GLU A 331 21.29 18.86 -28.97
N THR A 332 20.75 17.66 -28.94
CA THR A 332 20.15 17.00 -30.10
C THR A 332 18.98 17.86 -30.62
N ILE A 333 18.12 18.31 -29.71
CA ILE A 333 16.95 19.09 -30.08
C ILE A 333 17.42 20.35 -30.83
N GLN A 334 18.50 20.97 -30.35
CA GLN A 334 18.97 22.24 -30.87
C GLN A 334 19.79 22.07 -32.16
N ASN A 335 20.55 20.97 -32.32
CA ASN A 335 21.54 20.85 -33.41
C ASN A 335 21.24 19.74 -34.41
N ASN A 336 20.43 18.73 -34.08
CA ASN A 336 20.27 17.55 -34.96
C ASN A 336 18.99 17.72 -35.78
N LYS A 337 19.18 18.12 -37.04
CA LYS A 337 18.14 18.44 -38.02
C LYS A 337 17.31 17.18 -38.35
N LYS A 338 17.91 15.99 -38.22
CA LYS A 338 17.24 14.75 -38.58
C LYS A 338 16.73 13.98 -37.34
N ILE A 339 16.46 14.66 -36.21
CA ILE A 339 16.12 13.98 -34.97
C ILE A 339 14.78 13.23 -35.10
N ALA A 340 13.79 13.80 -35.80
CA ALA A 340 12.51 13.10 -36.03
C ALA A 340 12.75 11.76 -36.74
N GLU A 341 13.56 11.80 -37.80
CA GLU A 341 13.88 10.60 -38.56
C GLU A 341 14.61 9.57 -37.66
N ASP A 342 15.56 10.03 -36.82
CA ASP A 342 16.31 9.13 -35.94
C ASP A 342 15.36 8.42 -34.95
N ILE A 343 14.36 9.15 -34.42
CA ILE A 343 13.35 8.57 -33.52
C ILE A 343 12.55 7.49 -34.27
N ASN A 344 12.04 7.81 -35.46
CA ASN A 344 11.24 6.87 -36.28
C ASN A 344 12.09 5.65 -36.65
N THR A 345 13.36 5.86 -37.01
CA THR A 345 14.26 4.75 -37.30
C THR A 345 14.35 3.81 -36.09
N ASP A 346 14.51 4.37 -34.87
CA ASP A 346 14.68 3.54 -33.66
C ASP A 346 13.39 2.80 -33.31
N ILE A 347 12.22 3.40 -33.57
CA ILE A 347 10.94 2.72 -33.39
C ILE A 347 10.90 1.47 -34.28
N GLU A 348 11.20 1.64 -35.58
CA GLU A 348 11.15 0.53 -36.54
C GLU A 348 12.23 -0.52 -36.21
N LEU A 349 13.40 -0.10 -35.71
CA LEU A 349 14.42 -1.06 -35.26
C LEU A 349 13.82 -1.96 -34.17
N GLY A 350 13.01 -1.36 -33.30
CA GLY A 350 12.31 -2.05 -32.21
C GLY A 350 11.43 -3.16 -32.74
N THR A 351 10.60 -2.84 -33.73
CA THR A 351 9.77 -3.80 -34.38
C THR A 351 10.62 -4.94 -35.02
N LYS A 352 11.66 -4.55 -35.72
CA LYS A 352 12.50 -5.51 -36.41
C LYS A 352 13.12 -6.49 -35.40
N ARG A 353 13.65 -5.99 -34.28
CA ARG A 353 14.25 -6.85 -33.25
C ARG A 353 13.18 -7.74 -32.61
N LEU A 354 11.97 -7.20 -32.39
CA LEU A 354 10.88 -8.00 -31.86
C LEU A 354 10.60 -9.21 -32.76
N ILE A 355 10.51 -8.94 -34.07
CA ILE A 355 10.27 -9.95 -35.09
C ILE A 355 11.41 -10.98 -35.07
N GLU A 356 12.65 -10.52 -34.97
CA GLU A 356 13.78 -11.46 -34.99
C GLU A 356 13.71 -12.41 -33.79
N LEU A 357 13.39 -11.87 -32.60
CA LEU A 357 13.28 -12.71 -31.40
C LEU A 357 12.20 -13.78 -31.61
N ASN A 358 11.01 -13.31 -32.01
CA ASN A 358 9.81 -14.14 -32.09
C ASN A 358 9.95 -15.16 -33.23
N ALA A 359 10.51 -14.72 -34.35
CA ALA A 359 10.66 -15.56 -35.54
C ALA A 359 11.58 -16.74 -35.23
N SER A 360 12.54 -16.56 -34.32
CA SER A 360 13.49 -17.61 -33.97
C SER A 360 12.76 -18.74 -33.24
N SER A 361 11.56 -18.46 -32.69
CA SER A 361 10.72 -19.47 -32.09
C SER A 361 9.48 -19.79 -32.95
N ASP A 362 9.60 -19.65 -34.26
CA ASP A 362 8.60 -20.11 -35.24
C ASP A 362 7.29 -19.34 -35.12
N ALA A 363 7.38 -18.04 -34.86
CA ALA A 363 6.22 -17.18 -34.68
C ALA A 363 5.51 -16.89 -36.02
N LEU A 364 6.23 -16.97 -37.14
CA LEU A 364 5.70 -16.36 -38.42
C LEU A 364 4.98 -17.44 -39.24
N GLN A 365 3.69 -17.18 -39.48
CA GLN A 365 2.81 -18.00 -40.31
C GLN A 365 2.02 -17.06 -41.24
N LEU A 366 1.66 -17.56 -42.42
CA LEU A 366 0.82 -16.83 -43.36
C LEU A 366 -0.17 -17.82 -43.97
N THR A 367 -1.43 -17.68 -43.57
CA THR A 367 -2.56 -18.50 -43.99
C THR A 367 -3.63 -17.57 -44.55
N ALA A 368 -4.79 -18.14 -44.91
CA ALA A 368 -5.92 -17.32 -45.38
C ALA A 368 -6.53 -16.53 -44.22
N ASP A 369 -6.14 -16.82 -42.98
CA ASP A 369 -6.79 -16.16 -41.84
C ASP A 369 -5.77 -15.46 -40.93
N ASN A 370 -5.70 -14.14 -41.06
CA ASN A 370 -4.77 -13.32 -40.35
C ASN A 370 -5.04 -13.34 -38.84
N LEU A 371 -6.28 -13.60 -38.40
CA LEU A 371 -6.58 -13.71 -36.95
C LEU A 371 -5.78 -14.87 -36.34
N ARG A 372 -5.76 -16.02 -37.03
CA ARG A 372 -5.03 -17.19 -36.58
C ARG A 372 -3.53 -16.87 -36.59
N ASP A 373 -3.08 -16.23 -37.68
CA ASP A 373 -1.64 -15.92 -37.85
C ASP A 373 -1.20 -14.96 -36.75
N THR A 374 -2.08 -13.99 -36.41
CA THR A 374 -1.74 -12.99 -35.41
C THR A 374 -1.71 -13.62 -34.00
N ARG A 375 -2.70 -14.47 -33.72
CA ARG A 375 -2.79 -15.15 -32.43
C ARG A 375 -1.55 -16.03 -32.20
N HIS A 376 -1.11 -16.74 -33.25
CA HIS A 376 0.12 -17.57 -33.15
C HIS A 376 1.32 -16.68 -32.83
N PHE A 377 1.35 -15.50 -33.45
CA PHE A 377 2.45 -14.56 -33.20
C PHE A 377 2.47 -14.16 -31.72
N SER A 378 1.32 -13.74 -31.20
CA SER A 378 1.25 -13.26 -29.84
C SER A 378 1.43 -14.42 -28.84
N ASN A 379 0.91 -15.59 -29.16
CA ASN A 379 1.12 -16.79 -28.33
C ASN A 379 2.63 -17.02 -28.13
N THR A 380 3.37 -16.98 -29.23
CA THR A 380 4.79 -17.30 -29.21
C THR A 380 5.50 -16.21 -28.43
N LEU A 381 5.07 -14.95 -28.64
CA LEU A 381 5.75 -13.83 -27.93
C LEU A 381 5.56 -13.98 -26.41
N PHE A 382 4.33 -14.24 -25.99
CA PHE A 382 4.07 -14.37 -24.55
C PHE A 382 4.76 -15.62 -23.97
N ASN A 383 5.06 -16.62 -24.83
CA ASN A 383 5.80 -17.80 -24.39
C ASN A 383 7.26 -17.44 -24.13
N ILE A 384 7.88 -16.70 -25.07
CA ILE A 384 9.31 -16.41 -24.94
C ILE A 384 9.52 -15.27 -23.95
N MET A 385 8.51 -14.40 -23.77
CA MET A 385 8.62 -13.36 -22.75
C MET A 385 8.73 -14.00 -21.36
N ARG A 386 7.97 -15.08 -21.12
CA ARG A 386 7.92 -15.69 -19.78
C ARG A 386 9.05 -16.71 -19.56
N GLY A 387 9.37 -17.53 -20.56
CA GLY A 387 10.37 -18.61 -20.43
C GLY A 387 11.72 -18.28 -21.05
N GLY A 388 11.77 -17.25 -21.89
CA GLY A 388 13.00 -16.87 -22.57
C GLY A 388 13.09 -17.43 -23.98
N ILE A 389 14.07 -16.90 -24.74
CA ILE A 389 14.44 -17.32 -26.10
C ILE A 389 15.97 -17.45 -26.12
N PHE A 390 16.47 -18.41 -26.88
CA PHE A 390 17.89 -18.58 -27.02
C PHE A 390 18.49 -17.38 -27.75
N ASP A 391 19.72 -17.07 -27.35
CA ASP A 391 20.45 -15.87 -27.80
C ASP A 391 20.62 -15.89 -29.33
N ASN A 392 21.16 -17.00 -29.85
CA ASN A 392 21.59 -17.10 -31.25
C ASN A 392 21.73 -18.59 -31.62
N ASN A 393 20.63 -19.19 -32.05
CA ASN A 393 20.63 -20.59 -32.47
C ASN A 393 21.28 -21.43 -31.34
N TYR A 394 22.31 -22.20 -31.66
CA TYR A 394 23.04 -23.02 -30.71
C TYR A 394 24.42 -22.45 -30.36
N GLN A 395 24.59 -21.13 -30.53
CA GLN A 395 25.86 -20.45 -30.32
C GLN A 395 25.97 -19.99 -28.86
N ILE A 396 27.19 -20.10 -28.33
CA ILE A 396 27.52 -19.80 -26.94
C ILE A 396 28.75 -18.89 -26.95
N GLU A 397 28.75 -17.89 -26.05
CA GLU A 397 29.90 -16.99 -25.88
C GLU A 397 30.78 -17.50 -24.72
N LYS A 398 32.10 -17.49 -24.93
CA LYS A 398 33.05 -18.02 -23.96
C LYS A 398 32.95 -17.28 -22.63
N GLY A 399 32.77 -15.95 -22.66
CA GLY A 399 32.79 -15.13 -21.48
C GLY A 399 31.66 -15.44 -20.53
N ASP A 400 30.44 -15.45 -21.05
CA ASP A 400 29.23 -15.82 -20.30
C ASP A 400 29.36 -17.24 -19.76
N PHE A 401 29.80 -18.16 -20.62
CA PHE A 401 29.91 -19.54 -20.26
C PHE A 401 30.92 -19.71 -19.12
N SER A 402 32.04 -18.99 -19.21
CA SER A 402 33.13 -19.09 -18.27
C SER A 402 32.69 -18.55 -16.91
N ASN A 403 31.97 -17.41 -16.91
CA ASN A 403 31.41 -16.83 -15.70
C ASN A 403 30.41 -17.78 -15.06
N TYR A 404 29.62 -18.48 -15.87
CA TYR A 404 28.62 -19.43 -15.38
C TYR A 404 29.31 -20.61 -14.67
N ILE A 405 30.37 -21.15 -15.25
CA ILE A 405 31.12 -22.24 -14.64
C ILE A 405 31.73 -21.76 -13.31
N LYS A 406 32.26 -20.52 -13.32
CA LYS A 406 32.89 -19.93 -12.16
C LYS A 406 31.92 -19.93 -10.97
N LYS A 407 30.68 -19.48 -11.20
CA LYS A 407 29.63 -19.38 -10.15
C LYS A 407 29.15 -20.77 -9.72
N ALA A 408 29.14 -21.72 -10.66
CA ALA A 408 28.61 -23.06 -10.42
C ALA A 408 29.55 -23.89 -9.51
N ASN A 409 30.84 -23.97 -9.87
CA ASN A 409 31.76 -24.90 -9.22
C ASN A 409 33.21 -24.41 -9.40
N LYS A 410 33.77 -23.83 -8.33
CA LYS A 410 35.11 -23.20 -8.36
C LYS A 410 36.19 -24.26 -8.61
N LEU A 411 36.02 -25.45 -8.05
CA LEU A 411 36.94 -26.55 -8.30
C LEU A 411 36.98 -26.86 -9.81
N VAL A 412 35.81 -27.01 -10.42
CA VAL A 412 35.71 -27.32 -11.83
C VAL A 412 36.32 -26.17 -12.65
N PHE A 413 36.03 -24.93 -12.27
CA PHE A 413 36.47 -23.76 -13.02
C PHE A 413 38.01 -23.66 -13.01
N ASP A 414 38.63 -23.97 -11.87
CA ASP A 414 40.07 -23.93 -11.70
C ASP A 414 40.71 -25.03 -12.57
N LYS A 415 40.06 -26.18 -12.65
CA LYS A 415 40.62 -27.40 -13.24
C LYS A 415 40.49 -27.40 -14.78
N ILE A 416 39.42 -26.82 -15.32
CA ILE A 416 39.10 -26.92 -16.73
C ILE A 416 39.68 -25.71 -17.47
N ASP A 417 40.49 -25.99 -18.49
CA ASP A 417 41.13 -25.00 -19.35
C ASP A 417 40.30 -24.83 -20.62
N LEU A 418 39.66 -23.68 -20.79
CA LEU A 418 38.71 -23.44 -21.88
C LEU A 418 39.41 -22.84 -23.12
N ASN A 419 40.75 -22.85 -23.14
CA ASN A 419 41.56 -22.22 -24.21
C ASN A 419 41.24 -22.80 -25.58
N ALA A 420 41.06 -24.13 -25.65
CA ALA A 420 40.81 -24.84 -26.90
C ALA A 420 39.52 -24.36 -27.58
N LEU A 421 38.57 -23.80 -26.82
CA LEU A 421 37.33 -23.24 -27.37
C LEU A 421 37.58 -21.79 -27.82
N GLY A 422 36.93 -21.40 -28.91
CA GLY A 422 37.01 -20.02 -29.41
C GLY A 422 36.17 -19.08 -28.56
N GLU A 423 36.20 -17.79 -28.91
CA GLU A 423 35.41 -16.77 -28.28
C GLU A 423 33.93 -17.09 -28.42
N ILE A 424 33.56 -17.74 -29.53
CA ILE A 424 32.19 -18.19 -29.79
C ILE A 424 32.28 -19.64 -30.28
N PHE A 425 31.37 -20.50 -29.80
CA PHE A 425 31.38 -21.91 -30.14
C PHE A 425 29.95 -22.44 -30.06
N SER A 426 29.73 -23.60 -30.68
CA SER A 426 28.38 -24.21 -30.76
C SER A 426 28.17 -25.16 -29.56
N LEU A 427 26.91 -25.57 -29.38
CA LEU A 427 26.50 -26.64 -28.47
C LEU A 427 27.25 -27.93 -28.83
N ASN A 428 27.38 -28.24 -30.13
CA ASN A 428 28.18 -29.41 -30.57
C ASN A 428 29.65 -29.27 -30.15
N ASP A 429 30.26 -28.12 -30.40
CA ASP A 429 31.66 -27.84 -29.98
C ASP A 429 31.81 -28.04 -28.46
N LEU A 430 30.81 -27.61 -27.67
CA LEU A 430 30.89 -27.76 -26.22
C LEU A 430 30.82 -29.24 -25.80
N ASN A 431 29.90 -30.00 -26.39
N ASN A 431 29.89 -30.00 -26.39
CA ASN A 431 29.77 -31.46 -26.16
CA ASN A 431 29.76 -31.46 -26.14
C ASN A 431 31.10 -32.16 -26.46
C ASN A 431 31.10 -32.16 -26.46
N GLU A 432 31.72 -31.83 -27.60
CA GLU A 432 33.00 -32.46 -28.00
C GLU A 432 34.10 -32.08 -27.00
N PHE A 433 34.17 -30.80 -26.62
CA PHE A 433 35.15 -30.33 -25.65
C PHE A 433 34.97 -31.07 -24.31
N ALA A 434 33.72 -31.18 -23.85
CA ALA A 434 33.36 -31.80 -22.58
C ALA A 434 33.77 -33.27 -22.56
N SER A 435 33.51 -33.97 -23.67
CA SER A 435 33.80 -35.40 -23.83
C SER A 435 35.29 -35.68 -23.62
N LYS A 436 36.16 -34.67 -23.74
CA LYS A 436 37.61 -34.84 -23.60
C LYS A 436 38.12 -34.57 -22.17
N GLN A 437 37.33 -33.88 -21.33
CA GLN A 437 37.81 -33.39 -20.03
C GLN A 437 37.71 -34.48 -18.94
N LYS A 438 36.93 -35.53 -19.18
CA LYS A 438 36.75 -36.68 -18.24
C LYS A 438 36.35 -36.20 -16.84
N ASP A 439 35.48 -35.20 -16.75
CA ASP A 439 35.01 -34.64 -15.49
C ASP A 439 33.47 -34.58 -15.50
N VAL A 440 32.81 -35.38 -14.65
CA VAL A 440 31.33 -35.52 -14.66
C VAL A 440 30.65 -34.23 -14.20
N ASP A 441 31.30 -33.45 -13.34
CA ASP A 441 30.68 -32.21 -12.90
C ASP A 441 30.69 -31.19 -14.03
N PHE A 442 31.79 -31.13 -14.82
CA PHE A 442 31.83 -30.26 -16.00
C PHE A 442 30.79 -30.72 -17.02
N ASP A 443 30.69 -32.05 -17.25
CA ASP A 443 29.68 -32.61 -18.16
C ASP A 443 28.28 -32.07 -17.83
N ARG A 444 27.93 -32.11 -16.55
CA ARG A 444 26.63 -31.69 -16.06
C ARG A 444 26.45 -30.19 -16.28
N LEU A 445 27.45 -29.39 -15.87
CA LEU A 445 27.32 -27.95 -15.96
C LEU A 445 27.29 -27.49 -17.43
N ALA A 446 28.06 -28.17 -18.28
CA ALA A 446 28.11 -27.85 -19.72
C ALA A 446 26.76 -28.16 -20.38
N LEU A 447 26.17 -29.30 -20.04
CA LEU A 447 24.90 -29.75 -20.53
C LEU A 447 23.77 -28.86 -20.01
N GLU A 448 23.86 -28.43 -18.74
CA GLU A 448 22.77 -27.65 -18.12
C GLU A 448 22.70 -26.22 -18.66
N TYR A 449 23.78 -25.73 -19.29
CA TYR A 449 23.87 -24.33 -19.72
C TYR A 449 22.82 -24.04 -20.81
N LEU A 450 22.01 -23.02 -20.55
CA LEU A 450 20.96 -22.54 -21.44
C LEU A 450 21.16 -21.04 -21.67
N PRO A 451 21.61 -20.63 -22.88
CA PRO A 451 21.86 -19.22 -23.18
C PRO A 451 20.58 -18.45 -23.52
N LEU A 452 19.65 -18.39 -22.56
CA LEU A 452 18.35 -17.76 -22.68
C LEU A 452 18.44 -16.29 -22.30
N LYS A 453 17.61 -15.50 -23.00
CA LYS A 453 17.44 -14.08 -22.76
C LYS A 453 15.96 -13.73 -22.97
N PHE A 454 15.58 -12.53 -22.52
CA PHE A 454 14.27 -11.91 -22.74
C PHE A 454 13.21 -12.38 -21.72
N SER A 455 13.49 -13.38 -20.87
CA SER A 455 12.51 -13.80 -19.84
C SER A 455 12.32 -12.70 -18.79
N ARG A 456 11.11 -12.62 -18.24
CA ARG A 456 10.78 -11.77 -17.09
C ARG A 456 9.58 -12.38 -16.37
N ARG A 457 9.41 -12.07 -15.08
CA ARG A 457 8.27 -12.56 -14.29
C ARG A 457 6.97 -11.88 -14.76
N HIS A 458 5.84 -12.62 -14.69
CA HIS A 458 4.55 -12.11 -15.21
C HIS A 458 3.76 -11.37 -14.13
N GLY A 459 4.31 -10.25 -13.69
CA GLY A 459 3.58 -9.29 -12.90
C GLY A 459 3.09 -8.12 -13.74
N ASP A 460 1.96 -7.53 -13.32
CA ASP A 460 1.37 -6.41 -13.96
C ASP A 460 0.21 -5.92 -13.09
N PRO A 461 -0.45 -4.79 -13.44
CA PRO A 461 -1.57 -4.27 -12.65
C PRO A 461 -2.76 -5.22 -12.44
N SER A 462 -2.93 -6.21 -13.33
CA SER A 462 -3.95 -7.24 -13.20
C SER A 462 -3.44 -8.46 -12.46
N ARG A 463 -2.13 -8.50 -12.18
CA ARG A 463 -1.50 -9.57 -11.37
C ARG A 463 -0.60 -8.89 -10.35
N PRO A 464 -1.14 -7.97 -9.52
CA PRO A 464 -0.32 -7.09 -8.71
C PRO A 464 0.45 -7.81 -7.58
N TRP A 465 0.08 -9.05 -7.27
CA TRP A 465 0.84 -9.88 -6.29
C TRP A 465 2.17 -10.37 -6.87
N ASN A 466 2.38 -10.29 -8.20
CA ASN A 466 3.64 -10.69 -8.80
C ASN A 466 4.49 -9.44 -9.10
N LYS A 467 5.70 -9.39 -8.53
CA LYS A 467 6.71 -8.38 -8.85
C LYS A 467 7.29 -8.74 -10.24
N PHE A 468 7.47 -7.73 -11.08
CA PHE A 468 8.09 -7.98 -12.38
C PHE A 468 9.31 -7.08 -12.47
N SER A 469 10.29 -7.51 -13.25
CA SER A 469 11.38 -6.70 -13.66
C SER A 469 11.92 -7.23 -14.99
N ILE A 470 12.05 -6.34 -15.99
CA ILE A 470 12.53 -6.70 -17.30
C ILE A 470 14.01 -6.36 -17.32
N ASN A 471 14.84 -7.37 -17.05
CA ASN A 471 16.26 -7.14 -16.73
C ASN A 471 17.08 -7.59 -17.93
N THR A 472 16.72 -7.07 -19.10
CA THR A 472 17.21 -7.55 -20.38
C THR A 472 18.35 -6.69 -20.92
N GLN A 473 18.67 -5.58 -20.27
CA GLN A 473 19.77 -4.68 -20.69
C GLN A 473 20.64 -4.39 -19.48
N SER A 474 21.95 -4.53 -19.59
CA SER A 474 22.82 -4.31 -18.45
C SER A 474 22.68 -2.86 -17.98
N GLU A 475 22.67 -2.64 -16.66
CA GLU A 475 22.62 -1.29 -16.07
C GLU A 475 23.90 -0.51 -16.44
N ILE A 476 24.99 -1.22 -16.81
CA ILE A 476 26.30 -0.59 -17.08
C ILE A 476 26.37 -0.04 -18.51
N ASP A 477 25.98 -0.83 -19.53
CA ASP A 477 26.15 -0.37 -20.94
C ASP A 477 24.98 -0.75 -21.85
N GLY A 478 23.89 -1.30 -21.29
CA GLY A 478 22.69 -1.63 -22.07
C GLY A 478 22.86 -2.86 -22.97
N SER A 479 23.96 -3.62 -22.83
CA SER A 479 24.16 -4.87 -23.62
C SER A 479 23.15 -5.94 -23.18
N LYS A 480 23.02 -7.00 -23.99
CA LYS A 480 22.07 -8.07 -23.72
C LYS A 480 22.49 -8.75 -22.41
N VAL A 481 21.51 -9.32 -21.73
CA VAL A 481 21.69 -10.06 -20.52
C VAL A 481 21.21 -11.48 -20.79
N LEU A 482 22.08 -12.44 -20.57
CA LEU A 482 21.75 -13.84 -20.65
C LEU A 482 21.53 -14.35 -19.22
N ASP A 483 20.26 -14.46 -18.84
CA ASP A 483 19.84 -14.90 -17.52
C ASP A 483 18.38 -15.33 -17.62
N TYR A 484 17.94 -16.08 -16.61
CA TYR A 484 16.58 -16.48 -16.53
C TYR A 484 16.24 -16.86 -15.08
N GLU A 485 14.96 -16.72 -14.75
CA GLU A 485 14.41 -17.23 -13.54
C GLU A 485 12.91 -17.39 -13.74
N GLY A 486 12.37 -18.43 -13.07
CA GLY A 486 10.94 -18.70 -13.15
C GLY A 486 10.51 -19.72 -12.12
N ASN A 487 9.22 -19.68 -11.81
CA ASN A 487 8.61 -20.70 -11.00
C ASN A 487 8.63 -22.01 -11.79
N TRP A 488 8.85 -23.12 -11.06
CA TRP A 488 9.06 -24.46 -11.59
C TRP A 488 8.11 -24.78 -12.74
N ARG A 489 6.81 -24.84 -12.46
CA ARG A 489 5.78 -25.24 -13.40
C ARG A 489 5.71 -24.27 -14.61
N ASP A 490 5.82 -22.98 -14.34
CA ASP A 490 5.62 -21.94 -15.38
C ASP A 490 6.72 -22.05 -16.44
N ILE A 491 7.98 -22.16 -15.98
CA ILE A 491 9.07 -22.14 -16.88
C ILE A 491 9.22 -23.49 -17.61
N PHE A 492 9.08 -24.63 -16.91
CA PHE A 492 9.22 -25.92 -17.60
C PHE A 492 8.07 -26.09 -18.62
N GLN A 493 6.90 -25.50 -18.36
CA GLN A 493 5.80 -25.48 -19.32
C GLN A 493 6.21 -24.67 -20.58
N ASN A 494 6.72 -23.45 -20.38
CA ASN A 494 7.10 -22.58 -21.49
C ASN A 494 8.14 -23.30 -22.37
N TRP A 495 9.10 -23.95 -21.72
CA TRP A 495 10.24 -24.56 -22.38
C TRP A 495 9.83 -25.75 -23.26
N GLU A 496 8.74 -26.42 -22.93
CA GLU A 496 8.26 -27.52 -23.76
C GLU A 496 7.98 -26.98 -25.18
N ALA A 497 7.27 -25.87 -25.27
CA ALA A 497 6.97 -25.24 -26.61
C ALA A 497 8.27 -24.76 -27.25
N LEU A 498 9.10 -24.07 -26.47
CA LEU A 498 10.39 -23.50 -26.95
C LEU A 498 11.28 -24.58 -27.57
N ALA A 499 11.30 -25.76 -26.94
CA ALA A 499 12.17 -26.87 -27.40
C ALA A 499 11.88 -27.28 -28.85
N HIS A 500 10.62 -27.17 -29.26
CA HIS A 500 10.22 -27.51 -30.62
C HIS A 500 11.02 -26.76 -31.67
N SER A 501 11.36 -25.49 -31.38
CA SER A 501 12.07 -24.65 -32.30
C SER A 501 13.59 -24.81 -32.16
N PHE A 502 14.03 -25.38 -31.03
CA PHE A 502 15.47 -25.63 -30.79
C PHE A 502 15.65 -27.02 -30.19
N PRO A 503 15.38 -28.12 -30.95
CA PRO A 503 15.30 -29.45 -30.35
C PRO A 503 16.56 -29.97 -29.65
N ASN A 504 17.74 -29.51 -30.07
CA ASN A 504 19.02 -30.02 -29.58
C ASN A 504 19.28 -29.50 -28.16
N PHE A 505 18.49 -28.54 -27.66
CA PHE A 505 18.58 -28.13 -26.26
C PHE A 505 17.72 -29.01 -25.34
N ILE A 506 17.05 -30.06 -25.87
CA ILE A 506 16.17 -30.83 -24.98
C ILE A 506 16.97 -31.50 -23.85
N ASP A 507 18.15 -32.05 -24.16
N ASP A 507 18.15 -32.05 -24.16
CA ASP A 507 18.97 -32.76 -23.19
CA ASP A 507 18.97 -32.76 -23.18
C ASP A 507 19.30 -31.81 -22.03
C ASP A 507 19.30 -31.81 -22.02
N SER A 508 19.69 -30.57 -22.36
CA SER A 508 19.95 -29.51 -21.40
C SER A 508 18.78 -29.32 -20.43
N MET A 509 17.56 -29.26 -20.97
CA MET A 509 16.41 -29.00 -20.15
C MET A 509 16.12 -30.20 -19.23
N ILE A 510 16.30 -31.41 -19.74
CA ILE A 510 16.04 -32.62 -18.97
C ILE A 510 16.99 -32.69 -17.77
N HIS A 511 18.28 -32.42 -18.00
CA HIS A 511 19.29 -32.46 -16.95
C HIS A 511 19.04 -31.35 -15.93
N LYS A 512 18.73 -30.14 -16.39
CA LYS A 512 18.35 -29.04 -15.52
C LYS A 512 17.23 -29.48 -14.55
N PHE A 513 16.17 -30.07 -15.11
CA PHE A 513 15.02 -30.58 -14.36
C PHE A 513 15.42 -31.67 -13.36
N LEU A 514 16.02 -32.75 -13.87
CA LEU A 514 16.34 -33.89 -13.04
C LEU A 514 17.28 -33.46 -11.90
N ASN A 515 18.32 -32.70 -12.22
CA ASN A 515 19.38 -32.39 -11.32
C ASN A 515 18.93 -31.36 -10.28
N ALA A 516 17.81 -30.67 -10.53
CA ALA A 516 17.23 -29.77 -9.55
C ALA A 516 16.15 -30.48 -8.73
N SER A 517 16.02 -31.80 -8.86
CA SER A 517 15.06 -32.57 -8.09
C SER A 517 15.77 -33.19 -6.87
N THR A 518 15.02 -33.34 -5.77
CA THR A 518 15.51 -33.85 -4.49
C THR A 518 15.50 -35.38 -4.46
N PHE A 519 16.25 -35.95 -3.52
CA PHE A 519 16.36 -37.39 -3.39
C PHE A 519 15.00 -38.02 -3.02
N ASP A 520 14.16 -37.26 -2.31
CA ASP A 520 12.87 -37.75 -1.84
C ASP A 520 11.77 -37.43 -2.88
N GLY A 521 12.16 -36.94 -4.07
CA GLY A 521 11.32 -37.02 -5.28
C GLY A 521 10.54 -35.75 -5.56
N TYR A 522 11.03 -34.61 -5.07
CA TYR A 522 10.34 -33.31 -5.23
C TYR A 522 11.34 -32.28 -5.81
N ASN A 523 11.05 -31.00 -5.63
CA ASN A 523 11.90 -29.96 -6.20
C ASN A 523 11.63 -28.62 -5.51
N PRO A 524 12.59 -27.68 -5.62
CA PRO A 524 12.41 -26.32 -5.15
C PRO A 524 11.44 -25.54 -6.03
N TYR A 525 11.00 -24.39 -5.53
CA TYR A 525 9.91 -23.69 -6.17
C TYR A 525 10.33 -22.91 -7.42
N ARG A 526 11.64 -22.60 -7.56
CA ARG A 526 12.11 -21.71 -8.63
C ARG A 526 13.44 -22.20 -9.22
N VAL A 527 13.61 -22.05 -10.54
CA VAL A 527 14.88 -22.29 -11.17
C VAL A 527 15.43 -20.99 -11.76
N THR A 528 16.78 -20.97 -11.85
CA THR A 528 17.54 -19.81 -12.33
C THR A 528 18.71 -20.35 -13.12
N LYS A 529 19.34 -19.47 -13.91
CA LYS A 529 20.60 -19.81 -14.57
C LYS A 529 21.64 -20.24 -13.53
N GLU A 530 21.71 -19.52 -12.40
CA GLU A 530 22.69 -19.83 -11.34
C GLU A 530 22.40 -21.24 -10.77
N GLY A 531 21.12 -21.60 -10.65
CA GLY A 531 20.76 -22.91 -10.11
C GLY A 531 19.29 -22.99 -9.75
N PHE A 532 18.98 -22.86 -8.45
CA PHE A 532 17.60 -22.94 -8.00
C PHE A 532 17.46 -22.20 -6.65
N ASP A 533 16.22 -21.84 -6.33
CA ASP A 533 15.86 -21.21 -5.07
C ASP A 533 14.71 -22.02 -4.45
N TRP A 534 14.74 -22.18 -3.12
CA TRP A 534 13.66 -22.80 -2.37
C TRP A 534 12.99 -21.74 -1.51
N GLU A 535 11.71 -21.92 -1.16
CA GLU A 535 11.05 -21.02 -0.24
C GLU A 535 11.58 -21.29 1.16
N THR A 536 11.60 -20.22 1.97
CA THR A 536 12.00 -20.20 3.39
C THR A 536 10.82 -19.71 4.23
N ILE A 537 10.94 -19.85 5.55
CA ILE A 537 9.90 -19.52 6.48
C ILE A 537 10.20 -18.14 7.10
N GLU A 538 9.17 -17.28 7.14
CA GLU A 538 9.18 -15.95 7.78
C GLU A 538 9.09 -16.11 9.30
N PRO A 542 4.63 -16.98 12.22
CA PRO A 542 3.30 -16.90 11.63
C PRO A 542 2.68 -18.29 11.37
N TRP A 543 1.63 -18.31 10.53
CA TRP A 543 1.07 -19.49 9.85
C TRP A 543 1.74 -19.65 8.47
N SER A 544 3.07 -19.54 8.46
CA SER A 544 3.90 -19.70 7.25
C SER A 544 4.70 -21.02 7.35
N TYR A 545 4.61 -21.79 6.26
CA TYR A 545 5.23 -23.07 6.11
C TYR A 545 5.56 -23.27 4.62
N ILE A 546 6.49 -24.19 4.37
CA ILE A 546 6.97 -24.46 3.03
C ILE A 546 6.42 -25.83 2.61
N GLY A 547 6.77 -26.27 1.42
CA GLY A 547 6.32 -27.58 0.95
C GLY A 547 6.63 -27.82 -0.53
N TYR A 548 5.99 -28.86 -1.05
CA TYR A 548 6.19 -29.36 -2.39
C TYR A 548 4.83 -29.50 -3.09
N TRP A 549 4.77 -29.09 -4.36
CA TRP A 549 3.57 -29.15 -5.16
C TRP A 549 3.49 -30.52 -5.83
N GLY A 550 2.33 -31.17 -5.73
CA GLY A 550 2.15 -32.56 -6.11
C GLY A 550 2.25 -32.81 -7.61
N ASP A 551 2.04 -31.77 -8.43
CA ASP A 551 1.98 -31.93 -9.86
C ASP A 551 3.33 -31.61 -10.52
N HIS A 552 4.31 -31.15 -9.74
CA HIS A 552 5.52 -30.52 -10.31
C HIS A 552 6.41 -31.53 -11.06
N GLN A 553 6.32 -32.82 -10.74
CA GLN A 553 7.32 -33.78 -11.18
C GLN A 553 6.85 -34.50 -12.47
N ILE A 554 5.76 -35.26 -12.41
CA ILE A 554 5.50 -36.29 -13.38
C ILE A 554 5.20 -35.71 -14.78
N ILE A 555 4.13 -34.92 -14.93
CA ILE A 555 3.73 -34.56 -16.28
C ILE A 555 4.78 -33.65 -16.93
N TYR A 556 5.35 -32.69 -16.21
CA TYR A 556 6.32 -31.73 -16.81
C TYR A 556 7.60 -32.46 -17.25
N LEU A 557 8.04 -33.46 -16.46
CA LEU A 557 9.23 -34.23 -16.86
C LEU A 557 8.92 -35.07 -18.11
N LEU A 558 7.74 -35.69 -18.09
CA LEU A 558 7.35 -36.61 -19.12
C LEU A 558 7.37 -35.94 -20.50
N LYS A 559 6.87 -34.69 -20.59
CA LYS A 559 6.73 -34.05 -21.92
C LYS A 559 8.13 -33.90 -22.52
N PHE A 560 9.14 -33.66 -21.68
CA PHE A 560 10.53 -33.59 -22.14
C PHE A 560 11.05 -34.98 -22.55
N LEU A 561 10.76 -36.02 -21.74
CA LEU A 561 11.21 -37.38 -22.06
C LEU A 561 10.57 -37.85 -23.38
N GLU A 562 9.29 -37.54 -23.60
CA GLU A 562 8.61 -37.87 -24.83
C GLU A 562 9.31 -37.18 -26.01
N PHE A 563 9.65 -35.90 -25.82
CA PHE A 563 10.28 -35.10 -26.84
C PHE A 563 11.61 -35.73 -27.29
N ILE A 564 12.49 -36.05 -26.33
CA ILE A 564 13.83 -36.49 -26.71
C ILE A 564 13.75 -37.88 -27.36
N GLU A 565 12.86 -38.73 -26.91
CA GLU A 565 12.76 -40.06 -27.48
C GLU A 565 12.23 -39.98 -28.94
N LYS A 566 11.38 -39.00 -29.25
CA LYS A 566 10.95 -38.76 -30.66
C LYS A 566 12.09 -38.21 -31.52
N HIS A 567 12.85 -37.23 -31.01
CA HIS A 567 13.91 -36.54 -31.76
C HIS A 567 15.22 -37.33 -31.78
N GLN A 568 15.57 -38.01 -30.69
CA GLN A 568 16.84 -38.68 -30.56
C GLN A 568 16.62 -40.06 -29.96
N PRO A 569 16.03 -41.00 -30.72
CA PRO A 569 15.82 -42.36 -30.21
C PRO A 569 17.12 -42.99 -29.69
N GLY A 570 17.07 -43.61 -28.50
CA GLY A 570 18.27 -44.23 -27.93
C GLY A 570 19.05 -43.32 -26.98
N LYS A 571 18.77 -42.01 -27.01
CA LYS A 571 19.57 -41.09 -26.23
C LYS A 571 19.36 -41.32 -24.71
N LEU A 572 18.10 -41.47 -24.28
CA LEU A 572 17.79 -41.78 -22.88
C LEU A 572 18.49 -43.09 -22.44
N HIS A 573 18.47 -44.11 -23.31
CA HIS A 573 19.15 -45.37 -23.04
C HIS A 573 20.62 -45.11 -22.67
N SER A 574 21.26 -44.17 -23.37
CA SER A 574 22.66 -43.87 -23.16
C SER A 574 22.92 -43.27 -21.76
N TYR A 575 21.90 -42.77 -21.07
CA TYR A 575 22.07 -42.23 -19.72
C TYR A 575 21.69 -43.25 -18.62
N PHE A 576 21.19 -44.43 -19.01
CA PHE A 576 20.71 -45.41 -18.00
C PHE A 576 21.80 -45.71 -16.95
N GLU A 577 23.06 -45.89 -17.38
CA GLU A 577 24.19 -46.29 -16.53
C GLU A 577 25.19 -45.14 -16.39
N SER A 578 24.84 -43.96 -16.85
CA SER A 578 25.75 -42.82 -16.77
C SER A 578 25.54 -42.07 -15.45
N GLU A 579 26.51 -42.15 -14.54
CA GLU A 579 26.38 -41.51 -13.22
C GLU A 579 26.82 -40.05 -13.33
N CYS A 580 26.02 -39.23 -14.02
CA CYS A 580 26.28 -37.77 -14.16
C CYS A 580 25.18 -36.93 -13.51
N PHE A 581 24.16 -37.57 -12.93
CA PHE A 581 23.05 -36.81 -12.31
C PHE A 581 23.35 -36.62 -10.81
N VAL A 582 22.72 -35.59 -10.22
CA VAL A 582 22.93 -35.21 -8.84
C VAL A 582 21.56 -35.05 -8.15
N TYR A 583 21.60 -34.78 -6.85
CA TYR A 583 20.42 -34.50 -6.09
C TYR A 583 20.47 -33.07 -5.53
N ALA A 584 19.40 -32.30 -5.77
CA ALA A 584 19.23 -30.97 -5.16
C ALA A 584 19.03 -31.15 -3.65
N ALA A 585 19.84 -30.45 -2.87
CA ALA A 585 19.67 -30.41 -1.40
C ALA A 585 18.74 -29.25 -1.07
N VAL A 586 17.45 -29.55 -0.94
CA VAL A 586 16.47 -28.59 -0.42
C VAL A 586 16.24 -28.99 1.04
N PRO A 587 16.41 -28.05 1.99
CA PRO A 587 16.47 -28.40 3.41
C PRO A 587 15.06 -28.51 4.02
N TYR A 588 14.28 -29.44 3.46
CA TYR A 588 12.95 -29.77 3.93
C TYR A 588 12.96 -31.21 4.43
N THR A 589 12.37 -31.39 5.62
CA THR A 589 12.24 -32.67 6.31
C THR A 589 10.77 -33.09 6.28
N ILE A 590 10.47 -34.07 5.42
CA ILE A 590 9.18 -34.68 5.39
C ILE A 590 9.10 -35.65 6.57
N LYS A 591 8.07 -35.50 7.41
CA LYS A 591 7.97 -36.12 8.71
C LYS A 591 7.66 -37.61 8.58
N PRO A 592 7.87 -38.39 9.67
CA PRO A 592 7.57 -39.82 9.68
C PRO A 592 6.11 -40.13 9.29
N TYR A 593 5.91 -41.33 8.73
CA TYR A 593 4.63 -41.68 8.13
C TYR A 593 3.49 -41.60 9.16
N GLU A 594 3.75 -42.05 10.40
CA GLU A 594 2.71 -42.09 11.44
C GLU A 594 2.27 -40.66 11.79
N GLU A 595 3.18 -39.68 11.73
CA GLU A 595 2.85 -38.29 12.02
C GLU A 595 2.01 -37.70 10.88
N ILE A 596 2.28 -38.13 9.65
CA ILE A 596 1.53 -37.66 8.48
C ILE A 596 0.09 -38.19 8.54
N LEU A 597 -0.04 -39.48 8.83
CA LEU A 597 -1.34 -40.12 8.98
C LEU A 597 -2.14 -39.45 10.10
N ASN A 598 -1.48 -39.12 11.21
CA ASN A 598 -2.08 -38.43 12.34
C ASN A 598 -2.60 -37.05 11.96
N ASN A 599 -1.77 -36.23 11.29
CA ASN A 599 -2.17 -34.89 10.85
C ASN A 599 -1.51 -34.58 9.51
N PRO A 600 -2.19 -34.92 8.39
CA PRO A 600 -1.61 -34.74 7.06
C PRO A 600 -1.54 -33.28 6.56
N LYS A 601 -1.91 -32.31 7.38
CA LYS A 601 -1.65 -30.90 7.07
C LYS A 601 -0.37 -30.41 7.74
N ASP A 602 0.22 -31.20 8.63
CA ASP A 602 1.46 -30.83 9.32
C ASP A 602 2.53 -31.91 9.02
N THR A 603 3.24 -31.76 7.90
CA THR A 603 4.01 -32.86 7.33
C THR A 603 5.46 -32.50 6.92
N ILE A 604 5.79 -31.22 6.85
CA ILE A 604 7.11 -30.80 6.39
C ILE A 604 7.66 -29.66 7.28
N GLY A 605 8.82 -29.92 7.90
CA GLY A 605 9.56 -28.93 8.71
C GLY A 605 10.74 -28.37 7.90
N TYR A 606 11.07 -27.09 8.15
CA TYR A 606 12.28 -26.45 7.62
C TYR A 606 13.48 -26.83 8.48
N ASN A 607 14.50 -27.41 7.85
CA ASN A 607 15.70 -27.86 8.56
C ASN A 607 16.81 -26.80 8.53
N HIS A 608 16.83 -25.94 9.55
CA HIS A 608 17.74 -24.77 9.65
C HIS A 608 19.20 -25.19 9.74
N GLU A 609 19.46 -26.37 10.32
CA GLU A 609 20.82 -26.90 10.45
C GLU A 609 21.31 -27.35 9.07
N TRP A 610 20.47 -28.08 8.35
CA TRP A 610 20.77 -28.49 6.96
C TRP A 610 21.06 -27.24 6.09
N GLU A 611 20.29 -26.17 6.29
CA GLU A 611 20.43 -24.94 5.54
C GLU A 611 21.83 -24.33 5.75
N LYS A 612 22.31 -24.35 6.99
CA LYS A 612 23.59 -23.73 7.36
C LYS A 612 24.75 -24.44 6.61
N VAL A 613 24.72 -25.78 6.60
CA VAL A 613 25.71 -26.60 5.90
C VAL A 613 25.70 -26.30 4.38
N ILE A 614 24.53 -26.08 3.79
CA ILE A 614 24.43 -25.76 2.35
C ILE A 614 25.10 -24.41 2.07
N ASN A 615 24.72 -23.38 2.86
CA ASN A 615 25.26 -22.01 2.75
C ASN A 615 26.78 -21.99 2.92
N GLU A 616 27.29 -22.93 3.71
CA GLU A 616 28.74 -23.06 3.95
C GLU A 616 29.39 -23.70 2.72
N ARG A 617 28.76 -24.74 2.17
CA ARG A 617 29.26 -25.38 0.96
C ARG A 617 29.17 -24.38 -0.21
N LYS A 618 28.16 -23.51 -0.22
CA LYS A 618 27.99 -22.54 -1.31
C LYS A 618 29.16 -21.54 -1.32
N LYS A 619 29.59 -21.07 -0.14
CA LYS A 619 30.76 -20.18 -0.03
C LYS A 619 32.04 -20.91 -0.48
N SER A 620 32.16 -22.20 -0.16
CA SER A 620 33.34 -23.02 -0.40
C SER A 620 33.41 -23.58 -1.85
N ILE A 621 32.27 -23.77 -2.53
CA ILE A 621 32.21 -24.45 -3.86
C ILE A 621 31.57 -23.53 -4.93
N GLY A 622 30.54 -22.76 -4.55
CA GLY A 622 29.62 -22.10 -5.46
C GLY A 622 28.25 -22.78 -5.44
N ALA A 623 27.48 -22.67 -6.53
CA ALA A 623 26.10 -23.12 -6.57
C ALA A 623 26.00 -24.64 -6.34
N ASP A 624 27.00 -25.38 -6.81
CA ASP A 624 27.06 -26.82 -6.66
C ASP A 624 27.05 -27.22 -5.17
N GLY A 625 27.19 -26.26 -4.27
CA GLY A 625 27.18 -26.51 -2.83
C GLY A 625 25.78 -26.91 -2.32
N ALA A 626 24.76 -26.64 -3.15
CA ALA A 626 23.39 -27.01 -2.88
C ALA A 626 23.05 -28.39 -3.47
N LEU A 627 24.05 -29.26 -3.67
CA LEU A 627 23.83 -30.63 -4.10
C LEU A 627 24.23 -31.56 -2.95
N LEU A 628 23.56 -32.69 -2.85
CA LEU A 628 23.89 -33.68 -1.79
C LEU A 628 25.30 -34.23 -2.04
N LYS A 629 26.03 -34.41 -0.94
CA LYS A 629 27.30 -35.10 -0.92
C LYS A 629 27.05 -36.56 -0.55
N SER A 630 28.09 -37.42 -0.64
CA SER A 630 28.08 -38.74 -0.04
C SER A 630 29.17 -38.81 1.04
N ASN A 631 29.24 -39.93 1.75
CA ASN A 631 30.31 -40.11 2.78
C ASN A 631 31.68 -39.97 2.09
N ASP A 632 31.75 -40.50 0.85
CA ASP A 632 32.98 -40.59 0.02
C ASP A 632 33.29 -39.22 -0.65
N LYS A 633 32.32 -38.64 -1.37
CA LYS A 633 32.60 -37.48 -2.27
C LYS A 633 31.82 -36.22 -1.88
N SER A 634 32.34 -35.07 -2.33
CA SER A 634 31.70 -33.76 -2.19
C SER A 634 30.32 -33.69 -2.86
N ILE A 635 30.21 -34.30 -4.05
CA ILE A 635 28.97 -34.31 -4.81
C ILE A 635 28.66 -35.77 -5.16
N TYR A 636 27.47 -36.23 -4.76
CA TYR A 636 27.04 -37.59 -5.02
C TYR A 636 26.44 -37.64 -6.43
N HIS A 637 26.85 -38.65 -7.21
CA HIS A 637 26.40 -38.82 -8.59
C HIS A 637 25.62 -40.12 -8.76
N VAL A 638 24.51 -40.04 -9.51
CA VAL A 638 23.69 -41.21 -9.79
C VAL A 638 23.29 -41.20 -11.26
N ASN A 639 22.70 -42.30 -11.71
CA ASN A 639 22.35 -42.50 -13.09
C ASN A 639 20.86 -42.18 -13.32
N PHE A 640 20.45 -42.22 -14.59
CA PHE A 640 19.13 -41.83 -15.01
C PHE A 640 18.08 -42.75 -14.37
N ILE A 641 18.39 -44.05 -14.28
CA ILE A 641 17.48 -45.01 -13.72
C ILE A 641 17.18 -44.64 -12.26
N GLU A 642 18.23 -44.28 -11.51
CA GLU A 642 18.03 -43.95 -10.11
C GLU A 642 17.15 -42.68 -10.00
N LYS A 643 17.37 -41.69 -10.88
CA LYS A 643 16.59 -40.43 -10.81
C LYS A 643 15.10 -40.66 -11.09
N ILE A 644 14.78 -41.57 -12.02
CA ILE A 644 13.43 -41.89 -12.33
C ILE A 644 12.81 -42.65 -11.16
N LEU A 645 13.55 -43.62 -10.58
CA LEU A 645 13.05 -44.37 -9.42
C LEU A 645 12.76 -43.42 -8.25
N ALA A 646 13.62 -42.42 -8.06
CA ALA A 646 13.45 -41.46 -6.96
C ALA A 646 12.09 -40.79 -7.06
N THR A 647 11.70 -40.38 -8.28
CA THR A 647 10.47 -39.62 -8.42
C THR A 647 9.26 -40.59 -8.48
N VAL A 648 9.38 -41.71 -9.18
CA VAL A 648 8.31 -42.70 -9.24
C VAL A 648 8.01 -43.31 -7.85
N LEU A 649 9.03 -43.67 -7.08
CA LEU A 649 8.83 -44.29 -5.78
C LEU A 649 8.19 -43.30 -4.81
N ALA A 650 8.55 -42.01 -4.89
CA ALA A 650 7.93 -41.01 -4.03
C ALA A 650 6.42 -40.94 -4.28
N LYS A 651 6.02 -40.89 -5.56
CA LYS A 651 4.58 -40.87 -5.92
C LYS A 651 3.87 -42.16 -5.51
N MET A 652 4.45 -43.30 -5.87
CA MET A 652 3.83 -44.57 -5.55
C MET A 652 3.72 -44.76 -4.03
N SER A 653 4.62 -44.11 -3.26
CA SER A 653 4.60 -44.23 -1.77
C SER A 653 3.40 -43.47 -1.19
N ASN A 654 2.78 -42.61 -2.02
CA ASN A 654 1.59 -41.87 -1.66
C ASN A 654 0.36 -42.38 -2.40
N PHE A 655 0.45 -43.58 -2.98
CA PHE A 655 -0.61 -44.14 -3.79
C PHE A 655 -1.66 -44.77 -2.87
N ILE A 656 -2.87 -44.21 -2.90
CA ILE A 656 -4.00 -44.79 -2.23
C ILE A 656 -4.85 -45.51 -3.27
N PRO A 657 -4.89 -46.86 -3.27
CA PRO A 657 -5.68 -47.61 -4.26
C PRO A 657 -7.12 -47.11 -4.39
N GLU A 658 -7.52 -46.83 -5.64
CA GLU A 658 -8.87 -46.42 -5.99
C GLU A 658 -9.11 -44.95 -5.68
N ALA A 659 -8.12 -44.23 -5.13
CA ALA A 659 -8.30 -42.81 -4.75
C ALA A 659 -7.35 -41.87 -5.47
N GLY A 660 -6.12 -42.32 -5.77
CA GLY A 660 -5.09 -41.48 -6.41
C GLY A 660 -3.85 -41.28 -5.54
N ILE A 661 -3.13 -40.17 -5.80
CA ILE A 661 -1.93 -39.79 -5.08
C ILE A 661 -2.29 -38.75 -4.00
N TRP A 662 -1.99 -39.12 -2.76
CA TRP A 662 -2.29 -38.35 -1.58
C TRP A 662 -1.59 -36.99 -1.64
N LEU A 663 -2.35 -35.92 -1.38
CA LEU A 663 -1.82 -34.59 -1.27
C LEU A 663 -1.50 -34.28 0.19
N ASN A 664 -0.21 -34.38 0.57
CA ASN A 664 0.19 -34.31 1.97
C ASN A 664 1.55 -33.62 2.13
N THR A 665 1.88 -32.70 1.22
CA THR A 665 3.20 -32.05 1.21
C THR A 665 3.09 -30.52 1.30
N GLN A 666 1.99 -30.02 1.89
CA GLN A 666 1.83 -28.60 2.37
C GLN A 666 1.75 -27.58 1.22
N ARG A 667 1.57 -28.07 0.00
CA ARG A 667 1.30 -27.22 -1.16
C ARG A 667 0.28 -27.92 -2.06
N PRO A 668 -0.50 -27.17 -2.85
CA PRO A 668 -1.51 -27.81 -3.72
C PRO A 668 -0.91 -28.35 -5.03
N GLU A 669 -1.77 -28.66 -6.01
CA GLU A 669 -1.33 -28.94 -7.36
C GLU A 669 -1.56 -27.68 -8.23
N TRP A 670 -1.94 -27.86 -9.51
CA TRP A 670 -2.07 -26.74 -10.45
C TRP A 670 -3.02 -25.66 -9.87
N ASN A 671 -4.16 -26.09 -9.31
CA ASN A 671 -5.24 -25.14 -8.93
C ASN A 671 -5.01 -24.65 -7.50
N ASP A 672 -4.45 -23.44 -7.38
CA ASP A 672 -4.18 -22.84 -6.10
C ASP A 672 -5.47 -22.54 -5.31
N ALA A 673 -6.59 -22.39 -6.03
CA ALA A 673 -7.83 -22.01 -5.45
C ALA A 673 -8.52 -23.22 -4.78
N ASN A 674 -7.99 -24.44 -4.95
CA ASN A 674 -8.50 -25.60 -4.19
C ASN A 674 -7.42 -26.09 -3.20
N ASN A 675 -6.71 -25.13 -2.60
CA ASN A 675 -5.55 -25.39 -1.77
C ASN A 675 -5.93 -25.99 -0.40
N ALA A 676 -7.20 -25.97 0.00
CA ALA A 676 -7.60 -26.64 1.24
C ALA A 676 -7.81 -28.14 1.01
N LEU A 677 -7.69 -28.64 -0.23
CA LEU A 677 -7.66 -30.10 -0.49
C LEU A 677 -6.33 -30.72 -0.04
N VAL A 678 -5.33 -29.89 0.28
CA VAL A 678 -4.06 -30.38 0.84
C VAL A 678 -4.36 -30.97 2.22
N GLY A 679 -4.04 -32.25 2.43
CA GLY A 679 -4.28 -32.92 3.72
C GLY A 679 -5.06 -34.22 3.55
N ASN A 680 -6.34 -34.11 3.19
CA ASN A 680 -7.20 -35.24 2.98
C ASN A 680 -7.54 -35.42 1.49
N GLY A 681 -7.06 -34.53 0.65
CA GLY A 681 -7.32 -34.62 -0.77
C GLY A 681 -6.38 -35.61 -1.44
N VAL A 682 -6.87 -36.22 -2.53
CA VAL A 682 -6.11 -37.22 -3.26
C VAL A 682 -6.28 -36.93 -4.76
N SER A 683 -5.16 -36.88 -5.49
CA SER A 683 -5.13 -36.49 -6.89
C SER A 683 -5.28 -37.72 -7.82
N MET A 684 -6.43 -37.82 -8.48
CA MET A 684 -6.54 -38.70 -9.62
C MET A 684 -5.85 -38.08 -10.83
N VAL A 685 -5.89 -36.75 -10.91
CA VAL A 685 -5.22 -36.02 -12.00
C VAL A 685 -3.78 -36.54 -12.15
N THR A 686 -3.00 -36.54 -11.05
CA THR A 686 -1.59 -36.95 -11.11
C THR A 686 -1.49 -38.44 -11.44
N LEU A 687 -2.48 -39.25 -11.01
CA LEU A 687 -2.46 -40.69 -11.30
C LEU A 687 -2.63 -40.91 -12.81
N TYR A 688 -3.53 -40.15 -13.43
CA TYR A 688 -3.74 -40.27 -14.86
C TYR A 688 -2.43 -40.01 -15.60
N TYR A 689 -1.69 -38.97 -15.20
CA TYR A 689 -0.44 -38.62 -15.86
C TYR A 689 0.65 -39.63 -15.50
N LEU A 690 0.60 -40.20 -14.29
CA LEU A 690 1.50 -41.26 -13.89
C LEU A 690 1.28 -42.51 -14.76
N ARG A 691 0.03 -42.78 -15.17
CA ARG A 691 -0.24 -43.88 -16.08
C ARG A 691 0.55 -43.65 -17.38
N ARG A 692 0.45 -42.42 -17.90
CA ARG A 692 1.13 -42.08 -19.15
C ARG A 692 2.64 -42.22 -18.96
N PHE A 693 3.15 -41.71 -17.84
CA PHE A 693 4.59 -41.75 -17.50
C PHE A 693 5.10 -43.19 -17.45
N LEU A 694 4.40 -44.08 -16.76
CA LEU A 694 4.87 -45.44 -16.55
C LEU A 694 4.77 -46.32 -17.82
N LYS A 695 3.76 -46.08 -18.64
CA LYS A 695 3.66 -46.73 -19.93
C LYS A 695 4.84 -46.32 -20.83
N PHE A 696 5.13 -45.02 -20.86
CA PHE A 696 6.28 -44.55 -21.57
C PHE A 696 7.56 -45.26 -21.07
N PHE A 697 7.75 -45.28 -19.75
CA PHE A 697 8.95 -45.85 -19.14
C PHE A 697 9.01 -47.37 -19.38
N ASP A 698 7.86 -48.03 -19.29
CA ASP A 698 7.71 -49.48 -19.60
C ASP A 698 8.26 -49.78 -21.00
N GLN A 699 7.84 -48.99 -22.01
CA GLN A 699 8.32 -49.15 -23.38
C GLN A 699 9.82 -48.83 -23.47
N LEU A 700 10.25 -47.77 -22.80
CA LEU A 700 11.68 -47.40 -22.77
C LEU A 700 12.52 -48.57 -22.25
N LEU A 701 12.10 -49.21 -21.16
CA LEU A 701 12.86 -50.31 -20.58
C LEU A 701 12.86 -51.49 -21.56
N GLU A 702 11.73 -51.72 -22.19
CA GLU A 702 11.55 -52.85 -23.09
C GLU A 702 12.47 -52.71 -24.31
N ASN A 703 12.73 -51.49 -24.77
CA ASN A 703 13.56 -51.26 -25.95
C ASN A 703 15.05 -51.31 -25.57
N SER A 704 15.37 -51.28 -24.29
CA SER A 704 16.75 -51.36 -23.79
C SER A 704 17.30 -52.80 -23.96
N THR A 705 18.61 -52.91 -24.16
CA THR A 705 19.30 -54.20 -24.12
C THR A 705 20.16 -54.33 -22.85
N LEU A 706 20.13 -53.37 -21.94
CA LEU A 706 20.84 -53.49 -20.63
C LEU A 706 20.11 -54.52 -19.76
N GLU A 707 20.89 -55.37 -19.08
CA GLU A 707 20.36 -56.52 -18.33
C GLU A 707 20.23 -56.18 -16.84
N ASN A 708 20.94 -55.15 -16.41
CA ASN A 708 21.01 -54.76 -15.01
C ASN A 708 20.69 -53.28 -14.85
N ILE A 709 20.53 -52.89 -13.58
CA ILE A 709 20.47 -51.50 -13.16
C ILE A 709 21.39 -51.37 -11.95
N LYS A 710 21.77 -50.12 -11.65
CA LYS A 710 22.69 -49.80 -10.59
C LYS A 710 22.10 -48.60 -9.83
N ILE A 711 21.89 -48.77 -8.50
CA ILE A 711 21.23 -47.77 -7.66
C ILE A 711 21.90 -47.76 -6.29
N SER A 712 21.84 -46.60 -5.63
CA SER A 712 22.24 -46.43 -4.24
C SER A 712 21.74 -47.61 -3.38
N ASN A 713 22.65 -48.18 -2.59
CA ASN A 713 22.31 -49.29 -1.65
C ASN A 713 21.09 -48.92 -0.77
N GLU A 714 21.04 -47.63 -0.38
CA GLU A 714 19.99 -47.09 0.49
C GLU A 714 18.62 -47.22 -0.20
N MET A 715 18.59 -47.07 -1.53
CA MET A 715 17.34 -47.13 -2.26
C MET A 715 16.84 -48.57 -2.40
N VAL A 716 17.71 -49.58 -2.19
CA VAL A 716 17.33 -50.96 -2.53
C VAL A 716 16.13 -51.41 -1.69
N GLU A 717 16.20 -51.21 -0.38
CA GLU A 717 15.13 -51.61 0.54
C GLU A 717 13.80 -50.92 0.15
N PHE A 718 13.87 -49.63 -0.16
CA PHE A 718 12.72 -48.81 -0.51
C PHE A 718 12.05 -49.34 -1.79
N TYR A 719 12.84 -49.48 -2.85
CA TYR A 719 12.42 -50.00 -4.13
C TYR A 719 11.80 -51.41 -3.95
N HIS A 720 12.46 -52.27 -3.17
CA HIS A 720 12.04 -53.64 -3.01
C HIS A 720 10.75 -53.71 -2.18
N LYS A 721 10.63 -52.87 -1.14
CA LYS A 721 9.45 -52.94 -0.25
C LYS A 721 8.23 -52.51 -1.07
N VAL A 722 8.39 -51.47 -1.90
CA VAL A 722 7.30 -50.98 -2.70
C VAL A 722 6.91 -52.03 -3.74
N ARG A 723 7.90 -52.56 -4.47
CA ARG A 723 7.63 -53.55 -5.50
C ARG A 723 6.89 -54.75 -4.89
N GLU A 724 7.37 -55.23 -3.74
CA GLU A 724 6.86 -56.43 -3.06
C GLU A 724 5.40 -56.20 -2.61
N THR A 725 5.12 -55.02 -2.03
CA THR A 725 3.79 -54.64 -1.58
C THR A 725 2.79 -54.79 -2.74
N LEU A 726 3.17 -54.32 -3.93
CA LEU A 726 2.31 -54.37 -5.09
C LEU A 726 2.21 -55.82 -5.58
N MET A 727 3.35 -56.52 -5.68
CA MET A 727 3.37 -57.91 -6.19
C MET A 727 2.44 -58.80 -5.33
N GLU A 728 2.50 -58.66 -4.00
CA GLU A 728 1.80 -59.56 -3.11
C GLU A 728 0.34 -59.13 -2.92
N ASN A 729 -0.04 -57.96 -3.46
CA ASN A 729 -1.44 -57.52 -3.40
C ASN A 729 -2.11 -57.54 -4.79
N GLN A 730 -1.42 -58.02 -5.82
CA GLN A 730 -1.93 -57.96 -7.18
C GLN A 730 -3.20 -58.84 -7.29
N HIS A 731 -3.31 -59.90 -6.47
CA HIS A 731 -4.48 -60.80 -6.48
C HIS A 731 -5.77 -60.02 -6.19
N LEU A 732 -5.70 -58.91 -5.43
CA LEU A 732 -6.84 -58.08 -5.04
C LEU A 732 -7.48 -57.36 -6.25
N LEU A 733 -6.74 -57.22 -7.35
CA LEU A 733 -7.20 -56.40 -8.50
C LEU A 733 -8.34 -57.10 -9.27
N ALA A 734 -8.60 -58.37 -8.96
CA ALA A 734 -9.71 -59.12 -9.56
C ALA A 734 -11.07 -58.54 -9.14
N GLY A 735 -11.12 -57.79 -8.04
CA GLY A 735 -12.34 -57.16 -7.56
C GLY A 735 -12.07 -55.76 -7.05
N SER A 736 -12.95 -55.23 -6.21
CA SER A 736 -12.72 -53.93 -5.62
C SER A 736 -11.95 -54.12 -4.29
N ILE A 737 -11.21 -53.10 -3.90
CA ILE A 737 -10.34 -53.10 -2.75
C ILE A 737 -11.12 -52.56 -1.54
N SER A 738 -11.18 -53.36 -0.46
CA SER A 738 -11.81 -52.93 0.80
C SER A 738 -11.00 -51.77 1.41
N ASP A 739 -11.66 -51.05 2.34
CA ASP A 739 -11.08 -49.94 3.08
C ASP A 739 -9.93 -50.48 3.99
N THR A 740 -10.07 -51.71 4.48
CA THR A 740 -9.03 -52.37 5.31
C THR A 740 -7.77 -52.61 4.48
N ASP A 741 -7.93 -53.22 3.30
CA ASP A 741 -6.77 -53.53 2.44
C ASP A 741 -6.16 -52.25 1.89
N ARG A 742 -6.98 -51.21 1.71
CA ARG A 742 -6.50 -49.90 1.21
C ARG A 742 -5.46 -49.38 2.19
N LYS A 743 -5.74 -49.52 3.49
CA LYS A 743 -4.82 -49.05 4.55
C LYS A 743 -3.60 -49.97 4.70
N VAL A 744 -3.80 -51.30 4.63
CA VAL A 744 -2.66 -52.27 4.65
C VAL A 744 -1.62 -51.85 3.60
N ILE A 745 -2.08 -51.58 2.37
CA ILE A 745 -1.24 -51.22 1.25
C ILE A 745 -0.57 -49.84 1.46
N LEU A 746 -1.35 -48.82 1.82
CA LEU A 746 -0.80 -47.48 1.99
C LEU A 746 0.23 -47.45 3.12
N ASP A 747 -0.10 -48.07 4.26
CA ASP A 747 0.85 -48.21 5.41
C ASP A 747 2.20 -48.80 4.94
N LYS A 748 2.18 -49.91 4.19
CA LYS A 748 3.43 -50.51 3.68
C LYS A 748 4.17 -49.56 2.73
N LEU A 749 3.46 -48.88 1.81
CA LEU A 749 4.12 -47.97 0.87
C LEU A 749 4.69 -46.77 1.62
N GLY A 750 3.89 -46.19 2.53
CA GLY A 750 4.26 -44.99 3.28
C GLY A 750 5.41 -45.24 4.25
N ASN A 751 5.40 -46.42 4.89
CA ASN A 751 6.45 -46.73 5.85
C ASN A 751 7.80 -46.91 5.15
N ALA A 752 7.76 -47.51 3.96
CA ALA A 752 8.94 -47.76 3.17
C ALA A 752 9.57 -46.41 2.77
N ALA A 753 8.74 -45.47 2.31
CA ALA A 753 9.24 -44.15 1.94
C ALA A 753 9.82 -43.45 3.17
N ALA A 754 9.13 -43.55 4.32
CA ALA A 754 9.53 -42.86 5.54
C ALA A 754 10.89 -43.39 6.06
N ASP A 755 11.10 -44.70 6.02
CA ASP A 755 12.37 -45.28 6.47
C ASP A 755 13.52 -44.82 5.56
N TYR A 756 13.25 -44.77 4.24
CA TYR A 756 14.23 -44.29 3.28
C TYR A 756 14.67 -42.86 3.62
N ARG A 757 13.71 -41.93 3.73
CA ARG A 757 14.03 -40.53 3.93
C ARG A 757 14.66 -40.30 5.31
N PHE A 758 14.22 -41.03 6.34
CA PHE A 758 14.81 -40.89 7.67
C PHE A 758 16.31 -41.22 7.59
N GLN A 759 16.62 -42.30 6.87
CA GLN A 759 17.99 -42.78 6.76
C GLN A 759 18.83 -41.71 6.04
N ILE A 760 18.31 -41.12 4.96
CA ILE A 760 19.10 -40.13 4.20
C ILE A 760 19.23 -38.81 4.97
N TYR A 761 18.14 -38.34 5.60
CA TYR A 761 18.19 -37.10 6.40
C TYR A 761 19.23 -37.24 7.52
N ASN A 762 19.33 -38.42 8.12
CA ASN A 762 20.16 -38.60 9.34
C ASN A 762 21.59 -39.07 9.00
N SER A 763 21.76 -40.01 8.06
CA SER A 763 23.09 -40.63 7.79
C SER A 763 23.66 -40.18 6.43
N GLY A 764 22.81 -39.71 5.51
CA GLY A 764 23.22 -39.33 4.16
C GLY A 764 23.39 -40.57 3.30
N PHE A 765 23.79 -40.36 2.05
CA PHE A 765 24.17 -41.46 1.16
C PHE A 765 25.61 -41.84 1.51
N TRP A 766 25.87 -43.14 1.68
CA TRP A 766 27.16 -43.63 2.06
C TRP A 766 28.11 -43.64 0.84
N GLY A 767 27.54 -43.79 -0.35
CA GLY A 767 28.31 -43.69 -1.61
C GLY A 767 28.37 -45.00 -2.39
N LYS A 768 27.84 -46.11 -1.84
CA LYS A 768 27.89 -47.40 -2.53
C LYS A 768 26.59 -47.66 -3.31
N LYS A 769 26.72 -48.31 -4.45
CA LYS A 769 25.60 -48.71 -5.28
C LYS A 769 25.61 -50.24 -5.39
N ARG A 770 24.48 -50.79 -5.84
CA ARG A 770 24.28 -52.21 -5.99
C ARG A 770 23.67 -52.48 -7.36
N THR A 771 24.04 -53.63 -7.92
CA THR A 771 23.58 -54.10 -9.21
C THR A 771 22.32 -54.95 -8.99
N HIS A 772 21.23 -54.59 -9.70
CA HIS A 772 19.97 -55.36 -9.67
C HIS A 772 19.49 -55.60 -11.11
N SER A 773 18.47 -56.45 -11.28
CA SER A 773 18.02 -56.87 -12.60
C SER A 773 17.18 -55.78 -13.26
N MET A 774 17.35 -55.64 -14.57
CA MET A 774 16.47 -54.88 -15.41
C MET A 774 15.09 -55.54 -15.42
N GLN A 775 15.04 -56.87 -15.44
CA GLN A 775 13.77 -57.59 -15.44
C GLN A 775 12.95 -57.17 -14.21
N GLY A 776 13.61 -57.05 -13.06
CA GLY A 776 12.95 -56.65 -11.79
C GLY A 776 12.32 -55.27 -11.90
N LEU A 777 12.97 -54.35 -12.61
CA LEU A 777 12.44 -53.00 -12.83
C LEU A 777 11.25 -53.04 -13.80
N LYS A 778 11.38 -53.84 -14.87
CA LYS A 778 10.25 -54.05 -15.82
C LYS A 778 9.07 -54.67 -15.06
N ASN A 779 9.35 -55.58 -14.11
CA ASN A 779 8.28 -56.18 -13.30
C ASN A 779 7.59 -55.13 -12.43
N PHE A 780 8.38 -54.23 -11.84
CA PHE A 780 7.89 -53.12 -11.02
C PHE A 780 6.98 -52.18 -11.83
N THR A 781 7.42 -51.80 -13.03
CA THR A 781 6.67 -50.88 -13.88
C THR A 781 5.34 -51.53 -14.28
N LYS A 782 5.39 -52.84 -14.63
CA LYS A 782 4.21 -53.56 -15.09
C LYS A 782 3.17 -53.64 -13.97
N VAL A 783 3.59 -54.02 -12.75
CA VAL A 783 2.66 -54.17 -11.63
C VAL A 783 2.14 -52.80 -11.19
N SER A 784 2.98 -51.76 -11.27
CA SER A 784 2.55 -50.39 -10.95
C SER A 784 1.43 -49.96 -11.91
N LEU A 785 1.60 -50.26 -13.20
CA LEU A 785 0.57 -49.98 -14.19
C LEU A 785 -0.71 -50.78 -13.93
N GLN A 786 -0.59 -52.04 -13.45
CA GLN A 786 -1.78 -52.83 -13.14
C GLN A 786 -2.57 -52.12 -12.04
N PHE A 787 -1.88 -51.65 -11.01
CA PHE A 787 -2.56 -50.97 -9.91
C PHE A 787 -3.17 -49.63 -10.37
N ILE A 788 -2.48 -48.87 -11.19
CA ILE A 788 -2.97 -47.58 -11.64
C ILE A 788 -4.20 -47.81 -12.52
N ASP A 789 -4.10 -48.76 -13.44
CA ASP A 789 -5.20 -49.03 -14.38
C ASP A 789 -6.46 -49.41 -13.59
N HIS A 790 -6.29 -50.27 -12.58
CA HIS A 790 -7.41 -50.68 -11.71
C HIS A 790 -8.03 -49.44 -11.04
N SER A 791 -7.17 -48.54 -10.55
CA SER A 791 -7.62 -47.32 -9.90
C SER A 791 -8.37 -46.42 -10.90
N ILE A 792 -7.91 -46.35 -12.15
CA ILE A 792 -8.58 -45.52 -13.15
C ILE A 792 -10.00 -46.07 -13.37
N LYS A 793 -10.13 -47.39 -13.47
CA LYS A 793 -11.42 -48.04 -13.75
C LYS A 793 -12.40 -47.81 -12.59
N ALA A 794 -11.87 -47.56 -11.40
CA ALA A 794 -12.70 -47.29 -10.19
C ALA A 794 -13.11 -45.80 -10.10
N ASN A 795 -12.76 -44.98 -11.09
CA ASN A 795 -12.93 -43.55 -10.95
C ASN A 795 -13.77 -42.93 -12.09
N GLN A 796 -14.56 -43.77 -12.79
CA GLN A 796 -15.51 -43.29 -13.77
C GLN A 796 -16.82 -42.97 -13.04
N ARG A 797 -17.41 -41.82 -13.39
CA ARG A 797 -18.71 -41.36 -12.88
C ARG A 797 -19.82 -41.91 -13.75
N PRO A 798 -21.09 -41.94 -13.29
CA PRO A 798 -22.19 -42.38 -14.14
C PRO A 798 -22.35 -41.60 -15.46
N ASP A 799 -22.00 -40.33 -15.47
CA ASP A 799 -22.09 -39.44 -16.63
C ASP A 799 -20.89 -39.63 -17.57
N LYS A 800 -19.98 -40.54 -17.24
CA LYS A 800 -18.79 -40.92 -18.11
C LYS A 800 -17.59 -39.97 -17.93
N LEU A 801 -17.75 -38.87 -17.21
CA LEU A 801 -16.62 -38.07 -16.77
C LEU A 801 -15.82 -38.88 -15.72
N TYR A 802 -14.58 -38.46 -15.45
CA TYR A 802 -13.71 -39.10 -14.45
C TYR A 802 -13.50 -38.15 -13.27
N HIS A 803 -13.32 -38.76 -12.09
CA HIS A 803 -12.95 -38.04 -10.89
C HIS A 803 -11.57 -37.37 -11.06
N ALA A 804 -11.47 -36.13 -10.55
CA ALA A 804 -10.24 -35.38 -10.61
C ALA A 804 -9.51 -35.46 -9.26
N TYR A 805 -10.23 -35.10 -8.19
CA TYR A 805 -9.74 -35.06 -6.81
C TYR A 805 -10.76 -35.77 -5.91
N ASN A 806 -10.26 -36.68 -5.05
CA ASN A 806 -11.06 -37.42 -4.09
C ASN A 806 -10.62 -37.02 -2.67
N LEU A 807 -11.39 -37.44 -1.67
CA LEU A 807 -11.05 -37.26 -0.27
C LEU A 807 -10.77 -38.62 0.34
N MET A 808 -9.80 -38.66 1.26
CA MET A 808 -9.57 -39.89 2.06
C MET A 808 -9.80 -39.54 3.52
N SER A 809 -10.25 -40.52 4.31
CA SER A 809 -10.21 -40.41 5.76
C SER A 809 -9.78 -41.76 6.37
N VAL A 810 -9.13 -41.66 7.52
CA VAL A 810 -8.75 -42.82 8.34
C VAL A 810 -9.87 -43.08 9.34
N GLU A 811 -10.41 -44.30 9.30
CA GLU A 811 -11.52 -44.75 10.13
C GLU A 811 -11.09 -45.97 10.97
N LYS A 812 -11.59 -46.05 12.21
CA LYS A 812 -11.29 -47.16 13.17
C LYS A 812 -9.78 -47.45 13.19
N ASN A 813 -8.98 -46.39 12.97
CA ASN A 813 -7.52 -46.39 12.72
C ASN A 813 -7.04 -47.62 11.91
N LYS A 814 -7.97 -48.32 11.24
CA LYS A 814 -7.69 -49.58 10.56
C LYS A 814 -8.13 -49.53 9.10
N GLU A 815 -8.81 -48.45 8.67
CA GLU A 815 -9.46 -48.40 7.36
C GLU A 815 -9.22 -47.04 6.74
N ILE A 816 -9.17 -47.02 5.39
CA ILE A 816 -9.16 -45.75 4.64
C ILE A 816 -10.37 -45.71 3.72
N ALA A 817 -11.26 -44.74 3.97
CA ALA A 817 -12.49 -44.54 3.20
C ALA A 817 -12.29 -43.46 2.14
N ILE A 818 -12.94 -43.61 0.97
CA ILE A 818 -12.86 -42.64 -0.12
C ILE A 818 -14.21 -41.94 -0.27
N SER A 819 -14.19 -40.63 -0.51
CA SER A 819 -15.41 -39.96 -0.96
C SER A 819 -15.05 -39.03 -2.10
N TYR A 820 -16.08 -38.49 -2.77
CA TYR A 820 -15.90 -37.90 -4.10
C TYR A 820 -16.27 -36.42 -4.07
N LEU A 821 -15.73 -35.66 -5.02
CA LEU A 821 -16.00 -34.23 -5.21
C LEU A 821 -16.65 -33.99 -6.60
N SER A 822 -16.94 -32.74 -6.87
CA SER A 822 -17.66 -32.34 -8.08
C SER A 822 -16.87 -32.74 -9.33
N GLU A 823 -17.58 -32.77 -10.47
CA GLU A 823 -16.97 -32.88 -11.77
C GLU A 823 -16.02 -31.69 -11.96
N MET A 824 -14.82 -31.98 -12.47
CA MET A 824 -13.81 -30.95 -12.66
C MET A 824 -13.19 -31.11 -14.03
N LEU A 825 -13.00 -29.99 -14.74
CA LEU A 825 -12.43 -30.00 -16.09
C LEU A 825 -11.06 -30.68 -16.09
N GLU A 826 -10.26 -30.37 -15.07
CA GLU A 826 -8.88 -30.84 -14.95
C GLU A 826 -8.82 -32.39 -14.94
N GLY A 827 -9.82 -33.05 -14.37
CA GLY A 827 -9.88 -34.52 -14.41
C GLY A 827 -10.07 -35.07 -15.83
N GLN A 828 -10.85 -34.35 -16.64
CA GLN A 828 -11.17 -34.80 -17.97
C GLN A 828 -9.94 -34.62 -18.86
N VAL A 829 -9.27 -33.47 -18.71
CA VAL A 829 -8.02 -33.19 -19.40
C VAL A 829 -7.02 -34.31 -19.13
N ALA A 830 -6.89 -34.69 -17.87
CA ALA A 830 -5.85 -35.66 -17.42
C ALA A 830 -6.20 -37.08 -17.92
N VAL A 831 -7.46 -37.51 -17.77
CA VAL A 831 -7.78 -38.89 -18.20
C VAL A 831 -7.69 -38.98 -19.73
N LEU A 832 -8.08 -37.91 -20.44
CA LEU A 832 -7.99 -37.88 -21.92
C LEU A 832 -6.53 -37.82 -22.37
N SER A 833 -5.62 -37.45 -21.45
CA SER A 833 -4.14 -37.39 -21.69
C SER A 833 -3.42 -38.69 -21.27
N SER A 834 -4.13 -39.58 -20.58
CA SER A 834 -3.56 -40.73 -19.82
C SER A 834 -3.01 -41.80 -20.78
N GLY A 835 -3.54 -41.83 -22.00
CA GLY A 835 -3.25 -42.87 -22.97
C GLY A 835 -3.96 -44.16 -22.64
N PHE A 836 -4.81 -44.19 -21.59
CA PHE A 836 -5.40 -45.43 -21.06
C PHE A 836 -6.70 -45.78 -21.79
N LEU A 837 -7.51 -44.78 -22.16
CA LEU A 837 -8.83 -45.05 -22.73
C LEU A 837 -8.71 -45.34 -24.23
N SER A 838 -9.62 -46.15 -24.75
CA SER A 838 -9.79 -46.35 -26.19
C SER A 838 -10.38 -45.06 -26.81
N SER A 839 -10.35 -45.00 -28.15
CA SER A 839 -10.88 -43.84 -28.88
C SER A 839 -12.36 -43.65 -28.55
N LYS A 840 -13.12 -44.75 -28.52
CA LYS A 840 -14.56 -44.68 -28.23
C LYS A 840 -14.81 -44.16 -26.82
N GLU A 841 -13.99 -44.59 -25.86
CA GLU A 841 -14.09 -44.14 -24.47
C GLU A 841 -13.70 -42.67 -24.34
N ASN A 842 -12.66 -42.24 -25.05
CA ASN A 842 -12.28 -40.82 -25.10
C ASN A 842 -13.48 -40.00 -25.56
N LEU A 843 -14.14 -40.44 -26.63
CA LEU A 843 -15.25 -39.71 -27.23
C LEU A 843 -16.45 -39.69 -26.28
N ALA A 844 -16.69 -40.79 -25.54
CA ALA A 844 -17.77 -40.83 -24.50
C ALA A 844 -17.48 -39.81 -23.39
N VAL A 845 -16.24 -39.73 -22.95
CA VAL A 845 -15.88 -38.71 -21.96
C VAL A 845 -16.29 -37.36 -22.55
N LEU A 846 -15.84 -37.04 -23.77
CA LEU A 846 -16.00 -35.71 -24.31
C LEU A 846 -17.49 -35.40 -24.56
N ASP A 847 -18.28 -36.39 -24.93
CA ASP A 847 -19.72 -36.23 -25.08
C ASP A 847 -20.35 -35.91 -23.71
N GLY A 848 -19.89 -36.59 -22.65
CA GLY A 848 -20.35 -36.32 -21.31
C GLY A 848 -20.01 -34.88 -20.91
N LEU A 849 -18.80 -34.44 -21.23
CA LEU A 849 -18.31 -33.15 -20.84
C LEU A 849 -19.15 -32.04 -21.47
N LYS A 850 -19.37 -32.15 -22.77
CA LYS A 850 -20.20 -31.20 -23.55
C LYS A 850 -21.61 -31.08 -22.92
N ASN A 851 -22.17 -32.19 -22.43
CA ASN A 851 -23.52 -32.21 -21.87
C ASN A 851 -23.56 -31.89 -20.36
N SER A 852 -22.41 -31.62 -19.74
CA SER A 852 -22.33 -31.44 -18.29
C SER A 852 -22.52 -29.97 -17.89
N ALA A 853 -22.53 -29.74 -16.56
CA ALA A 853 -22.63 -28.43 -15.96
C ALA A 853 -21.33 -27.62 -16.09
N LEU A 854 -20.29 -28.20 -16.72
CA LEU A 854 -19.08 -27.47 -16.95
C LEU A 854 -19.17 -26.63 -18.23
N PHE A 855 -20.15 -26.93 -19.11
CA PHE A 855 -20.26 -26.15 -20.36
C PHE A 855 -20.92 -24.81 -20.05
N ARG A 856 -20.26 -23.69 -20.35
CA ARG A 856 -20.80 -22.37 -20.21
C ARG A 856 -21.20 -21.83 -21.60
N GLU A 857 -22.49 -21.55 -21.76
CA GLU A 857 -23.15 -21.30 -23.07
C GLU A 857 -22.68 -20.00 -23.74
N ASP A 858 -22.68 -18.90 -23.00
CA ASP A 858 -22.47 -17.57 -23.61
C ASP A 858 -21.06 -17.49 -24.25
N GLN A 859 -20.05 -18.16 -23.67
CA GLN A 859 -18.70 -18.16 -24.22
C GLN A 859 -18.38 -19.48 -24.94
N TYR A 860 -19.32 -20.42 -24.91
CA TYR A 860 -19.24 -21.79 -25.45
C TYR A 860 -17.89 -22.41 -25.11
N SER A 861 -17.54 -22.43 -23.82
CA SER A 861 -16.35 -23.09 -23.34
C SER A 861 -16.59 -23.64 -21.93
N TYR A 862 -15.52 -24.02 -21.21
CA TYR A 862 -15.64 -24.87 -20.00
C TYR A 862 -15.16 -24.17 -18.73
N LEU A 863 -15.97 -24.29 -17.70
CA LEU A 863 -15.65 -23.93 -16.31
C LEU A 863 -14.71 -24.99 -15.72
N LEU A 864 -14.01 -24.64 -14.63
CA LEU A 864 -13.17 -25.60 -13.92
C LEU A 864 -14.02 -26.63 -13.15
N TYR A 865 -15.15 -26.18 -12.63
CA TYR A 865 -16.08 -26.91 -11.79
C TYR A 865 -17.44 -26.21 -11.93
N PRO A 866 -18.56 -26.85 -11.53
CA PRO A 866 -19.88 -26.24 -11.72
C PRO A 866 -19.99 -24.87 -11.05
N ASN A 867 -20.69 -23.94 -11.70
CA ASN A 867 -21.19 -22.75 -11.05
C ASN A 867 -22.24 -23.19 -10.03
N LYS A 868 -22.33 -22.52 -8.90
CA LYS A 868 -23.35 -22.86 -7.94
C LYS A 868 -23.82 -21.56 -7.29
N GLU A 869 -25.07 -21.56 -6.83
CA GLU A 869 -25.63 -20.50 -6.07
C GLU A 869 -25.06 -20.61 -4.65
N LEU A 870 -24.35 -19.58 -4.20
CA LEU A 870 -23.99 -19.46 -2.79
C LEU A 870 -25.16 -18.85 -2.02
N PRO A 871 -25.30 -19.18 -0.73
CA PRO A 871 -26.38 -18.61 0.07
C PRO A 871 -26.25 -17.07 0.14
N LYS A 872 -27.37 -16.39 -0.06
CA LYS A 872 -27.52 -14.98 0.14
C LYS A 872 -27.24 -14.64 1.61
N PHE A 873 -26.91 -13.36 1.85
CA PHE A 873 -26.44 -12.90 3.14
C PHE A 873 -27.39 -13.37 4.26
N LEU A 874 -28.69 -13.08 4.12
CA LEU A 874 -29.65 -13.43 5.20
C LEU A 874 -30.01 -14.92 5.22
N ASP A 875 -29.44 -15.75 4.36
CA ASP A 875 -29.66 -17.20 4.36
C ASP A 875 -28.42 -17.95 4.91
N LYS A 876 -27.37 -17.24 5.32
CA LYS A 876 -26.08 -17.88 5.60
C LYS A 876 -26.04 -18.58 6.96
N ASN A 877 -26.77 -18.07 7.96
CA ASN A 877 -26.39 -18.31 9.34
C ASN A 877 -27.65 -18.23 10.21
N THR A 878 -28.48 -19.27 10.11
CA THR A 878 -29.62 -19.40 10.98
C THR A 878 -29.58 -20.74 11.69
N ILE A 879 -29.78 -20.72 13.02
CA ILE A 879 -29.83 -21.91 13.86
C ILE A 879 -31.31 -22.25 14.03
N SER A 880 -31.67 -23.51 13.78
CA SER A 880 -33.06 -23.92 13.94
C SER A 880 -33.49 -23.67 15.41
N LYS A 881 -34.75 -23.26 15.59
CA LYS A 881 -35.34 -23.09 16.93
C LYS A 881 -35.18 -24.39 17.75
N GLU A 882 -35.34 -25.54 17.09
CA GLU A 882 -35.30 -26.83 17.75
C GLU A 882 -33.91 -27.05 18.37
N ALA A 883 -32.85 -26.75 17.60
CA ALA A 883 -31.47 -26.98 18.06
C ALA A 883 -31.17 -26.09 19.28
N VAL A 884 -31.68 -24.85 19.28
CA VAL A 884 -31.44 -23.92 20.38
C VAL A 884 -32.12 -24.45 21.66
N SER A 885 -33.42 -24.77 21.57
CA SER A 885 -34.22 -25.15 22.72
C SER A 885 -33.72 -26.47 23.34
N LYS A 886 -33.18 -27.36 22.52
CA LYS A 886 -32.62 -28.64 22.96
C LYS A 886 -31.24 -28.47 23.62
N SER A 887 -30.56 -27.34 23.40
CA SER A 887 -29.30 -27.01 24.09
C SER A 887 -29.63 -26.14 25.31
N GLU A 888 -29.14 -26.58 26.49
CA GLU A 888 -29.33 -25.82 27.71
C GLU A 888 -28.47 -24.55 27.63
N LEU A 889 -27.24 -24.69 27.17
CA LEU A 889 -26.28 -23.57 27.09
C LEU A 889 -26.81 -22.45 26.16
N LEU A 890 -27.19 -22.81 24.93
CA LEU A 890 -27.69 -21.81 23.98
C LEU A 890 -28.97 -21.17 24.53
N SER A 891 -29.87 -21.98 25.08
CA SER A 891 -31.13 -21.48 25.65
C SER A 891 -30.86 -20.49 26.80
N LEU A 892 -29.83 -20.77 27.61
CA LEU A 892 -29.46 -19.93 28.74
C LEU A 892 -28.86 -18.61 28.25
N LEU A 893 -27.99 -18.71 27.23
CA LEU A 893 -27.35 -17.53 26.62
C LEU A 893 -28.42 -16.59 26.04
N VAL A 894 -29.42 -17.18 25.37
CA VAL A 894 -30.59 -16.45 24.85
C VAL A 894 -31.33 -15.78 26.02
N SER A 895 -31.64 -16.55 27.08
CA SER A 895 -32.36 -16.06 28.29
C SER A 895 -31.69 -14.81 28.87
N LYS A 896 -30.35 -14.82 28.91
CA LYS A 896 -29.54 -13.82 29.60
C LYS A 896 -29.10 -12.70 28.64
N SER A 897 -29.50 -12.78 27.35
CA SER A 897 -29.12 -11.82 26.32
C SER A 897 -27.59 -11.69 26.20
N ASN A 898 -26.88 -12.80 26.42
CA ASN A 898 -25.49 -12.91 26.04
C ASN A 898 -25.41 -13.15 24.53
N LYS A 899 -24.56 -12.36 23.85
CA LYS A 899 -24.48 -12.34 22.39
C LYS A 899 -23.10 -12.80 21.90
N GLN A 900 -22.31 -13.44 22.78
CA GLN A 900 -20.91 -13.79 22.47
C GLN A 900 -20.85 -14.99 21.50
N VAL A 901 -21.88 -15.86 21.55
CA VAL A 901 -21.93 -17.05 20.72
C VAL A 901 -23.18 -17.01 19.82
N ILE A 902 -24.35 -16.77 20.44
CA ILE A 902 -25.66 -16.84 19.76
C ILE A 902 -26.44 -15.56 20.04
N GLU A 903 -27.23 -15.13 19.05
CA GLU A 903 -28.13 -14.00 19.19
C GLU A 903 -29.48 -14.30 18.53
N LYS A 904 -30.53 -13.75 19.12
CA LYS A 904 -31.87 -13.92 18.68
C LYS A 904 -32.36 -12.61 18.06
N ASP A 905 -32.84 -12.64 16.82
CA ASP A 905 -33.31 -11.43 16.14
C ASP A 905 -34.77 -11.15 16.53
N SER A 906 -35.28 -10.00 16.09
CA SER A 906 -36.55 -9.46 16.55
C SER A 906 -37.75 -10.12 15.84
N ILE A 907 -37.52 -11.10 14.95
CA ILE A 907 -38.61 -11.98 14.48
C ILE A 907 -38.43 -13.38 15.06
N GLY A 908 -37.51 -13.54 16.02
CA GLY A 908 -37.37 -14.77 16.81
C GLY A 908 -36.50 -15.83 16.13
N GLU A 909 -35.64 -15.43 15.20
CA GLU A 909 -34.70 -16.36 14.57
C GLU A 909 -33.33 -16.23 15.24
N TYR A 910 -32.53 -17.29 15.11
CA TYR A 910 -31.30 -17.44 15.86
C TYR A 910 -30.10 -17.49 14.92
N HIS A 911 -29.03 -16.80 15.31
CA HIS A 911 -27.82 -16.63 14.49
C HIS A 911 -26.56 -16.79 15.37
N PHE A 912 -25.51 -17.39 14.81
CA PHE A 912 -24.20 -17.34 15.40
C PHE A 912 -23.65 -15.93 15.23
N ASN A 913 -22.86 -15.53 16.23
CA ASN A 913 -22.22 -14.20 16.34
C ASN A 913 -21.54 -13.87 15.01
N GLY A 914 -21.76 -12.62 14.57
CA GLY A 914 -21.38 -12.16 13.25
C GLY A 914 -19.89 -12.02 13.04
N GLU A 915 -19.10 -12.11 14.13
CA GLU A 915 -17.63 -12.03 14.03
C GLU A 915 -16.98 -13.37 13.69
N PHE A 916 -17.72 -14.48 13.80
CA PHE A 916 -17.14 -15.79 13.57
C PHE A 916 -16.83 -15.96 12.08
N ASN A 917 -15.61 -16.39 11.75
CA ASN A 917 -15.25 -16.74 10.41
C ASN A 917 -15.30 -18.27 10.27
N ASN A 918 -14.94 -19.00 11.34
CA ASN A 918 -14.93 -20.45 11.33
C ASN A 918 -14.97 -20.95 12.78
N ALA A 919 -14.85 -22.26 12.96
CA ALA A 919 -15.03 -22.93 14.27
C ALA A 919 -14.03 -22.40 15.31
N SER A 920 -12.83 -22.02 14.86
CA SER A 920 -11.80 -21.55 15.79
C SER A 920 -12.24 -20.28 16.53
N ASN A 921 -13.02 -19.42 15.86
CA ASN A 921 -13.57 -18.22 16.53
C ASN A 921 -14.62 -18.65 17.57
N LEU A 922 -15.44 -19.66 17.22
CA LEU A 922 -16.46 -20.18 18.13
C LEU A 922 -15.79 -20.74 19.39
N LYS A 923 -14.75 -21.56 19.20
CA LYS A 923 -14.02 -22.18 20.31
C LYS A 923 -13.50 -21.10 21.27
N GLN A 924 -12.86 -20.07 20.71
CA GLN A 924 -12.29 -19.00 21.51
C GLN A 924 -13.38 -18.34 22.34
N ALA A 925 -14.52 -18.06 21.72
CA ALA A 925 -15.65 -17.46 22.42
C ALA A 925 -16.13 -18.38 23.55
N LEU A 926 -16.10 -19.70 23.34
CA LEU A 926 -16.61 -20.64 24.36
C LEU A 926 -15.65 -20.68 25.56
N GLU A 927 -14.35 -20.50 25.31
CA GLU A 927 -13.35 -20.43 26.37
C GLU A 927 -13.55 -19.14 27.16
N ASP A 928 -13.83 -18.03 26.48
CA ASP A 928 -14.13 -16.75 27.16
C ASP A 928 -15.35 -16.94 28.08
N LEU A 929 -16.37 -17.67 27.61
CA LEU A 929 -17.59 -17.92 28.40
C LEU A 929 -17.26 -18.77 29.64
N SER A 930 -16.30 -19.69 29.50
CA SER A 930 -16.00 -20.67 30.56
C SER A 930 -15.24 -20.01 31.73
N GLN A 931 -14.78 -18.77 31.54
CA GLN A 931 -14.19 -17.95 32.62
C GLN A 931 -15.28 -17.46 33.59
N GLN A 932 -16.51 -17.32 33.10
CA GLN A 932 -17.66 -16.88 33.93
C GLN A 932 -18.24 -18.10 34.66
N ASN A 933 -18.57 -17.91 35.95
CA ASN A 933 -18.95 -19.00 36.85
C ASN A 933 -20.22 -19.69 36.34
N GLU A 934 -21.20 -18.89 35.91
CA GLU A 934 -22.54 -19.41 35.57
C GLU A 934 -22.50 -20.23 34.26
N TYR A 935 -21.43 -20.12 33.45
CA TYR A 935 -21.34 -20.84 32.17
C TYR A 935 -20.31 -21.99 32.25
N LYS A 936 -19.37 -21.91 33.20
CA LYS A 936 -18.21 -22.82 33.25
C LYS A 936 -18.64 -24.27 32.98
N ASP A 937 -19.62 -24.78 33.73
CA ASP A 937 -20.00 -26.21 33.69
C ASP A 937 -20.65 -26.56 32.34
N LEU A 938 -21.61 -25.72 31.91
CA LEU A 938 -22.38 -25.98 30.67
C LEU A 938 -21.43 -25.99 29.46
N VAL A 939 -20.45 -25.07 29.44
CA VAL A 939 -19.47 -24.96 28.36
C VAL A 939 -18.68 -26.27 28.25
N ALA A 940 -18.24 -26.81 29.40
CA ALA A 940 -17.52 -28.10 29.44
C ALA A 940 -18.44 -29.22 28.92
N LYS A 941 -19.71 -29.18 29.32
CA LYS A 941 -20.70 -30.22 28.96
C LYS A 941 -21.03 -30.17 27.45
N GLU A 942 -21.27 -28.97 26.88
CA GLU A 942 -22.00 -28.83 25.59
C GLU A 942 -21.13 -28.23 24.48
N SER A 943 -19.83 -27.97 24.73
CA SER A 943 -18.94 -27.36 23.74
C SER A 943 -18.97 -28.15 22.42
N LYS A 944 -18.90 -29.49 22.52
CA LYS A 944 -18.86 -30.39 21.36
C LYS A 944 -20.19 -30.33 20.59
N THR A 945 -21.28 -30.20 21.33
CA THR A 945 -22.64 -30.11 20.79
C THR A 945 -22.80 -28.80 20.01
N VAL A 946 -22.37 -27.68 20.61
CA VAL A 946 -22.51 -26.37 20.01
C VAL A 946 -21.67 -26.32 18.72
N GLU A 947 -20.45 -26.85 18.78
CA GLU A 947 -19.55 -26.93 17.64
C GLU A 947 -20.17 -27.75 16.50
N ALA A 948 -20.96 -28.77 16.85
CA ALA A 948 -21.62 -29.62 15.87
C ALA A 948 -22.76 -28.86 15.20
N ILE A 949 -23.45 -28.03 15.98
CA ILE A 949 -24.51 -27.14 15.46
C ILE A 949 -23.86 -26.16 14.47
N PHE A 950 -22.69 -25.63 14.83
CA PHE A 950 -21.95 -24.71 13.97
C PHE A 950 -21.63 -25.39 12.64
N GLU A 951 -21.10 -26.62 12.70
CA GLU A 951 -20.72 -27.36 11.49
C GLU A 951 -21.96 -27.72 10.64
N ASP A 952 -23.09 -27.88 11.31
CA ASP A 952 -24.34 -28.16 10.67
C ASP A 952 -24.83 -26.95 9.86
N VAL A 953 -24.70 -25.76 10.43
CA VAL A 953 -25.08 -24.51 9.79
C VAL A 953 -24.15 -24.23 8.60
N PHE A 954 -22.82 -24.38 8.77
CA PHE A 954 -21.85 -23.84 7.80
C PHE A 954 -21.22 -24.92 6.90
N ASN A 955 -21.29 -26.20 7.30
CA ASN A 955 -20.79 -27.29 6.45
C ASN A 955 -19.35 -27.01 5.99
N HIS A 956 -18.47 -26.65 6.93
CA HIS A 956 -17.08 -26.34 6.62
C HIS A 956 -16.26 -27.60 6.32
N LYS A 957 -16.76 -28.79 6.68
CA LYS A 957 -16.09 -30.04 6.27
C LYS A 957 -16.01 -30.16 4.72
N ALA A 958 -16.91 -29.50 4.00
CA ALA A 958 -16.97 -29.58 2.55
C ALA A 958 -16.12 -28.49 1.88
N PHE A 959 -15.41 -27.66 2.67
CA PHE A 959 -14.65 -26.53 2.10
C PHE A 959 -13.41 -27.07 1.37
N THR A 960 -13.20 -26.65 0.11
CA THR A 960 -12.02 -27.12 -0.61
C THR A 960 -11.06 -25.97 -0.93
N GLY A 961 -11.46 -24.75 -0.59
CA GLY A 961 -10.69 -23.57 -0.92
C GLY A 961 -11.57 -22.46 -1.46
N ARG A 962 -10.93 -21.33 -1.77
CA ARG A 962 -11.65 -20.13 -2.19
C ARG A 962 -12.35 -20.33 -3.54
N SER A 963 -12.00 -21.38 -4.29
CA SER A 963 -12.62 -21.70 -5.57
C SER A 963 -14.14 -21.62 -5.51
N GLY A 964 -14.74 -22.12 -4.41
CA GLY A 964 -16.20 -22.23 -4.29
C GLY A 964 -16.82 -21.03 -3.58
N THR A 965 -16.05 -19.97 -3.35
CA THR A 965 -16.51 -18.91 -2.48
C THR A 965 -16.16 -17.52 -3.05
N PHE A 966 -15.83 -17.43 -4.34
CA PHE A 966 -15.65 -16.13 -4.98
C PHE A 966 -15.99 -16.25 -6.47
N TYR A 967 -15.87 -15.11 -7.17
CA TYR A 967 -16.56 -14.91 -8.45
C TYR A 967 -15.63 -14.36 -9.53
N GLY A 968 -14.31 -14.48 -9.36
CA GLY A 968 -13.32 -14.18 -10.40
C GLY A 968 -12.23 -15.24 -10.41
N TYR A 969 -11.29 -15.11 -11.34
CA TYR A 969 -10.09 -15.93 -11.41
C TYR A 969 -10.51 -17.41 -11.60
N GLU A 970 -10.09 -18.30 -10.67
CA GLU A 970 -10.46 -19.74 -10.73
C GLU A 970 -11.88 -19.97 -10.22
N GLY A 971 -12.56 -18.90 -9.80
CA GLY A 971 -13.85 -18.95 -9.10
C GLY A 971 -15.06 -19.37 -9.95
N LEU A 972 -16.22 -19.26 -9.30
CA LEU A 972 -17.55 -19.72 -9.78
C LEU A 972 -17.97 -18.95 -11.06
N GLY A 973 -18.24 -19.72 -12.11
CA GLY A 973 -18.71 -19.20 -13.36
C GLY A 973 -17.58 -18.68 -14.23
N SER A 974 -16.31 -18.84 -13.78
CA SER A 974 -15.17 -18.32 -14.47
C SER A 974 -14.56 -19.39 -15.40
N ILE A 975 -14.25 -18.98 -16.64
CA ILE A 975 -13.48 -19.82 -17.54
C ILE A 975 -12.01 -19.50 -17.34
N TYR A 976 -11.21 -20.50 -16.96
CA TYR A 976 -9.79 -20.36 -16.81
C TYR A 976 -9.14 -20.98 -18.05
N TRP A 977 -8.60 -20.14 -18.95
CA TRP A 977 -8.34 -20.50 -20.34
C TRP A 977 -7.19 -21.51 -20.48
N HIS A 978 -6.20 -21.44 -19.60
CA HIS A 978 -5.12 -22.38 -19.65
C HIS A 978 -5.67 -23.81 -19.62
N MET A 979 -6.65 -24.08 -18.74
CA MET A 979 -7.17 -25.45 -18.61
C MET A 979 -7.97 -25.82 -19.86
N VAL A 980 -8.66 -24.85 -20.48
CA VAL A 980 -9.39 -25.14 -21.71
C VAL A 980 -8.39 -25.53 -22.81
N SER A 981 -7.27 -24.81 -22.89
CA SER A 981 -6.28 -25.09 -23.90
C SER A 981 -5.54 -26.41 -23.63
N LYS A 982 -5.40 -26.81 -22.36
CA LYS A 982 -4.89 -28.17 -22.03
C LYS A 982 -5.89 -29.23 -22.53
N LEU A 983 -7.21 -28.94 -22.39
CA LEU A 983 -8.21 -29.84 -22.92
C LEU A 983 -8.04 -29.96 -24.44
N GLN A 984 -7.87 -28.81 -25.12
CA GLN A 984 -7.72 -28.81 -26.57
C GLN A 984 -6.57 -29.73 -27.02
N LEU A 985 -5.40 -29.58 -26.38
CA LEU A 985 -4.22 -30.36 -26.76
C LEU A 985 -4.48 -31.87 -26.53
N ALA A 986 -5.07 -32.22 -25.39
CA ALA A 986 -5.45 -33.62 -25.07
C ALA A 986 -6.39 -34.16 -26.15
N VAL A 987 -7.39 -33.36 -26.56
CA VAL A 987 -8.31 -33.79 -27.59
C VAL A 987 -7.57 -33.98 -28.91
N LEU A 988 -6.66 -33.06 -29.23
CA LEU A 988 -5.85 -33.26 -30.43
C LEU A 988 -5.14 -34.64 -30.36
N GLU A 989 -4.48 -34.92 -29.26
CA GLU A 989 -3.72 -36.16 -29.11
C GLU A 989 -4.68 -37.34 -29.27
N CYS A 990 -5.90 -37.20 -28.76
CA CYS A 990 -6.97 -38.24 -28.95
C CYS A 990 -7.36 -38.42 -30.42
N CYS A 991 -7.41 -37.32 -31.17
CA CYS A 991 -7.71 -37.35 -32.62
C CYS A 991 -6.60 -38.10 -33.37
N LEU A 992 -5.32 -37.82 -33.01
CA LEU A 992 -4.19 -38.44 -33.69
C LEU A 992 -4.16 -39.95 -33.43
N LYS A 993 -4.54 -40.36 -32.22
CA LYS A 993 -4.62 -41.76 -31.89
C LYS A 993 -5.70 -42.46 -32.75
N ALA A 994 -6.87 -41.85 -32.85
CA ALA A 994 -7.95 -42.45 -33.64
C ALA A 994 -7.55 -42.59 -35.13
N VAL A 995 -6.85 -41.59 -35.68
CA VAL A 995 -6.44 -41.60 -37.09
C VAL A 995 -5.39 -42.71 -37.31
N GLU A 996 -4.41 -42.74 -36.41
CA GLU A 996 -3.29 -43.68 -36.42
C GLU A 996 -3.80 -45.14 -36.36
N GLU A 997 -4.76 -45.41 -35.47
CA GLU A 997 -5.28 -46.75 -35.23
C GLU A 997 -6.37 -47.07 -36.25
N LYS A 998 -6.64 -46.15 -37.19
CA LYS A 998 -7.59 -46.39 -38.25
C LYS A 998 -8.95 -46.73 -37.65
N GLU A 999 -9.44 -45.90 -36.71
CA GLU A 999 -10.82 -45.97 -36.24
C GLU A 999 -11.75 -45.65 -37.42
N SER A 1000 -13.03 -45.94 -37.25
CA SER A 1000 -14.02 -45.55 -38.22
C SER A 1000 -13.95 -44.03 -38.41
N GLU A 1001 -14.34 -43.58 -39.61
CA GLU A 1001 -14.36 -42.17 -39.95
C GLU A 1001 -15.46 -41.46 -39.10
N GLU A 1002 -16.44 -42.21 -38.60
CA GLU A 1002 -17.46 -41.66 -37.71
C GLU A 1002 -16.85 -41.25 -36.36
N VAL A 1003 -16.02 -42.14 -35.80
CA VAL A 1003 -15.33 -41.83 -34.53
C VAL A 1003 -14.32 -40.71 -34.74
N ILE A 1004 -13.52 -40.78 -35.82
CA ILE A 1004 -12.53 -39.76 -36.13
C ILE A 1004 -13.25 -38.41 -36.27
N GLY A 1005 -14.34 -38.40 -37.02
CA GLY A 1005 -15.15 -37.23 -37.31
C GLY A 1005 -15.72 -36.58 -36.06
N ARG A 1006 -16.31 -37.42 -35.19
CA ARG A 1006 -16.86 -36.91 -33.93
C ARG A 1006 -15.78 -36.36 -33.00
N LEU A 1007 -14.60 -36.98 -32.94
CA LEU A 1007 -13.46 -36.49 -32.12
C LEU A 1007 -12.96 -35.15 -32.69
N LEU A 1008 -12.86 -35.03 -34.02
CA LEU A 1008 -12.43 -33.80 -34.69
C LEU A 1008 -13.41 -32.65 -34.42
N GLU A 1009 -14.70 -32.96 -34.46
CA GLU A 1009 -15.76 -32.00 -34.19
C GLU A 1009 -15.55 -31.44 -32.78
N HIS A 1010 -15.27 -32.31 -31.80
CA HIS A 1010 -14.95 -31.84 -30.44
C HIS A 1010 -13.73 -30.89 -30.50
N TYR A 1011 -12.67 -31.32 -31.19
CA TYR A 1011 -11.47 -30.48 -31.31
C TYR A 1011 -11.83 -29.07 -31.84
N TYR A 1012 -12.52 -29.01 -32.98
N TYR A 1012 -12.53 -29.00 -32.97
CA TYR A 1012 -12.85 -27.73 -33.68
CA TYR A 1012 -12.77 -27.70 -33.63
C TYR A 1012 -13.75 -26.85 -32.80
C TYR A 1012 -13.76 -26.85 -32.82
N GLU A 1013 -14.73 -27.46 -32.13
CA GLU A 1013 -15.60 -26.71 -31.18
C GLU A 1013 -14.84 -26.14 -29.98
N ILE A 1014 -13.95 -26.92 -29.36
CA ILE A 1014 -13.18 -26.44 -28.26
C ILE A 1014 -12.34 -25.25 -28.72
N ASN A 1015 -11.74 -25.39 -29.89
CA ASN A 1015 -10.90 -24.33 -30.50
C ASN A 1015 -11.72 -23.05 -30.70
N GLU A 1016 -12.96 -23.19 -31.18
CA GLU A 1016 -13.84 -22.04 -31.39
C GLU A 1016 -14.11 -21.32 -30.06
N GLY A 1017 -14.29 -22.12 -29.00
CA GLY A 1017 -14.50 -21.63 -27.66
C GLY A 1017 -13.36 -20.72 -27.19
N ILE A 1018 -12.12 -21.07 -27.56
CA ILE A 1018 -10.92 -20.30 -27.21
C ILE A 1018 -11.10 -18.84 -27.64
N GLY A 1019 -11.75 -18.62 -28.79
CA GLY A 1019 -12.43 -17.33 -29.05
C GLY A 1019 -11.76 -16.41 -30.09
N VAL A 1020 -10.79 -16.90 -30.88
CA VAL A 1020 -10.07 -16.07 -31.85
C VAL A 1020 -11.02 -15.46 -32.90
N HIS A 1021 -12.20 -16.08 -33.16
CA HIS A 1021 -13.18 -15.60 -34.15
C HIS A 1021 -14.40 -14.95 -33.52
N LYS A 1022 -14.38 -14.75 -32.20
CA LYS A 1022 -15.47 -14.07 -31.53
C LYS A 1022 -15.37 -12.58 -31.88
N SER A 1023 -16.49 -11.88 -31.76
CA SER A 1023 -16.52 -10.44 -31.81
C SER A 1023 -15.71 -9.88 -30.64
N PRO A 1024 -15.07 -8.70 -30.79
CA PRO A 1024 -14.48 -8.04 -29.64
C PRO A 1024 -15.45 -7.87 -28.45
N SER A 1025 -16.74 -7.60 -28.66
CA SER A 1025 -17.61 -7.39 -27.49
C SER A 1025 -17.83 -8.69 -26.71
N LEU A 1026 -17.96 -9.82 -27.40
CA LEU A 1026 -18.10 -11.07 -26.68
C LEU A 1026 -16.76 -11.47 -26.03
N TYR A 1027 -15.64 -11.33 -26.74
CA TYR A 1027 -14.33 -11.74 -26.21
C TYR A 1027 -13.97 -10.83 -25.03
N GLY A 1028 -14.28 -9.53 -25.20
CA GLY A 1028 -14.06 -8.47 -24.23
C GLY A 1028 -12.72 -7.76 -24.39
N ALA A 1029 -12.02 -8.02 -25.50
CA ALA A 1029 -10.70 -7.44 -25.83
C ALA A 1029 -10.39 -7.76 -27.30
N PHE A 1030 -9.13 -7.58 -27.73
CA PHE A 1030 -8.68 -8.02 -29.05
C PHE A 1030 -8.60 -9.54 -29.01
N PRO A 1031 -9.40 -10.27 -29.82
CA PRO A 1031 -9.42 -11.74 -29.77
C PRO A 1031 -8.11 -12.43 -30.16
N THR A 1032 -7.14 -11.69 -30.70
CA THR A 1032 -5.85 -12.23 -31.00
C THR A 1032 -4.89 -12.19 -29.81
N ASP A 1033 -5.32 -11.66 -28.64
CA ASP A 1033 -4.49 -11.56 -27.46
C ASP A 1033 -5.01 -12.53 -26.37
N ALA A 1034 -4.11 -13.36 -25.81
CA ALA A 1034 -4.44 -14.27 -24.72
C ALA A 1034 -4.63 -13.52 -23.40
N TYR A 1035 -5.58 -14.01 -22.61
CA TYR A 1035 -5.90 -13.55 -21.27
C TYR A 1035 -6.04 -14.79 -20.34
N SER A 1036 -5.86 -14.62 -19.03
CA SER A 1036 -5.89 -15.74 -18.10
C SER A 1036 -7.29 -16.29 -17.92
N HIS A 1037 -8.31 -15.40 -17.78
CA HIS A 1037 -9.63 -15.89 -17.45
C HIS A 1037 -10.72 -14.96 -17.97
N THR A 1038 -11.93 -15.52 -18.13
CA THR A 1038 -13.13 -14.75 -18.41
C THR A 1038 -14.18 -15.08 -17.37
N PRO A 1039 -14.50 -14.16 -16.44
CA PRO A 1039 -15.49 -14.45 -15.41
C PRO A 1039 -16.93 -14.34 -15.96
N ALA A 1040 -17.89 -14.66 -15.09
CA ALA A 1040 -19.27 -14.72 -15.49
C ALA A 1040 -19.80 -13.34 -15.91
N GLY A 1041 -19.28 -12.26 -15.35
CA GLY A 1041 -19.88 -10.94 -15.41
C GLY A 1041 -19.06 -9.91 -16.19
N LYS A 1042 -17.97 -10.34 -16.84
CA LYS A 1042 -17.10 -9.46 -17.62
C LYS A 1042 -16.45 -10.26 -18.76
N GLY A 1043 -15.77 -9.51 -19.64
CA GLY A 1043 -14.92 -10.04 -20.68
C GLY A 1043 -13.56 -10.50 -20.14
N ALA A 1044 -12.68 -10.78 -21.09
CA ALA A 1044 -11.34 -11.29 -20.80
C ALA A 1044 -10.61 -10.41 -19.78
N GLN A 1045 -9.93 -11.07 -18.84
CA GLN A 1045 -9.16 -10.41 -17.74
C GLN A 1045 -7.75 -11.00 -17.68
N GLN A 1046 -6.78 -10.13 -17.39
CA GLN A 1046 -5.35 -10.43 -17.16
C GLN A 1046 -4.65 -10.74 -18.48
N PRO A 1047 -4.19 -9.70 -19.21
CA PRO A 1047 -3.58 -9.89 -20.52
C PRO A 1047 -2.16 -10.46 -20.53
N GLY A 1048 -1.86 -11.26 -21.55
CA GLY A 1048 -0.49 -11.61 -21.91
C GLY A 1048 -0.01 -12.98 -21.43
N MET A 1049 0.87 -12.95 -20.42
CA MET A 1049 1.80 -14.09 -20.20
C MET A 1049 1.11 -15.18 -19.35
N THR A 1050 0.06 -15.77 -19.90
CA THR A 1050 -0.54 -16.96 -19.35
C THR A 1050 0.14 -18.19 -19.96
N GLY A 1051 0.13 -19.30 -19.21
CA GLY A 1051 0.64 -20.56 -19.73
C GLY A 1051 -0.22 -21.15 -20.84
N GLN A 1052 -1.44 -20.64 -21.04
CA GLN A 1052 -2.30 -21.06 -22.13
C GLN A 1052 -1.52 -21.12 -23.45
N VAL A 1053 -0.64 -20.13 -23.66
CA VAL A 1053 0.00 -19.92 -24.97
C VAL A 1053 0.84 -21.15 -25.37
N LYS A 1054 1.51 -21.79 -24.41
CA LYS A 1054 2.37 -22.95 -24.76
C LYS A 1054 1.52 -24.11 -25.31
N GLU A 1055 0.35 -24.33 -24.71
CA GLU A 1055 -0.58 -25.39 -25.18
C GLU A 1055 -1.02 -25.10 -26.63
N ASP A 1056 -1.40 -23.84 -26.90
CA ASP A 1056 -1.93 -23.44 -28.22
C ASP A 1056 -0.82 -23.46 -29.28
N ILE A 1057 0.43 -23.21 -28.88
CA ILE A 1057 1.56 -23.39 -29.79
C ILE A 1057 1.64 -24.89 -30.21
N LEU A 1058 1.58 -25.79 -29.24
CA LEU A 1058 1.71 -27.22 -29.51
C LEU A 1058 0.54 -27.71 -30.34
N SER A 1059 -0.69 -27.25 -30.04
CA SER A 1059 -1.85 -27.65 -30.79
C SER A 1059 -1.74 -27.18 -32.26
N ARG A 1060 -1.22 -25.99 -32.46
CA ARG A 1060 -1.07 -25.43 -33.82
C ARG A 1060 -0.13 -26.31 -34.67
N PHE A 1061 1.00 -26.71 -34.08
CA PHE A 1061 1.95 -27.62 -34.73
C PHE A 1061 1.27 -28.95 -35.05
N GLY A 1062 0.45 -29.46 -34.11
CA GLY A 1062 -0.31 -30.71 -34.34
C GLY A 1062 -1.29 -30.57 -35.51
N GLU A 1063 -1.96 -29.41 -35.59
CA GLU A 1063 -2.91 -29.13 -36.66
C GLU A 1063 -2.20 -29.11 -38.02
N LEU A 1064 -1.00 -28.53 -38.05
CA LEU A 1064 -0.22 -28.42 -39.29
C LEU A 1064 0.43 -29.75 -39.68
N GLY A 1065 0.33 -30.76 -38.81
CA GLY A 1065 0.77 -32.11 -39.13
C GLY A 1065 2.29 -32.23 -39.01
N ILE A 1066 2.88 -31.52 -38.07
CA ILE A 1066 4.29 -31.54 -37.84
C ILE A 1066 4.58 -32.61 -36.77
N PHE A 1067 5.02 -33.79 -37.20
CA PHE A 1067 5.23 -34.94 -36.28
C PHE A 1067 6.68 -35.39 -36.33
N VAL A 1068 7.26 -35.69 -35.18
CA VAL A 1068 8.61 -36.21 -35.11
C VAL A 1068 8.54 -37.59 -34.44
N LYS A 1069 9.17 -38.58 -35.07
CA LYS A 1069 9.20 -39.93 -34.56
C LYS A 1069 10.40 -40.64 -35.18
N ASN A 1070 11.09 -41.45 -34.35
CA ASN A 1070 12.23 -42.22 -34.77
C ASN A 1070 13.33 -41.33 -35.33
N GLY A 1071 13.47 -40.11 -34.80
CA GLY A 1071 14.45 -39.17 -35.27
C GLY A 1071 14.06 -38.52 -36.59
N CYS A 1072 12.84 -38.73 -37.06
CA CYS A 1072 12.45 -38.26 -38.43
C CYS A 1072 11.31 -37.26 -38.32
N LEU A 1073 11.42 -36.16 -39.09
CA LEU A 1073 10.41 -35.14 -39.20
C LEU A 1073 9.43 -35.53 -40.31
N GLU A 1074 8.15 -35.47 -39.98
CA GLU A 1074 7.08 -35.75 -40.92
C GLU A 1074 6.23 -34.48 -41.03
N LEU A 1075 5.89 -34.10 -42.27
CA LEU A 1075 5.03 -32.96 -42.53
C LEU A 1075 3.83 -33.47 -43.32
N ASN A 1076 2.76 -33.80 -42.57
CA ASN A 1076 1.66 -34.61 -43.12
C ASN A 1076 0.37 -34.28 -42.37
N PRO A 1077 -0.32 -33.15 -42.68
CA PRO A 1077 -1.54 -32.80 -41.95
C PRO A 1077 -2.66 -33.82 -42.17
N CYS A 1078 -3.33 -34.21 -41.07
CA CYS A 1078 -4.58 -34.97 -41.10
C CYS A 1078 -5.76 -34.21 -40.46
N LEU A 1079 -5.49 -33.18 -39.66
CA LEU A 1079 -6.53 -32.39 -38.91
C LEU A 1079 -6.69 -30.97 -39.52
N LEU A 1080 -5.90 -30.61 -40.52
CA LEU A 1080 -5.86 -29.24 -41.07
C LEU A 1080 -7.07 -29.03 -41.99
N ARG A 1081 -7.70 -27.86 -41.87
CA ARG A 1081 -8.90 -27.52 -42.66
C ARG A 1081 -8.50 -26.87 -43.99
N LYS A 1082 -9.27 -27.18 -45.05
CA LYS A 1082 -9.13 -26.61 -46.41
C LYS A 1082 -9.14 -25.07 -46.35
N ASP A 1083 -9.98 -24.51 -45.50
CA ASP A 1083 -10.16 -23.03 -45.48
C ASP A 1083 -8.91 -22.30 -44.96
N GLU A 1084 -7.91 -23.00 -44.41
CA GLU A 1084 -6.68 -22.35 -44.03
C GLU A 1084 -5.86 -21.88 -45.25
N PHE A 1085 -6.12 -22.47 -46.42
CA PHE A 1085 -5.31 -22.21 -47.61
C PHE A 1085 -5.74 -20.92 -48.32
N LEU A 1086 -4.74 -20.17 -48.80
CA LEU A 1086 -4.90 -18.83 -49.35
C LEU A 1086 -5.84 -18.88 -50.55
N LYS A 1087 -6.63 -17.82 -50.71
CA LYS A 1087 -7.56 -17.67 -51.87
C LYS A 1087 -6.96 -16.68 -52.87
N GLU A 1088 -5.85 -16.02 -52.52
CA GLU A 1088 -5.16 -15.06 -53.42
C GLU A 1088 -3.67 -15.10 -53.09
N ALA A 1089 -2.85 -14.59 -54.00
CA ALA A 1089 -1.39 -14.52 -53.85
C ALA A 1089 -1.06 -13.58 -52.70
N LYS A 1090 -0.05 -13.96 -51.89
CA LYS A 1090 0.45 -13.12 -50.82
C LYS A 1090 1.96 -13.32 -50.68
N THR A 1091 2.63 -12.32 -50.11
CA THR A 1091 4.06 -12.31 -49.85
C THR A 1091 4.35 -12.69 -48.39
N PHE A 1092 5.18 -13.73 -48.19
CA PHE A 1092 5.58 -14.18 -46.85
C PHE A 1092 6.93 -13.56 -46.51
N ASP A 1093 6.95 -12.61 -45.55
CA ASP A 1093 8.18 -12.02 -45.10
C ASP A 1093 8.60 -12.75 -43.82
N TYR A 1094 9.83 -13.29 -43.81
CA TYR A 1094 10.27 -14.17 -42.72
C TYR A 1094 11.74 -13.86 -42.43
N VAL A 1095 12.27 -14.50 -41.40
CA VAL A 1095 13.65 -14.33 -40.99
C VAL A 1095 14.33 -15.71 -40.99
N THR A 1096 15.52 -15.79 -41.60
CA THR A 1096 16.29 -17.01 -41.63
C THR A 1096 17.02 -17.22 -40.30
N VAL A 1097 17.58 -18.42 -40.12
CA VAL A 1097 18.35 -18.75 -38.93
C VAL A 1097 19.55 -17.79 -38.80
N ASN A 1098 20.02 -17.22 -39.90
CA ASN A 1098 21.14 -16.29 -39.87
C ASN A 1098 20.66 -14.83 -39.87
N PHE A 1099 19.44 -14.57 -39.38
CA PHE A 1099 18.89 -13.20 -39.12
C PHE A 1099 18.71 -12.39 -40.43
N GLN A 1100 18.64 -13.07 -41.59
CA GLN A 1100 18.35 -12.39 -42.87
C GLN A 1100 16.82 -12.27 -43.04
N HIS A 1101 16.35 -11.04 -43.27
CA HIS A 1101 14.97 -10.74 -43.57
C HIS A 1101 14.73 -11.00 -45.06
N GLN A 1102 13.98 -12.06 -45.39
CA GLN A 1102 13.76 -12.47 -46.79
C GLN A 1102 12.27 -12.66 -47.03
N SER A 1103 11.90 -12.86 -48.29
CA SER A 1103 10.54 -12.99 -48.76
C SER A 1103 10.39 -14.19 -49.68
N LEU A 1104 9.21 -14.82 -49.64
CA LEU A 1104 8.75 -15.80 -50.62
C LEU A 1104 7.37 -15.37 -51.13
N GLU A 1105 7.11 -15.60 -52.41
CA GLU A 1105 5.79 -15.33 -53.02
C GLU A 1105 4.90 -16.56 -52.88
N LEU A 1106 3.79 -16.47 -52.16
CA LEU A 1106 2.82 -17.56 -52.10
C LEU A 1106 1.72 -17.34 -53.12
N VAL A 1107 1.26 -18.43 -53.74
CA VAL A 1107 0.12 -18.41 -54.64
C VAL A 1107 -1.10 -18.96 -53.92
N GLU A 1108 -2.25 -18.82 -54.58
CA GLU A 1108 -3.48 -19.43 -54.21
C GLU A 1108 -3.26 -20.91 -53.88
N LYS A 1109 -4.00 -21.45 -52.90
CA LYS A 1109 -3.98 -22.86 -52.55
C LYS A 1109 -2.64 -23.26 -51.91
N SER A 1110 -2.02 -22.33 -51.21
CA SER A 1110 -0.88 -22.60 -50.40
C SER A 1110 -0.98 -21.83 -49.07
N LEU A 1111 -0.09 -22.19 -48.14
CA LEU A 1111 0.15 -21.43 -46.95
C LEU A 1111 1.61 -21.66 -46.49
N ALA A 1112 2.04 -20.87 -45.52
CA ALA A 1112 3.41 -20.94 -45.07
C ALA A 1112 3.49 -20.84 -43.55
N PHE A 1113 4.54 -21.44 -43.02
CA PHE A 1113 4.90 -21.28 -41.63
C PHE A 1113 6.40 -21.58 -41.52
N THR A 1114 6.95 -21.54 -40.31
CA THR A 1114 8.33 -21.93 -40.14
C THR A 1114 8.42 -23.02 -39.08
N TYR A 1115 9.48 -23.81 -39.18
CA TYR A 1115 9.76 -24.83 -38.18
C TYR A 1115 11.26 -24.96 -38.05
N CYS A 1116 11.74 -24.82 -36.81
CA CYS A 1116 13.17 -24.60 -36.55
C CYS A 1116 13.71 -23.47 -37.45
N GLN A 1117 12.84 -22.48 -37.66
CA GLN A 1117 13.10 -21.24 -38.42
C GLN A 1117 13.46 -21.55 -39.88
N ILE A 1118 12.99 -22.70 -40.38
CA ILE A 1118 12.99 -22.95 -41.81
C ILE A 1118 11.58 -22.66 -42.35
N PRO A 1119 11.41 -21.90 -43.45
CA PRO A 1119 10.07 -21.70 -44.02
C PRO A 1119 9.60 -22.98 -44.71
N ILE A 1120 8.36 -23.34 -44.41
CA ILE A 1120 7.69 -24.46 -44.95
C ILE A 1120 6.43 -23.96 -45.66
N ILE A 1121 6.28 -24.34 -46.91
CA ILE A 1121 5.14 -24.03 -47.72
C ILE A 1121 4.35 -25.31 -48.00
N TYR A 1122 3.07 -25.32 -47.63
CA TYR A 1122 2.11 -26.32 -47.99
C TYR A 1122 1.35 -25.85 -49.22
N LYS A 1123 1.24 -26.74 -50.22
CA LYS A 1123 0.48 -26.41 -51.41
C LYS A 1123 -0.40 -27.61 -51.77
N ILE A 1124 -1.64 -27.34 -52.16
CA ILE A 1124 -2.56 -28.35 -52.60
C ILE A 1124 -2.11 -28.83 -53.97
N ALA A 1125 -2.09 -30.15 -54.15
CA ALA A 1125 -1.53 -30.76 -55.35
C ALA A 1125 -2.26 -32.07 -55.65
N ASN A 1126 -2.08 -32.58 -56.88
CA ASN A 1126 -2.68 -33.84 -57.31
C ASN A 1126 -1.99 -35.05 -56.68
N GLN A 1127 -0.74 -34.90 -56.21
CA GLN A 1127 0.05 -36.01 -55.68
C GLN A 1127 0.89 -35.49 -54.52
N LYS A 1128 0.99 -36.31 -53.47
CA LYS A 1128 1.89 -36.04 -52.38
C LYS A 1128 3.36 -35.98 -52.86
N CYS A 1129 4.09 -35.03 -52.27
CA CYS A 1129 5.48 -34.78 -52.59
C CYS A 1129 6.08 -33.87 -51.51
N ILE A 1130 7.35 -34.06 -51.19
CA ILE A 1130 8.12 -33.14 -50.40
C ILE A 1130 9.34 -32.72 -51.23
N GLU A 1131 9.73 -31.45 -51.11
CA GLU A 1131 10.87 -30.96 -51.82
C GLU A 1131 11.75 -30.15 -50.83
N VAL A 1132 13.00 -30.57 -50.67
CA VAL A 1132 13.91 -29.96 -49.75
C VAL A 1132 14.89 -29.14 -50.57
N PHE A 1133 14.94 -27.82 -50.32
CA PHE A 1133 15.81 -26.89 -51.04
C PHE A 1133 16.99 -26.57 -50.13
N THR A 1134 18.21 -26.78 -50.64
CA THR A 1134 19.42 -26.61 -49.83
C THR A 1134 20.22 -25.40 -50.34
N ASN A 1135 21.12 -24.91 -49.48
CA ASN A 1135 21.83 -23.63 -49.67
C ASN A 1135 22.93 -23.80 -50.71
N ASP A 1136 23.17 -25.04 -51.16
CA ASP A 1136 24.02 -25.33 -52.31
C ASP A 1136 23.29 -25.05 -53.63
N GLY A 1137 22.06 -24.54 -53.59
CA GLY A 1137 21.23 -24.29 -54.80
C GLY A 1137 20.57 -25.55 -55.41
N LYS A 1138 20.62 -26.69 -54.72
CA LYS A 1138 19.99 -27.91 -55.21
C LYS A 1138 18.65 -28.12 -54.50
N SER A 1139 17.82 -29.00 -55.06
CA SER A 1139 16.66 -29.50 -54.35
C SER A 1139 16.52 -31.01 -54.54
N ALA A 1140 15.72 -31.61 -53.69
CA ALA A 1140 15.54 -33.03 -53.63
C ALA A 1140 14.09 -33.35 -53.27
N LYS A 1141 13.48 -34.27 -54.02
CA LYS A 1141 12.05 -34.58 -53.96
C LYS A 1141 11.84 -36.05 -53.62
N ALA A 1142 10.74 -36.31 -52.88
CA ALA A 1142 10.26 -37.66 -52.68
C ALA A 1142 8.74 -37.61 -52.51
N ALA A 1143 8.06 -38.72 -52.79
CA ALA A 1143 6.62 -38.88 -52.58
C ALA A 1143 6.33 -38.97 -51.08
N SER A 1144 7.23 -39.60 -50.31
CA SER A 1144 7.02 -39.73 -48.86
C SER A 1144 7.16 -38.35 -48.16
N LEU A 1145 6.25 -38.06 -47.23
CA LEU A 1145 6.24 -36.85 -46.43
C LEU A 1145 7.01 -37.05 -45.10
N ILE A 1146 7.75 -38.15 -44.98
CA ILE A 1146 8.62 -38.40 -43.83
C ILE A 1146 10.05 -38.18 -44.30
N LEU A 1147 10.74 -37.24 -43.68
CA LEU A 1147 12.15 -37.02 -44.01
C LEU A 1147 13.00 -38.07 -43.29
N ASP A 1148 14.14 -38.39 -43.87
CA ASP A 1148 15.11 -39.28 -43.28
C ASP A 1148 15.74 -38.61 -42.04
N LYS A 1149 16.42 -39.42 -41.24
CA LYS A 1149 17.06 -38.94 -39.99
C LYS A 1149 18.11 -37.85 -40.26
N GLN A 1150 18.99 -38.00 -41.26
CA GLN A 1150 20.01 -37.00 -41.48
C GLN A 1150 19.39 -35.64 -41.89
N THR A 1151 18.47 -35.65 -42.86
CA THR A 1151 17.80 -34.40 -43.28
C THR A 1151 17.08 -33.75 -42.08
N SER A 1152 16.40 -34.58 -41.29
CA SER A 1152 15.69 -34.12 -40.11
C SER A 1152 16.66 -33.45 -39.12
N GLN A 1153 17.85 -34.04 -38.90
CA GLN A 1153 18.86 -33.46 -38.00
C GLN A 1153 19.34 -32.09 -38.58
N ASP A 1154 19.44 -31.99 -39.91
CA ASP A 1154 19.75 -30.71 -40.56
C ASP A 1154 18.70 -29.64 -40.22
N VAL A 1155 17.41 -30.01 -40.15
CA VAL A 1155 16.37 -29.09 -39.68
C VAL A 1155 16.57 -28.74 -38.18
N PHE A 1156 16.60 -29.76 -37.32
CA PHE A 1156 16.68 -29.57 -35.88
C PHE A 1156 17.95 -28.81 -35.48
N GLY A 1157 19.03 -29.00 -36.24
CA GLY A 1157 20.37 -28.50 -35.91
C GLY A 1157 20.57 -27.04 -36.31
N ARG A 1158 19.62 -26.47 -37.05
CA ARG A 1158 19.65 -25.04 -37.42
C ARG A 1158 20.98 -24.59 -38.04
N THR A 1159 21.59 -25.38 -38.90
CA THR A 1159 22.88 -25.02 -39.48
C THR A 1159 22.75 -24.20 -40.78
N GLY A 1160 21.53 -23.91 -41.26
CA GLY A 1160 21.40 -23.08 -42.47
C GLY A 1160 21.65 -23.85 -43.77
N ILE A 1161 21.78 -25.18 -43.70
CA ILE A 1161 21.97 -26.06 -44.86
C ILE A 1161 20.67 -26.12 -45.69
N ILE A 1162 19.51 -26.22 -45.04
CA ILE A 1162 18.24 -26.25 -45.72
C ILE A 1162 17.67 -24.83 -45.76
N ASN A 1163 17.28 -24.35 -46.95
CA ASN A 1163 16.79 -22.99 -47.18
C ASN A 1163 15.26 -22.95 -46.97
N LYS A 1164 14.55 -23.94 -47.50
CA LYS A 1164 13.11 -24.04 -47.36
C LYS A 1164 12.62 -25.45 -47.72
N ILE A 1165 11.40 -25.78 -47.30
CA ILE A 1165 10.77 -27.05 -47.64
C ILE A 1165 9.37 -26.76 -48.23
N GLU A 1166 9.05 -27.39 -49.36
CA GLU A 1166 7.69 -27.34 -49.95
C GLU A 1166 7.03 -28.72 -49.88
N VAL A 1167 5.81 -28.77 -49.36
CA VAL A 1167 5.08 -30.01 -49.15
C VAL A 1167 3.78 -29.95 -49.95
N SER A 1168 3.64 -30.91 -50.87
CA SER A 1168 2.46 -31.08 -51.71
C SER A 1168 1.47 -32.03 -51.03
N ILE A 1169 0.28 -31.50 -50.75
CA ILE A 1169 -0.76 -32.05 -49.88
C ILE A 1169 -2.00 -32.34 -50.74
N LEU A 1170 -2.67 -33.46 -50.47
CA LEU A 1170 -3.92 -33.84 -51.19
C LEU A 1170 -5.10 -33.04 -50.62
N GLU A 1171 -5.91 -32.49 -51.50
CA GLU A 1171 -7.13 -31.82 -51.09
C GLU A 1171 -8.01 -32.77 -50.26
N SER A 1172 -8.02 -34.05 -50.62
CA SER A 1172 -8.88 -35.03 -49.97
C SER A 1172 -8.42 -35.35 -48.54
N ASP A 1173 -7.21 -34.95 -48.13
CA ASP A 1173 -6.76 -35.16 -46.77
C ASP A 1173 -7.06 -33.94 -45.91
N LEU A 1174 -7.56 -32.85 -46.49
CA LEU A 1174 -7.90 -31.65 -45.73
C LEU A 1174 -9.36 -31.73 -45.27
N ARG A 1175 -9.64 -31.07 -44.13
CA ARG A 1175 -10.88 -31.19 -43.43
C ARG A 1175 -11.82 -30.02 -43.80
N SER B 38 -17.30 37.11 -6.27
CA SER B 38 -17.68 35.72 -6.67
C SER B 38 -17.66 34.79 -5.43
N ILE B 39 -16.48 34.54 -4.84
CA ILE B 39 -16.41 33.60 -3.71
C ILE B 39 -16.56 34.37 -2.39
N THR B 40 -17.79 34.39 -1.86
CA THR B 40 -18.09 35.05 -0.60
C THR B 40 -18.45 34.00 0.46
N MET B 41 -18.47 34.45 1.71
CA MET B 41 -18.86 33.64 2.87
C MET B 41 -19.95 34.36 3.68
N ASP B 42 -21.11 33.72 3.86
CA ASP B 42 -22.26 34.32 4.58
C ASP B 42 -22.80 33.35 5.64
N MET B 43 -23.51 33.92 6.63
CA MET B 43 -24.37 33.21 7.54
C MET B 43 -25.76 33.09 6.92
N VAL B 44 -26.28 31.86 6.84
CA VAL B 44 -27.52 31.56 6.16
C VAL B 44 -28.25 30.47 6.93
N SER B 45 -29.55 30.70 7.17
CA SER B 45 -30.45 29.73 7.78
C SER B 45 -30.86 28.67 6.74
N MET B 46 -30.66 27.40 7.07
CA MET B 46 -31.08 26.31 6.21
C MET B 46 -31.99 25.39 7.04
N ASN B 47 -33.29 25.41 6.72
CA ASN B 47 -34.30 24.66 7.45
C ASN B 47 -34.21 24.97 8.95
N GLY B 48 -34.01 26.26 9.29
CA GLY B 48 -34.05 26.74 10.66
C GLY B 48 -32.74 26.58 11.43
N GLU B 49 -31.68 26.08 10.79
CA GLU B 49 -30.35 25.92 11.41
C GLU B 49 -29.34 26.84 10.70
N MET B 50 -28.45 27.47 11.46
CA MET B 50 -27.47 28.41 10.88
C MET B 50 -26.24 27.65 10.33
N PHE B 51 -25.88 28.00 9.08
CA PHE B 51 -24.70 27.50 8.40
C PHE B 51 -23.84 28.65 7.88
N TYR B 52 -22.52 28.42 7.80
CA TYR B 52 -21.67 29.23 6.94
C TYR B 52 -21.78 28.70 5.51
N LYS B 53 -21.95 29.62 4.56
CA LYS B 53 -22.10 29.30 3.15
C LYS B 53 -20.92 29.88 2.37
N ILE B 54 -20.19 29.02 1.65
CA ILE B 54 -19.24 29.48 0.66
C ILE B 54 -19.90 29.45 -0.72
N ALA B 55 -20.19 30.64 -1.26
CA ALA B 55 -20.76 30.78 -2.59
C ALA B 55 -19.68 30.53 -3.66
N ASN B 56 -20.09 29.83 -4.72
CA ASN B 56 -19.24 29.52 -5.87
C ASN B 56 -18.00 28.76 -5.40
N ASN B 57 -18.21 27.75 -4.53
CA ASN B 57 -17.10 27.01 -3.93
C ASN B 57 -16.26 26.32 -5.02
N ASP B 58 -16.85 26.10 -6.20
CA ASP B 58 -16.18 25.40 -7.28
C ASP B 58 -15.21 26.35 -8.02
N ALA B 59 -15.18 27.64 -7.67
CA ALA B 59 -14.13 28.52 -8.18
C ALA B 59 -12.86 28.37 -7.33
N MET B 60 -12.95 27.70 -6.18
CA MET B 60 -11.77 27.41 -5.35
C MET B 60 -11.21 26.05 -5.74
N ARG B 61 -9.90 25.89 -5.56
CA ARG B 61 -9.31 24.59 -5.64
C ARG B 61 -9.91 23.70 -4.54
N PRO B 62 -10.41 22.50 -4.83
CA PRO B 62 -11.03 21.67 -3.79
C PRO B 62 -10.19 21.56 -2.51
N PHE B 63 -10.82 21.71 -1.33
CA PHE B 63 -10.12 21.66 -0.05
C PHE B 63 -10.73 20.57 0.84
N PHE B 64 -9.97 20.14 1.86
CA PHE B 64 -10.28 18.94 2.60
C PHE B 64 -10.79 19.31 4.02
N MET B 65 -11.82 18.58 4.48
CA MET B 65 -12.50 18.84 5.75
C MET B 65 -12.64 17.56 6.57
N THR B 66 -12.74 17.73 7.90
CA THR B 66 -13.22 16.70 8.79
C THR B 66 -14.59 17.14 9.30
N ILE B 67 -15.58 16.25 9.18
CA ILE B 67 -16.91 16.46 9.75
C ILE B 67 -16.92 15.72 11.10
N VAL B 68 -17.18 16.46 12.18
CA VAL B 68 -17.03 15.91 13.52
C VAL B 68 -18.35 15.28 13.97
N SER B 69 -18.22 14.30 14.87
CA SER B 69 -19.33 13.60 15.51
C SER B 69 -19.11 13.57 17.03
N ASP B 70 -20.22 13.59 17.77
CA ASP B 70 -20.26 13.28 19.21
C ASP B 70 -20.01 11.77 19.42
N SER B 71 -20.28 10.97 18.38
CA SER B 71 -20.21 9.52 18.44
C SER B 71 -18.89 9.04 17.82
N ASN B 72 -18.88 7.89 17.13
CA ASN B 72 -17.62 7.30 16.62
C ASN B 72 -17.52 7.41 15.09
N HIS B 73 -18.37 8.24 14.47
CA HIS B 73 -18.29 8.49 13.05
C HIS B 73 -17.01 9.24 12.73
N TRP B 74 -16.43 8.93 11.56
CA TRP B 74 -15.45 9.80 10.93
C TRP B 74 -15.88 10.02 9.48
N MET B 75 -15.59 11.22 8.99
CA MET B 75 -15.87 11.60 7.61
C MET B 75 -14.87 12.67 7.17
N PHE B 76 -14.10 12.33 6.13
CA PHE B 76 -13.11 13.20 5.55
C PHE B 76 -13.52 13.48 4.10
N VAL B 77 -13.87 14.73 3.82
CA VAL B 77 -14.58 15.07 2.63
C VAL B 77 -14.00 16.33 2.01
N SER B 78 -13.92 16.34 0.67
CA SER B 78 -13.50 17.47 -0.12
C SER B 78 -14.70 18.39 -0.42
N SER B 79 -14.41 19.63 -0.76
CA SER B 79 -15.41 20.60 -1.10
C SER B 79 -16.04 20.24 -2.45
N ASN B 80 -15.41 19.32 -3.19
CA ASN B 80 -15.99 18.82 -4.42
C ASN B 80 -16.90 17.62 -4.14
N GLY B 81 -17.00 17.12 -2.91
CA GLY B 81 -17.89 15.99 -2.60
C GLY B 81 -17.17 14.64 -2.44
N GLY B 82 -15.94 14.53 -2.91
CA GLY B 82 -15.19 13.28 -2.77
C GLY B 82 -14.97 12.94 -1.30
N LEU B 83 -15.19 11.69 -0.88
CA LEU B 83 -15.05 11.41 0.55
C LEU B 83 -14.60 9.98 0.83
N THR B 84 -14.08 9.83 2.05
CA THR B 84 -14.08 8.58 2.78
C THR B 84 -14.81 8.78 4.12
N ALA B 85 -15.52 7.73 4.57
CA ALA B 85 -16.24 7.80 5.82
C ALA B 85 -16.40 6.39 6.37
N GLY B 86 -16.66 6.34 7.68
CA GLY B 86 -16.85 5.09 8.39
C GLY B 86 -17.14 5.34 9.86
N ARG B 87 -17.06 4.28 10.67
CA ARG B 87 -17.20 4.42 12.10
C ARG B 87 -16.01 3.72 12.78
N LYS B 88 -15.54 4.32 13.88
CA LYS B 88 -14.44 3.83 14.72
C LYS B 88 -13.10 4.05 14.00
N ASN B 89 -12.82 3.26 12.94
CA ASN B 89 -11.52 3.36 12.26
C ASN B 89 -11.63 2.93 10.78
N ALA B 90 -10.49 2.95 10.08
CA ALA B 90 -10.48 2.69 8.63
C ALA B 90 -10.87 1.24 8.30
N GLU B 91 -10.95 0.36 9.30
CA GLU B 91 -11.26 -1.03 9.07
C GLU B 91 -12.78 -1.25 9.01
N TYR B 92 -13.58 -0.19 9.24
CA TYR B 92 -15.02 -0.17 9.09
C TYR B 92 -15.41 1.04 8.22
N ALA B 93 -14.71 1.20 7.08
CA ALA B 93 -14.97 2.24 6.12
C ALA B 93 -16.23 1.93 5.31
N LEU B 94 -17.07 2.94 5.11
CA LEU B 94 -18.20 2.90 4.19
C LEU B 94 -17.74 3.16 2.75
N PHE B 95 -16.85 4.14 2.59
CA PHE B 95 -16.19 4.45 1.35
C PHE B 95 -14.68 4.26 1.54
N PRO B 96 -13.94 3.83 0.49
CA PRO B 96 -12.54 3.44 0.66
C PRO B 96 -11.64 4.52 1.28
N TYR B 97 -10.73 4.09 2.16
CA TYR B 97 -9.85 5.01 2.89
C TYR B 97 -8.53 5.15 2.12
N TYR B 98 -8.38 6.27 1.42
CA TYR B 98 -7.19 6.59 0.66
C TYR B 98 -6.65 7.94 1.15
N THR B 99 -5.47 8.33 0.64
CA THR B 99 -4.91 9.66 0.90
C THR B 99 -5.81 10.76 0.32
N ASP B 100 -5.64 12.01 0.80
CA ASP B 100 -6.62 13.05 0.54
C ASP B 100 -6.65 13.49 -0.93
N ASP B 101 -5.49 13.48 -1.61
CA ASP B 101 -5.41 13.68 -3.08
C ASP B 101 -6.31 12.66 -3.82
N LYS B 102 -6.19 11.36 -3.48
CA LYS B 102 -6.97 10.34 -4.19
C LYS B 102 -8.46 10.40 -3.83
N ILE B 103 -8.78 10.74 -2.57
CA ILE B 103 -10.17 10.99 -2.18
C ILE B 103 -10.76 12.09 -3.07
N THR B 104 -10.07 13.23 -3.14
CA THR B 104 -10.51 14.41 -3.91
C THR B 104 -10.74 14.05 -5.39
N GLU B 105 -9.87 13.18 -5.93
CA GLU B 105 -9.85 12.81 -7.36
C GLU B 105 -10.93 11.75 -7.66
N SER B 106 -11.60 11.19 -6.64
CA SER B 106 -12.51 10.04 -6.77
C SER B 106 -13.99 10.43 -6.81
N ALA B 107 -14.33 11.73 -6.85
CA ALA B 107 -15.74 12.22 -6.68
C ALA B 107 -16.70 11.66 -7.73
N ASP B 108 -16.21 11.43 -8.96
CA ASP B 108 -17.08 10.98 -10.04
C ASP B 108 -17.55 9.52 -9.83
N ILE B 109 -16.75 8.67 -9.14
CA ILE B 109 -17.03 7.23 -9.05
C ILE B 109 -17.32 6.78 -7.62
N THR B 110 -17.04 7.63 -6.62
CA THR B 110 -17.18 7.23 -5.25
C THR B 110 -18.02 8.26 -4.49
N GLY B 111 -18.99 7.75 -3.72
CA GLY B 111 -19.81 8.60 -2.88
C GLY B 111 -21.11 8.97 -3.56
N SER B 112 -21.51 10.22 -3.40
CA SER B 112 -22.79 10.77 -3.84
C SER B 112 -22.83 10.88 -5.37
N LYS B 113 -23.95 10.49 -5.98
CA LYS B 113 -24.12 10.61 -7.42
C LYS B 113 -25.61 10.79 -7.71
N SER B 114 -25.94 11.76 -8.56
CA SER B 114 -27.30 12.15 -8.89
C SER B 114 -27.39 12.51 -10.38
N ILE B 115 -28.30 11.84 -11.10
CA ILE B 115 -28.60 12.16 -12.50
C ILE B 115 -30.12 12.34 -12.66
N PHE B 116 -30.51 13.43 -13.34
CA PHE B 116 -31.91 13.77 -13.59
C PHE B 116 -32.16 13.83 -15.10
N GLN B 117 -33.20 13.09 -15.54
CA GLN B 117 -33.77 13.12 -16.90
C GLN B 117 -35.05 13.96 -16.84
N ILE B 118 -35.01 15.16 -17.42
CA ILE B 118 -36.06 16.18 -17.28
C ILE B 118 -36.74 16.36 -18.63
N GLN B 119 -38.05 16.14 -18.67
CA GLN B 119 -38.83 16.42 -19.89
C GLN B 119 -39.17 17.92 -19.92
N TYR B 120 -38.63 18.62 -20.92
CA TYR B 120 -38.82 20.04 -21.16
C TYR B 120 -39.00 20.22 -22.68
N ASN B 121 -40.17 20.75 -23.07
CA ASN B 121 -40.68 20.74 -24.45
C ASN B 121 -41.01 19.29 -24.80
N ASN B 122 -40.55 18.83 -25.97
CA ASN B 122 -40.59 17.41 -26.32
C ASN B 122 -39.13 16.95 -26.43
N GLU B 123 -38.32 17.33 -25.43
CA GLU B 123 -36.88 16.99 -25.34
C GLU B 123 -36.58 16.37 -23.97
N LEU B 124 -35.74 15.32 -23.95
CA LEU B 124 -35.22 14.77 -22.69
C LEU B 124 -33.85 15.39 -22.40
N ILE B 125 -33.76 16.17 -21.32
CA ILE B 125 -32.58 16.90 -20.90
C ILE B 125 -31.96 16.19 -19.69
N VAL B 126 -30.65 15.92 -19.75
CA VAL B 126 -29.94 15.24 -18.67
C VAL B 126 -29.09 16.25 -17.89
N TRP B 127 -29.23 16.24 -16.57
CA TRP B 127 -28.50 17.10 -15.68
C TRP B 127 -27.89 16.24 -14.57
N GLU B 128 -26.57 16.37 -14.37
CA GLU B 128 -25.80 15.59 -13.41
C GLU B 128 -25.05 16.54 -12.48
N PRO B 129 -25.74 17.06 -11.44
CA PRO B 129 -25.13 18.04 -10.56
C PRO B 129 -23.90 17.44 -9.84
N PHE B 130 -22.96 18.33 -9.56
CA PHE B 130 -21.70 18.07 -8.85
C PHE B 130 -20.69 17.28 -9.71
N SER B 131 -21.06 16.88 -10.94
CA SER B 131 -20.17 16.14 -11.80
C SER B 131 -19.43 17.11 -12.73
N GLU B 132 -18.43 16.54 -13.42
CA GLU B 132 -17.70 17.23 -14.45
C GLU B 132 -17.99 16.56 -15.80
N ARG B 133 -19.16 15.93 -15.92
CA ARG B 133 -19.52 15.11 -17.08
C ARG B 133 -20.14 15.94 -18.21
N PHE B 134 -20.62 17.15 -17.88
CA PHE B 134 -21.34 17.99 -18.85
C PHE B 134 -20.81 19.43 -18.76
N THR B 135 -19.49 19.61 -19.01
CA THR B 135 -18.85 20.89 -18.78
C THR B 135 -19.48 22.02 -19.62
N ASN B 136 -19.89 23.08 -18.93
CA ASN B 136 -20.48 24.31 -19.45
C ASN B 136 -21.74 24.03 -20.29
N LYS B 137 -22.43 22.91 -20.05
CA LYS B 137 -23.70 22.63 -20.70
C LYS B 137 -24.78 23.59 -20.18
N PHE B 138 -24.75 23.89 -18.88
CA PHE B 138 -25.72 24.75 -18.20
C PHE B 138 -24.99 25.86 -17.44
N LYS B 139 -25.66 27.00 -17.22
CA LYS B 139 -25.27 27.98 -16.21
C LYS B 139 -25.64 27.40 -14.84
N ILE B 140 -24.64 27.21 -13.98
CA ILE B 140 -24.84 26.58 -12.70
C ILE B 140 -24.12 27.41 -11.64
N THR B 141 -24.63 27.34 -10.41
CA THR B 141 -23.98 27.88 -9.24
C THR B 141 -23.85 26.77 -8.21
N ARG B 142 -22.62 26.59 -7.70
CA ARG B 142 -22.37 25.63 -6.67
C ARG B 142 -22.03 26.38 -5.37
N ASN B 143 -22.71 25.96 -4.29
CA ASN B 143 -22.53 26.50 -2.96
C ASN B 143 -22.26 25.34 -1.99
N LEU B 144 -21.49 25.66 -0.95
CA LEU B 144 -21.09 24.71 0.07
C LEU B 144 -21.43 25.29 1.45
N TYR B 145 -22.04 24.47 2.30
CA TYR B 145 -22.49 24.93 3.61
C TYR B 145 -21.97 24.00 4.69
N LYS B 146 -21.52 24.59 5.80
CA LYS B 146 -21.14 23.83 6.97
C LYS B 146 -21.68 24.55 8.22
N ASN B 147 -22.25 23.79 9.16
CA ASN B 147 -22.96 24.39 10.32
C ASN B 147 -21.93 24.88 11.33
N TYR B 148 -22.39 25.61 12.34
CA TYR B 148 -21.51 26.30 13.28
C TYR B 148 -20.79 25.27 14.17
N TYR B 149 -21.36 24.07 14.32
CA TYR B 149 -20.81 23.05 15.21
C TYR B 149 -19.86 22.14 14.45
N GLY B 150 -19.92 22.16 13.11
CA GLY B 150 -19.04 21.38 12.22
C GLY B 150 -19.46 19.92 12.04
N ASN B 151 -20.73 19.57 12.32
CA ASN B 151 -21.16 18.16 12.26
C ASN B 151 -22.16 17.94 11.12
N LYS B 152 -22.40 18.96 10.28
CA LYS B 152 -23.26 18.84 9.12
C LYS B 152 -22.69 19.64 7.96
N ILE B 153 -22.84 19.09 6.74
CA ILE B 153 -22.38 19.76 5.53
C ILE B 153 -23.41 19.58 4.42
N ILE B 154 -23.65 20.65 3.67
CA ILE B 154 -24.60 20.63 2.55
C ILE B 154 -23.86 21.00 1.27
N PHE B 155 -24.05 20.19 0.24
CA PHE B 155 -23.65 20.49 -1.14
C PHE B 155 -24.88 20.94 -1.91
N GLU B 156 -24.75 22.02 -2.68
CA GLU B 156 -25.85 22.61 -3.42
C GLU B 156 -25.41 22.99 -4.83
N GLU B 157 -26.25 22.65 -5.81
CA GLU B 157 -26.10 23.11 -7.18
C GLU B 157 -27.43 23.66 -7.69
N ILE B 158 -27.39 24.92 -8.14
CA ILE B 158 -28.52 25.59 -8.80
C ILE B 158 -28.31 25.48 -10.30
N ASN B 159 -29.27 24.86 -11.00
CA ASN B 159 -29.28 24.87 -12.45
C ASN B 159 -30.11 26.08 -12.87
N GLU B 160 -29.43 27.15 -13.28
CA GLU B 160 -30.06 28.43 -13.52
C GLU B 160 -30.85 28.39 -14.83
N ASP B 161 -30.53 27.47 -15.73
CA ASP B 161 -31.24 27.39 -16.98
C ASP B 161 -32.60 26.75 -16.74
N LEU B 162 -32.73 25.88 -15.75
CA LEU B 162 -33.98 25.14 -15.53
C LEU B 162 -34.76 25.69 -14.32
N GLY B 163 -34.12 26.54 -13.51
CA GLY B 163 -34.68 26.98 -12.22
C GLY B 163 -34.89 25.83 -11.25
N LEU B 164 -33.96 24.88 -11.26
CA LEU B 164 -33.96 23.67 -10.42
C LEU B 164 -32.72 23.74 -9.53
N THR B 165 -32.89 23.44 -8.24
CA THR B 165 -31.77 23.36 -7.30
C THR B 165 -31.76 21.95 -6.66
N TYR B 166 -30.58 21.33 -6.61
CA TYR B 166 -30.38 20.07 -5.87
C TYR B 166 -29.38 20.30 -4.73
N ARG B 167 -29.77 19.82 -3.54
CA ARG B 167 -28.93 19.85 -2.37
C ARG B 167 -28.88 18.44 -1.79
N TYR B 168 -27.73 18.06 -1.24
CA TYR B 168 -27.69 16.93 -0.32
C TYR B 168 -26.80 17.30 0.88
N GLN B 169 -27.15 16.73 2.04
CA GLN B 169 -26.58 17.07 3.32
C GLN B 169 -26.14 15.78 4.03
N TRP B 170 -24.92 15.77 4.56
CA TRP B 170 -24.47 14.63 5.39
C TRP B 170 -24.67 14.98 6.87
N CYS B 171 -25.33 14.06 7.59
CA CYS B 171 -25.52 14.11 9.03
C CYS B 171 -25.07 12.77 9.61
N SER B 172 -24.79 12.76 10.92
CA SER B 172 -24.45 11.55 11.64
C SER B 172 -25.54 11.19 12.65
N SER B 173 -25.71 9.89 12.87
CA SER B 173 -26.68 9.37 13.82
C SER B 173 -26.03 8.17 14.53
N ASN B 174 -25.97 8.23 15.86
CA ASN B 174 -25.34 7.20 16.63
C ASN B 174 -26.08 5.88 16.35
N GLN B 175 -27.40 5.96 16.30
CA GLN B 175 -28.25 4.79 16.10
C GLN B 175 -28.20 4.27 14.66
N PHE B 176 -28.19 5.14 13.64
CA PHE B 176 -28.48 4.70 12.27
C PHE B 176 -27.29 4.79 11.32
N GLY B 177 -26.23 5.54 11.68
CA GLY B 177 -25.02 5.68 10.87
C GLY B 177 -24.93 7.07 10.23
N PHE B 178 -24.85 7.10 8.89
CA PHE B 178 -24.80 8.33 8.12
C PHE B 178 -26.16 8.53 7.44
N VAL B 179 -26.60 9.78 7.38
CA VAL B 179 -27.88 10.13 6.80
C VAL B 179 -27.63 11.23 5.76
N ARG B 180 -27.99 10.91 4.51
CA ARG B 180 -27.87 11.82 3.40
C ARG B 180 -29.26 12.33 3.08
N LYS B 181 -29.50 13.60 3.41
CA LYS B 181 -30.79 14.23 3.20
C LYS B 181 -30.74 15.00 1.88
N SER B 182 -31.70 14.69 1.00
CA SER B 182 -31.80 15.24 -0.35
C SER B 182 -33.02 16.17 -0.46
N GLU B 183 -32.82 17.26 -1.22
CA GLU B 183 -33.87 18.20 -1.61
C GLU B 183 -33.68 18.59 -3.09
N LEU B 184 -34.75 18.40 -3.88
CA LEU B 184 -34.88 18.90 -5.23
C LEU B 184 -35.98 19.96 -5.25
N SER B 185 -35.58 21.19 -5.59
CA SER B 185 -36.40 22.38 -5.50
C SER B 185 -36.64 22.97 -6.90
N ASN B 186 -37.90 23.09 -7.30
CA ASN B 186 -38.28 23.72 -8.56
C ASN B 186 -38.72 25.16 -8.26
N HIS B 187 -37.84 26.13 -8.54
CA HIS B 187 -38.16 27.57 -8.41
C HIS B 187 -38.40 28.23 -9.78
N SER B 188 -38.62 27.41 -10.82
CA SER B 188 -38.99 27.93 -12.15
C SER B 188 -40.48 28.21 -12.17
N LYS B 189 -40.99 28.65 -13.32
CA LYS B 189 -42.43 28.78 -13.56
C LYS B 189 -42.95 27.55 -14.32
N ASN B 190 -42.11 26.53 -14.55
CA ASN B 190 -42.47 25.34 -15.36
C ASN B 190 -42.82 24.15 -14.46
N VAL B 191 -43.62 23.22 -15.02
CA VAL B 191 -43.84 21.89 -14.45
C VAL B 191 -42.91 20.90 -15.19
N TYR B 192 -42.18 20.08 -14.44
CA TYR B 192 -41.18 19.18 -15.01
C TYR B 192 -41.52 17.71 -14.71
N GLU B 193 -41.55 16.89 -15.76
CA GLU B 193 -41.55 15.42 -15.60
C GLU B 193 -40.11 14.98 -15.42
N ILE B 194 -39.77 14.45 -14.23
CA ILE B 194 -38.40 14.10 -13.92
C ILE B 194 -38.32 12.62 -13.58
N SER B 195 -37.43 11.91 -14.28
CA SER B 195 -36.97 10.60 -13.86
C SER B 195 -35.59 10.75 -13.22
N LEU B 196 -35.46 10.39 -11.95
CA LEU B 196 -34.20 10.63 -11.24
C LEU B 196 -33.54 9.31 -10.86
N LEU B 197 -32.20 9.31 -10.88
CA LEU B 197 -31.34 8.28 -10.33
C LEU B 197 -30.43 8.95 -9.29
N ASP B 198 -30.59 8.59 -8.03
CA ASP B 198 -29.87 9.24 -6.95
C ASP B 198 -29.40 8.21 -5.92
N GLY B 199 -28.17 8.40 -5.40
CA GLY B 199 -27.68 7.52 -4.35
C GLY B 199 -26.18 7.65 -4.13
N ILE B 200 -25.55 6.55 -3.75
CA ILE B 200 -24.17 6.49 -3.36
C ILE B 200 -23.52 5.28 -4.03
N GLN B 201 -22.24 5.43 -4.41
CA GLN B 201 -21.52 4.37 -5.13
C GLN B 201 -20.10 4.17 -4.57
N ASN B 202 -19.52 3.05 -4.98
CA ASN B 202 -18.28 2.51 -4.45
C ASN B 202 -18.40 2.35 -2.93
N ILE B 203 -19.53 1.75 -2.51
CA ILE B 203 -19.77 1.34 -1.14
C ILE B 203 -18.88 0.14 -0.85
N MET B 204 -18.10 0.22 0.21
CA MET B 204 -17.29 -0.90 0.63
C MET B 204 -18.20 -1.98 1.18
N PRO B 205 -17.85 -3.26 0.99
CA PRO B 205 -18.43 -4.33 1.77
C PRO B 205 -17.75 -4.36 3.14
N TYR B 206 -18.38 -5.00 4.12
CA TYR B 206 -17.75 -5.21 5.40
C TYR B 206 -16.57 -6.18 5.23
N GLY B 207 -15.49 -5.92 5.97
CA GLY B 207 -14.46 -6.90 6.28
C GLY B 207 -13.25 -6.88 5.36
N VAL B 208 -13.11 -5.83 4.57
CA VAL B 208 -11.89 -5.54 3.79
C VAL B 208 -10.97 -4.63 4.60
N SER B 209 -9.73 -5.08 4.86
CA SER B 209 -8.72 -4.26 5.55
C SER B 209 -8.38 -3.03 4.69
N SER B 210 -8.09 -1.89 5.32
CA SER B 210 -7.69 -0.69 4.58
C SER B 210 -6.42 -0.96 3.75
N ASP B 211 -5.51 -1.77 4.28
CA ASP B 211 -4.27 -2.14 3.58
C ASP B 211 -4.62 -2.87 2.27
N LEU B 212 -5.52 -3.86 2.32
CA LEU B 212 -5.84 -4.66 1.14
C LEU B 212 -6.57 -3.79 0.10
N GLN B 213 -7.48 -2.93 0.55
CA GLN B 213 -8.23 -2.07 -0.35
C GLN B 213 -7.29 -1.08 -1.04
N SER B 214 -6.25 -0.68 -0.31
CA SER B 214 -5.29 0.30 -0.83
C SER B 214 -4.39 -0.31 -1.91
N SER B 215 -3.94 -1.55 -1.72
CA SER B 215 -2.88 -2.17 -2.53
C SER B 215 -3.45 -3.14 -3.59
N THR B 216 -4.61 -3.74 -3.32
CA THR B 216 -5.11 -4.83 -4.14
C THR B 216 -6.64 -4.71 -4.33
N SER B 217 -7.11 -3.53 -4.71
CA SER B 217 -8.57 -3.28 -4.82
C SER B 217 -9.25 -4.21 -5.86
N ASN B 218 -8.53 -4.52 -6.94
CA ASN B 218 -9.06 -5.36 -8.03
C ASN B 218 -9.39 -6.76 -7.52
N LEU B 219 -8.53 -7.36 -6.67
CA LEU B 219 -8.78 -8.70 -6.15
C LEU B 219 -10.04 -8.69 -5.29
N VAL B 220 -10.23 -7.62 -4.51
CA VAL B 220 -11.36 -7.50 -3.59
C VAL B 220 -12.67 -7.60 -4.39
N ASP B 221 -12.74 -6.98 -5.57
CA ASP B 221 -13.96 -6.97 -6.38
C ASP B 221 -14.47 -8.40 -6.61
N ALA B 222 -13.57 -9.38 -6.78
CA ALA B 222 -13.98 -10.71 -7.09
C ALA B 222 -14.74 -11.39 -5.94
N TYR B 223 -14.68 -10.80 -4.74
CA TYR B 223 -15.35 -11.30 -3.56
C TYR B 223 -16.62 -10.48 -3.25
N LYS B 224 -16.94 -9.48 -4.05
CA LYS B 224 -18.10 -8.63 -3.69
C LYS B 224 -19.42 -9.29 -4.10
N ARG B 225 -20.42 -9.18 -3.23
CA ARG B 225 -21.81 -9.51 -3.59
C ARG B 225 -22.72 -8.46 -2.94
N SER B 226 -23.43 -7.70 -3.79
CA SER B 226 -24.40 -6.68 -3.38
C SER B 226 -25.83 -7.18 -3.63
N GLU B 227 -26.69 -7.06 -2.63
CA GLU B 227 -28.06 -7.59 -2.71
C GLU B 227 -29.07 -6.54 -2.26
N LEU B 228 -30.30 -6.68 -2.74
CA LEU B 228 -31.41 -5.91 -2.23
C LEU B 228 -32.38 -6.82 -1.47
N HIS B 229 -32.80 -6.40 -0.28
CA HIS B 229 -33.88 -7.02 0.45
C HIS B 229 -35.19 -6.47 -0.11
N PRO B 230 -35.93 -7.28 -0.90
CA PRO B 230 -37.00 -6.77 -1.75
C PRO B 230 -38.09 -5.97 -0.99
N LYS B 231 -38.61 -6.55 0.09
CA LYS B 231 -39.75 -5.93 0.81
C LYS B 231 -39.37 -4.52 1.33
N SER B 232 -38.14 -4.33 1.80
CA SER B 232 -37.75 -3.12 2.51
C SER B 232 -37.03 -2.11 1.59
N GLY B 233 -36.47 -2.59 0.48
CA GLY B 233 -35.54 -1.81 -0.35
C GLY B 233 -34.16 -1.61 0.26
N LEU B 234 -33.81 -2.32 1.34
CA LEU B 234 -32.48 -2.17 1.96
C LEU B 234 -31.42 -2.92 1.12
N GLY B 235 -30.27 -2.28 0.95
CA GLY B 235 -29.10 -2.81 0.23
C GLY B 235 -28.07 -3.39 1.19
N ILE B 236 -27.61 -4.61 0.89
CA ILE B 236 -26.64 -5.34 1.69
C ILE B 236 -25.34 -5.45 0.88
N PHE B 237 -24.25 -4.94 1.46
CA PHE B 237 -22.96 -4.88 0.79
C PHE B 237 -21.98 -5.77 1.58
N ALA B 238 -21.71 -6.96 1.04
CA ALA B 238 -20.92 -7.95 1.74
C ALA B 238 -19.88 -8.59 0.82
N LEU B 239 -19.07 -9.47 1.41
CA LEU B 239 -18.10 -10.30 0.70
C LEU B 239 -18.65 -11.72 0.67
N SER B 240 -18.23 -12.51 -0.33
CA SER B 240 -18.59 -13.90 -0.39
C SER B 240 -17.79 -14.70 0.65
N ALA B 241 -16.62 -14.20 1.03
CA ALA B 241 -15.74 -14.75 2.09
C ALA B 241 -14.81 -13.62 2.54
N ILE B 242 -14.37 -13.65 3.80
CA ILE B 242 -13.32 -12.74 4.26
C ILE B 242 -12.04 -13.20 3.56
N ILE B 243 -11.32 -12.25 2.98
CA ILE B 243 -10.15 -12.57 2.20
C ILE B 243 -8.96 -12.83 3.14
N VAL B 244 -8.35 -14.00 3.02
CA VAL B 244 -7.33 -14.41 3.94
C VAL B 244 -6.33 -15.31 3.19
N ASP B 245 -5.06 -15.31 3.64
CA ASP B 245 -4.00 -16.15 3.05
C ASP B 245 -4.17 -17.64 3.41
N LYS B 246 -4.72 -17.94 4.56
CA LYS B 246 -4.87 -19.28 5.04
C LYS B 246 -5.78 -20.09 4.09
N ALA B 247 -5.44 -21.36 3.87
CA ALA B 247 -6.31 -22.31 3.22
C ALA B 247 -7.36 -22.84 4.20
N GLU B 248 -8.24 -21.95 4.66
CA GLU B 248 -9.23 -22.34 5.62
C GLU B 248 -10.51 -21.53 5.39
N PRO B 249 -11.68 -22.07 5.78
CA PRO B 249 -12.94 -21.38 5.57
C PRO B 249 -12.94 -20.04 6.31
N SER B 250 -13.62 -19.05 5.74
CA SER B 250 -13.60 -17.70 6.23
C SER B 250 -14.91 -16.97 5.90
N GLU B 251 -15.92 -17.17 6.73
CA GLU B 251 -17.28 -16.69 6.51
C GLU B 251 -17.34 -15.18 6.79
N ALA B 252 -18.11 -14.46 5.97
CA ALA B 252 -18.33 -13.04 6.12
C ALA B 252 -19.78 -12.80 6.58
N LEU B 253 -19.95 -12.63 7.89
CA LEU B 253 -21.25 -12.66 8.51
C LEU B 253 -21.62 -11.26 9.01
N LYS B 254 -20.97 -10.22 8.47
CA LYS B 254 -21.44 -8.86 8.62
C LYS B 254 -21.43 -8.17 7.27
N ALA B 255 -22.09 -7.02 7.20
CA ALA B 255 -22.26 -6.26 5.97
C ALA B 255 -22.30 -4.77 6.26
N ASN B 256 -22.03 -3.95 5.23
CA ASN B 256 -22.44 -2.57 5.21
C ASN B 256 -23.82 -2.50 4.55
N ILE B 257 -24.59 -1.45 4.87
CA ILE B 257 -26.00 -1.33 4.43
C ILE B 257 -26.31 0.09 4.00
N ALA B 258 -27.32 0.20 3.14
CA ALA B 258 -27.96 1.46 2.82
C ALA B 258 -29.43 1.21 2.55
N TRP B 259 -30.26 2.18 2.96
CA TRP B 259 -31.70 2.14 2.79
C TRP B 259 -32.22 3.58 2.65
N SER B 260 -33.53 3.70 2.41
CA SER B 260 -34.09 4.92 1.92
C SER B 260 -35.52 5.12 2.44
N LEU B 261 -35.91 6.39 2.57
CA LEU B 261 -37.27 6.83 2.88
C LEU B 261 -37.63 8.03 1.98
N GLY B 262 -38.88 8.09 1.53
CA GLY B 262 -39.43 9.32 1.00
C GLY B 262 -39.77 9.28 -0.48
N LEU B 263 -39.34 8.24 -1.22
CA LEU B 263 -39.61 8.14 -2.67
C LEU B 263 -40.66 7.05 -2.90
N ASN B 264 -41.58 7.30 -3.84
CA ASN B 264 -42.69 6.42 -4.07
C ASN B 264 -42.31 5.37 -5.11
N ASN B 265 -42.58 4.10 -4.77
CA ASN B 265 -42.40 2.90 -5.62
C ASN B 265 -41.09 2.95 -6.38
N PRO B 266 -39.93 3.10 -5.71
CA PRO B 266 -38.65 3.23 -6.41
C PRO B 266 -38.18 1.91 -7.03
N LYS B 267 -37.46 2.01 -8.15
CA LYS B 267 -36.62 0.93 -8.63
C LYS B 267 -35.23 1.10 -7.99
N TYR B 268 -34.52 -0.02 -7.81
CA TYR B 268 -33.25 0.01 -7.12
C TYR B 268 -32.14 -0.57 -8.00
N LEU B 269 -30.96 0.06 -7.92
CA LEU B 269 -29.71 -0.53 -8.40
C LEU B 269 -28.81 -0.83 -7.21
N VAL B 270 -28.02 -1.91 -7.31
CA VAL B 270 -27.03 -2.23 -6.23
C VAL B 270 -25.61 -2.26 -6.80
N SER B 271 -25.44 -1.54 -7.91
CA SER B 271 -24.21 -1.41 -8.62
C SER B 271 -24.30 -0.17 -9.50
N SER B 272 -23.14 0.23 -10.04
CA SER B 272 -23.04 1.36 -10.94
C SER B 272 -23.04 0.89 -12.41
N LEU B 273 -23.38 -0.39 -12.68
CA LEU B 273 -23.28 -0.96 -14.05
C LEU B 273 -24.15 -0.16 -15.04
N GLN B 274 -25.33 0.31 -14.63
CA GLN B 274 -26.28 0.95 -15.59
C GLN B 274 -26.25 2.49 -15.50
N LEU B 275 -25.32 3.03 -14.72
CA LEU B 275 -25.29 4.46 -14.46
C LEU B 275 -25.13 5.23 -15.78
N ASN B 276 -24.22 4.74 -16.62
CA ASN B 276 -23.94 5.41 -17.86
C ASN B 276 -25.12 5.31 -18.84
N HIS B 277 -25.85 4.20 -18.81
CA HIS B 277 -27.04 4.03 -19.62
C HIS B 277 -28.05 5.16 -19.31
N PHE B 278 -28.24 5.46 -18.02
CA PHE B 278 -29.13 6.51 -17.56
C PHE B 278 -28.61 7.90 -17.96
N ARG B 279 -27.29 8.07 -17.87
CA ARG B 279 -26.61 9.29 -18.24
C ARG B 279 -26.90 9.59 -19.71
N ASN B 280 -27.09 8.55 -20.52
CA ASN B 280 -27.32 8.70 -21.95
C ASN B 280 -28.83 8.73 -22.25
N GLY B 281 -29.66 8.98 -21.23
CA GLY B 281 -31.09 9.25 -21.43
C GLY B 281 -31.96 8.00 -21.52
N LYS B 282 -31.40 6.82 -21.19
CA LYS B 282 -32.17 5.55 -21.20
C LYS B 282 -32.62 5.17 -19.79
N SER B 283 -33.55 4.22 -19.74
CA SER B 283 -34.19 3.76 -18.49
C SER B 283 -33.44 2.51 -18.00
N ILE B 284 -33.57 2.21 -16.71
CA ILE B 284 -32.75 1.19 -16.10
C ILE B 284 -33.63 -0.02 -15.78
N SER B 285 -32.99 -1.16 -15.56
CA SER B 285 -33.61 -2.38 -15.03
C SER B 285 -33.28 -2.51 -13.55
N PRO B 286 -34.26 -2.94 -12.70
CA PRO B 286 -33.99 -3.17 -11.29
C PRO B 286 -32.92 -4.26 -11.12
N GLU B 287 -32.11 -4.15 -10.07
CA GLU B 287 -31.08 -5.13 -9.69
C GLU B 287 -31.37 -5.57 -8.27
N ASP B 288 -31.14 -6.84 -7.94
CA ASP B 288 -31.24 -7.26 -6.55
C ASP B 288 -30.09 -8.18 -6.13
N ASP B 289 -29.20 -8.57 -7.05
CA ASP B 289 -28.12 -9.50 -6.79
C ASP B 289 -27.02 -9.30 -7.85
N ILE B 290 -25.97 -8.55 -7.49
CA ILE B 290 -24.83 -8.29 -8.39
C ILE B 290 -23.56 -8.79 -7.70
N LYS B 291 -22.78 -9.58 -8.45
CA LYS B 291 -21.58 -10.26 -7.96
C LYS B 291 -20.38 -9.68 -8.70
N GLY B 292 -19.27 -9.46 -7.98
CA GLY B 292 -18.02 -9.14 -8.62
C GLY B 292 -17.83 -7.67 -8.96
N GLU B 293 -18.67 -6.77 -8.42
CA GLU B 293 -18.65 -5.36 -8.80
C GLU B 293 -18.71 -4.50 -7.54
N LYS B 294 -18.16 -3.29 -7.66
CA LYS B 294 -18.25 -2.29 -6.62
C LYS B 294 -19.73 -2.12 -6.24
N GLY B 295 -19.99 -2.12 -4.93
CA GLY B 295 -21.29 -1.82 -4.40
C GLY B 295 -21.75 -0.42 -4.69
N ALA B 296 -23.06 -0.29 -4.89
CA ALA B 296 -23.72 1.01 -4.98
C ALA B 296 -25.18 0.85 -4.54
N TYR B 297 -25.82 2.00 -4.27
CA TYR B 297 -27.19 2.02 -3.87
C TYR B 297 -27.83 3.23 -4.54
N PHE B 298 -28.65 2.97 -5.56
CA PHE B 298 -29.32 4.03 -6.31
C PHE B 298 -30.83 3.79 -6.29
N LEU B 299 -31.57 4.88 -6.13
CA LEU B 299 -33.01 4.89 -6.25
C LEU B 299 -33.39 5.57 -7.56
N ASN B 300 -34.32 4.95 -8.29
CA ASN B 300 -34.90 5.52 -9.50
C ASN B 300 -36.40 5.70 -9.30
N THR B 301 -36.86 6.95 -9.42
CA THR B 301 -38.30 7.25 -9.39
C THR B 301 -38.64 8.28 -10.48
N VAL B 302 -39.91 8.30 -10.86
CA VAL B 302 -40.48 9.26 -11.78
C VAL B 302 -41.48 10.10 -10.97
N MET B 303 -41.40 11.42 -11.13
CA MET B 303 -42.23 12.37 -10.39
C MET B 303 -42.56 13.54 -11.32
N THR B 304 -43.67 14.23 -11.00
CA THR B 304 -44.04 15.51 -11.59
C THR B 304 -43.72 16.59 -10.57
N LEU B 305 -42.77 17.46 -10.87
CA LEU B 305 -42.37 18.47 -9.93
C LEU B 305 -42.97 19.80 -10.38
N GLU B 306 -44.04 20.20 -9.69
CA GLU B 306 -44.78 21.41 -9.98
C GLU B 306 -43.90 22.63 -9.73
N ALA B 307 -44.25 23.76 -10.35
CA ALA B 307 -43.60 25.05 -10.13
C ALA B 307 -43.63 25.37 -8.63
N ASN B 308 -42.55 25.98 -8.14
CA ASN B 308 -42.49 26.52 -6.80
C ASN B 308 -42.77 25.43 -5.75
N THR B 309 -42.25 24.22 -5.98
CA THR B 309 -42.40 23.09 -5.05
C THR B 309 -41.06 22.38 -4.87
N GLN B 310 -40.95 21.58 -3.82
CA GLN B 310 -39.75 20.94 -3.40
C GLN B 310 -40.07 19.49 -2.97
N LYS B 311 -39.21 18.56 -3.39
CA LYS B 311 -39.32 17.16 -3.01
C LYS B 311 -38.11 16.77 -2.17
N GLU B 312 -38.34 16.00 -1.10
CA GLU B 312 -37.27 15.59 -0.19
C GLU B 312 -37.27 14.06 -0.02
N TRP B 313 -36.07 13.52 0.26
CA TRP B 313 -35.89 12.11 0.59
C TRP B 313 -34.59 11.93 1.37
N MET B 314 -34.40 10.76 1.98
CA MET B 314 -33.14 10.50 2.63
C MET B 314 -32.67 9.06 2.37
N ILE B 315 -31.34 8.93 2.40
CA ILE B 315 -30.65 7.68 2.33
C ILE B 315 -29.85 7.55 3.62
N ILE B 316 -29.91 6.37 4.23
CA ILE B 316 -29.25 6.03 5.45
C ILE B 316 -28.27 4.91 5.14
N ALA B 317 -27.04 5.02 5.66
CA ALA B 317 -26.04 3.98 5.47
C ALA B 317 -25.29 3.75 6.78
N ASN B 318 -24.98 2.47 7.05
CA ASN B 318 -24.31 2.12 8.28
C ASN B 318 -23.32 0.98 8.03
N VAL B 319 -22.38 0.81 8.97
CA VAL B 319 -21.32 -0.16 8.84
C VAL B 319 -21.47 -1.23 9.92
N ASN B 320 -20.81 -2.38 9.69
CA ASN B 320 -20.59 -3.38 10.71
C ASN B 320 -21.93 -3.95 11.22
N GLN B 321 -22.81 -4.35 10.30
CA GLN B 321 -24.15 -4.83 10.61
C GLN B 321 -24.20 -6.38 10.51
N ASP B 322 -24.69 -7.05 11.56
CA ASP B 322 -24.92 -8.51 11.55
C ASP B 322 -26.39 -8.80 11.16
N HIS B 323 -26.75 -10.09 11.07
CA HIS B 323 -28.09 -10.53 10.61
C HIS B 323 -29.20 -9.87 11.44
N SER B 324 -29.02 -9.86 12.76
CA SER B 324 -29.98 -9.30 13.69
C SER B 324 -30.13 -7.79 13.46
N ASP B 325 -29.04 -7.08 13.31
CA ASP B 325 -29.09 -5.63 13.02
C ASP B 325 -29.91 -5.35 11.74
N ILE B 326 -29.71 -6.16 10.71
CA ILE B 326 -30.34 -5.93 9.41
C ILE B 326 -31.86 -6.21 9.52
N ILE B 327 -32.25 -7.26 10.25
CA ILE B 327 -33.65 -7.62 10.38
C ILE B 327 -34.40 -6.52 11.14
N ALA B 328 -33.74 -5.92 12.14
CA ALA B 328 -34.30 -4.85 12.93
C ALA B 328 -34.63 -3.66 12.03
N ILE B 329 -33.72 -3.28 11.13
CA ILE B 329 -33.98 -2.20 10.17
C ILE B 329 -35.11 -2.60 9.20
N THR B 330 -35.09 -3.84 8.70
CA THR B 330 -36.14 -4.24 7.73
C THR B 330 -37.52 -4.19 8.40
N GLU B 331 -37.58 -4.58 9.67
CA GLU B 331 -38.82 -4.54 10.44
C GLU B 331 -39.28 -3.10 10.66
N THR B 332 -38.33 -2.21 10.97
CA THR B 332 -38.59 -0.81 11.23
C THR B 332 -39.16 -0.17 9.95
N ILE B 333 -38.55 -0.45 8.80
CA ILE B 333 -38.99 0.10 7.54
C ILE B 333 -40.45 -0.30 7.30
N GLN B 334 -40.81 -1.55 7.61
CA GLN B 334 -42.13 -2.09 7.33
C GLN B 334 -43.17 -1.61 8.37
N ASN B 335 -42.79 -1.44 9.64
CA ASN B 335 -43.76 -1.27 10.73
C ASN B 335 -43.70 0.09 11.45
N ASN B 336 -42.60 0.82 11.35
CA ASN B 336 -42.44 2.03 12.17
C ASN B 336 -42.77 3.25 11.32
N LYS B 337 -44.00 3.76 11.52
CA LYS B 337 -44.60 4.89 10.80
C LYS B 337 -43.80 6.18 11.04
N LYS B 338 -43.13 6.29 12.19
CA LYS B 338 -42.42 7.50 12.57
C LYS B 338 -40.91 7.36 12.40
N ILE B 339 -40.44 6.48 11.50
CA ILE B 339 -38.98 6.18 11.40
C ILE B 339 -38.20 7.42 10.96
N ALA B 340 -38.75 8.21 10.02
CA ALA B 340 -38.10 9.46 9.58
C ALA B 340 -37.90 10.41 10.78
N GLU B 341 -38.94 10.58 11.60
CA GLU B 341 -38.85 11.44 12.77
C GLU B 341 -37.78 10.91 13.73
N ASP B 342 -37.74 9.59 13.95
CA ASP B 342 -36.77 8.97 14.88
C ASP B 342 -35.33 9.23 14.39
N ILE B 343 -35.10 9.15 13.08
CA ILE B 343 -33.80 9.44 12.48
C ILE B 343 -33.42 10.92 12.77
N ASN B 344 -34.34 11.86 12.48
CA ASN B 344 -34.10 13.31 12.70
C ASN B 344 -33.86 13.60 14.18
N THR B 345 -34.63 12.96 15.07
CA THR B 345 -34.43 13.10 16.50
C THR B 345 -33.00 12.67 16.88
N ASP B 346 -32.52 11.53 16.35
CA ASP B 346 -31.20 11.00 16.73
C ASP B 346 -30.08 11.91 16.17
N ILE B 347 -30.30 12.51 14.99
CA ILE B 347 -29.35 13.48 14.44
C ILE B 347 -29.19 14.65 15.43
N GLU B 348 -30.31 15.25 15.84
CA GLU B 348 -30.29 16.43 16.73
C GLU B 348 -29.75 16.05 18.12
N LEU B 349 -30.01 14.84 18.59
CA LEU B 349 -29.42 14.36 19.86
C LEU B 349 -27.88 14.43 19.75
N GLY B 350 -27.37 14.08 18.57
CA GLY B 350 -25.95 14.09 18.28
C GLY B 350 -25.37 15.49 18.44
N THR B 351 -26.03 16.48 17.86
CA THR B 351 -25.62 17.87 18.00
C THR B 351 -25.64 18.28 19.49
N LYS B 352 -26.74 17.93 20.18
CA LYS B 352 -26.90 18.31 21.56
C LYS B 352 -25.74 17.73 22.41
N ARG B 353 -25.39 16.45 22.19
CA ARG B 353 -24.31 15.79 22.95
C ARG B 353 -22.95 16.43 22.61
N LEU B 354 -22.75 16.78 21.34
CA LEU B 354 -21.52 17.44 20.91
C LEU B 354 -21.35 18.77 21.68
N ILE B 355 -22.43 19.54 21.74
CA ILE B 355 -22.46 20.84 22.45
C ILE B 355 -22.17 20.60 23.95
N GLU B 356 -22.77 19.56 24.53
CA GLU B 356 -22.55 19.30 25.96
C GLU B 356 -21.07 19.01 26.25
N LEU B 357 -20.44 18.20 25.39
CA LEU B 357 -19.02 17.85 25.57
C LEU B 357 -18.19 19.14 25.53
N ASN B 358 -18.38 19.92 24.46
CA ASN B 358 -17.56 21.07 24.14
C ASN B 358 -17.80 22.19 25.18
N ALA B 359 -19.06 22.38 25.57
CA ALA B 359 -19.44 23.44 26.51
C ALA B 359 -18.78 23.20 27.87
N SER B 360 -18.54 21.93 28.23
CA SER B 360 -17.92 21.57 29.51
C SER B 360 -16.45 22.06 29.54
N SER B 361 -15.90 22.33 28.36
CA SER B 361 -14.55 22.89 28.21
C SER B 361 -14.59 24.35 27.74
N ASP B 362 -15.66 25.08 28.08
CA ASP B 362 -15.80 26.52 27.87
C ASP B 362 -15.79 26.90 26.38
N ALA B 363 -16.43 26.08 25.56
CA ALA B 363 -16.49 26.31 24.11
C ALA B 363 -17.42 27.47 23.73
N LEU B 364 -18.42 27.78 24.57
CA LEU B 364 -19.53 28.66 24.15
C LEU B 364 -19.24 30.13 24.50
N GLN B 365 -19.18 30.96 23.46
CA GLN B 365 -19.03 32.42 23.56
C GLN B 365 -20.05 33.09 22.61
N LEU B 366 -20.53 34.27 22.99
CA LEU B 366 -21.38 35.09 22.13
C LEU B 366 -20.92 36.55 22.21
N THR B 367 -20.34 37.01 21.10
CA THR B 367 -19.81 38.35 20.90
C THR B 367 -20.49 38.94 19.66
N ALA B 368 -20.01 40.12 19.23
CA ALA B 368 -20.52 40.75 18.03
C ALA B 368 -20.02 40.01 16.78
N ASP B 369 -19.07 39.09 16.93
CA ASP B 369 -18.44 38.48 15.76
C ASP B 369 -18.52 36.95 15.82
N ASN B 370 -19.44 36.39 15.00
CA ASN B 370 -19.74 34.98 15.01
C ASN B 370 -18.54 34.18 14.48
N LEU B 371 -17.70 34.78 13.64
CA LEU B 371 -16.52 34.07 13.11
C LEU B 371 -15.58 33.69 14.27
N ARG B 372 -15.32 34.66 15.15
CA ARG B 372 -14.49 34.43 16.35
C ARG B 372 -15.18 33.39 17.25
N ASP B 373 -16.50 33.55 17.46
CA ASP B 373 -17.25 32.65 18.35
C ASP B 373 -17.19 31.21 17.82
N THR B 374 -17.29 31.08 16.48
CA THR B 374 -17.28 29.77 15.84
C THR B 374 -15.88 29.14 15.91
N ARG B 375 -14.86 29.95 15.65
CA ARG B 375 -13.47 29.51 15.70
C ARG B 375 -13.13 29.01 17.11
N HIS B 376 -13.58 29.74 18.16
CA HIS B 376 -13.35 29.31 19.53
C HIS B 376 -14.02 27.95 19.78
N PHE B 377 -15.22 27.77 19.21
CA PHE B 377 -15.95 26.50 19.35
C PHE B 377 -15.10 25.37 18.73
N SER B 378 -14.65 25.57 17.50
CA SER B 378 -13.94 24.50 16.78
C SER B 378 -12.55 24.28 17.40
N ASN B 379 -11.90 25.35 17.86
CA ASN B 379 -10.61 25.22 18.55
C ASN B 379 -10.79 24.27 19.75
N THR B 380 -11.83 24.50 20.54
CA THR B 380 -12.05 23.76 21.76
C THR B 380 -12.36 22.31 21.40
N LEU B 381 -13.16 22.12 20.34
CA LEU B 381 -13.56 20.77 19.93
C LEU B 381 -12.31 19.97 19.53
N PHE B 382 -11.44 20.59 18.71
CA PHE B 382 -10.27 19.90 18.23
C PHE B 382 -9.28 19.64 19.39
N ASN B 383 -9.36 20.46 20.46
CA ASN B 383 -8.51 20.25 21.64
C ASN B 383 -9.01 19.03 22.43
N ILE B 384 -10.32 18.92 22.64
CA ILE B 384 -10.84 17.83 23.46
C ILE B 384 -10.90 16.54 22.65
N MET B 385 -10.99 16.64 21.32
CA MET B 385 -10.91 15.44 20.47
C MET B 385 -9.53 14.79 20.63
N ARG B 386 -8.46 15.59 20.75
CA ARG B 386 -7.11 15.05 20.78
C ARG B 386 -6.66 14.68 22.20
N GLY B 387 -7.00 15.51 23.20
CA GLY B 387 -6.52 15.31 24.59
C GLY B 387 -7.58 14.72 25.51
N GLY B 388 -8.84 14.78 25.09
CA GLY B 388 -9.97 14.29 25.88
C GLY B 388 -10.66 15.40 26.67
N ILE B 389 -11.82 15.04 27.22
CA ILE B 389 -12.64 15.87 28.11
C ILE B 389 -13.04 14.99 29.30
N PHE B 390 -13.16 15.62 30.48
CA PHE B 390 -13.57 14.89 31.67
C PHE B 390 -15.04 14.45 31.52
N ASP B 391 -15.31 13.27 32.07
CA ASP B 391 -16.60 12.59 31.95
C ASP B 391 -17.72 13.47 32.49
N ASN B 392 -17.57 13.95 33.72
CA ASN B 392 -18.65 14.62 34.44
C ASN B 392 -18.08 15.44 35.60
N ASN B 393 -17.68 16.68 35.31
CA ASN B 393 -17.12 17.58 36.30
C ASN B 393 -16.01 16.83 37.04
N TYR B 394 -16.09 16.75 38.38
CA TYR B 394 -15.09 16.05 39.18
C TYR B 394 -15.63 14.71 39.72
N GLN B 395 -16.60 14.12 39.02
CA GLN B 395 -17.24 12.86 39.42
C GLN B 395 -16.46 11.66 38.85
N ILE B 396 -16.37 10.61 39.67
CA ILE B 396 -15.63 9.39 39.39
C ILE B 396 -16.55 8.21 39.69
N GLU B 397 -16.49 7.17 38.85
CA GLU B 397 -17.28 5.92 39.04
C GLU B 397 -16.41 4.87 39.72
N LYS B 398 -16.99 4.17 40.70
CA LYS B 398 -16.27 3.16 41.51
C LYS B 398 -15.68 2.06 40.62
N GLY B 399 -16.48 1.61 39.64
CA GLY B 399 -16.15 0.46 38.79
C GLY B 399 -14.94 0.71 37.93
N ASP B 400 -14.96 1.85 37.23
CA ASP B 400 -13.84 2.28 36.39
C ASP B 400 -12.58 2.47 37.26
N PHE B 401 -12.74 3.15 38.39
CA PHE B 401 -11.64 3.46 39.25
C PHE B 401 -11.01 2.17 39.78
N SER B 402 -11.86 1.21 40.16
CA SER B 402 -11.43 -0.08 40.71
C SER B 402 -10.65 -0.88 39.66
N ASN B 403 -11.15 -0.92 38.42
CA ASN B 403 -10.46 -1.58 37.29
C ASN B 403 -9.08 -0.94 37.06
N TYR B 404 -9.02 0.39 37.17
CA TYR B 404 -7.79 1.15 36.94
C TYR B 404 -6.73 0.77 37.98
N ILE B 405 -7.13 0.70 39.26
CA ILE B 405 -6.23 0.34 40.33
C ILE B 405 -5.74 -1.09 40.12
N LYS B 406 -6.65 -1.98 39.70
CA LYS B 406 -6.34 -3.40 39.48
C LYS B 406 -5.18 -3.52 38.48
N LYS B 407 -5.24 -2.79 37.37
CA LYS B 407 -4.20 -2.82 36.32
C LYS B 407 -2.91 -2.13 36.79
N ALA B 408 -3.03 -1.10 37.64
CA ALA B 408 -1.89 -0.28 38.06
C ALA B 408 -0.98 -1.03 39.05
N ASN B 409 -1.56 -1.59 40.12
CA ASN B 409 -0.77 -2.24 41.18
C ASN B 409 -1.65 -3.27 41.92
N LYS B 410 -1.39 -4.56 41.64
CA LYS B 410 -2.20 -5.68 42.17
C LYS B 410 -2.05 -5.75 43.70
N LEU B 411 -0.85 -5.46 44.22
CA LEU B 411 -0.60 -5.40 45.66
C LEU B 411 -1.52 -4.34 46.31
N VAL B 412 -1.55 -3.14 45.72
CA VAL B 412 -2.36 -2.04 46.22
C VAL B 412 -3.84 -2.42 46.11
N PHE B 413 -4.24 -3.04 45.00
CA PHE B 413 -5.64 -3.39 44.77
C PHE B 413 -6.13 -4.41 45.80
N ASP B 414 -5.28 -5.38 46.15
CA ASP B 414 -5.57 -6.40 47.15
C ASP B 414 -5.69 -5.75 48.53
N LYS B 415 -4.86 -4.76 48.81
CA LYS B 415 -4.71 -4.15 50.15
C LYS B 415 -5.82 -3.13 50.46
N ILE B 416 -6.27 -2.40 49.44
CA ILE B 416 -7.18 -1.26 49.65
C ILE B 416 -8.62 -1.71 49.45
N ASP B 417 -9.46 -1.45 50.46
CA ASP B 417 -10.89 -1.78 50.46
C ASP B 417 -11.70 -0.54 50.06
N LEU B 418 -12.33 -0.59 48.89
CA LEU B 418 -12.99 0.59 48.29
C LEU B 418 -14.47 0.66 48.71
N ASN B 419 -14.91 -0.19 49.66
CA ASN B 419 -16.32 -0.29 50.09
C ASN B 419 -16.84 1.04 50.62
N ALA B 420 -16.00 1.75 51.38
CA ALA B 420 -16.37 3.02 52.03
C ALA B 420 -16.77 4.09 50.99
N LEU B 421 -16.28 3.98 49.75
CA LEU B 421 -16.66 4.89 48.66
C LEU B 421 -17.97 4.40 48.02
N GLY B 422 -18.82 5.37 47.64
CA GLY B 422 -20.08 5.09 46.95
C GLY B 422 -19.85 4.71 45.49
N GLU B 423 -20.94 4.37 44.81
CA GLU B 423 -20.91 3.95 43.41
C GLU B 423 -20.37 5.10 42.55
N ILE B 424 -20.65 6.34 42.97
CA ILE B 424 -20.12 7.57 42.36
C ILE B 424 -19.63 8.47 43.49
N PHE B 425 -18.47 9.13 43.29
CA PHE B 425 -17.86 9.99 44.30
C PHE B 425 -17.06 11.09 43.60
N SER B 426 -16.71 12.13 44.36
CA SER B 426 -15.99 13.29 43.84
C SER B 426 -14.47 13.11 43.99
N LEU B 427 -13.74 14.00 43.32
CA LEU B 427 -12.28 14.12 43.47
C LEU B 427 -11.94 14.38 44.94
N ASN B 428 -12.70 15.28 45.59
CA ASN B 428 -12.55 15.56 47.02
C ASN B 428 -12.74 14.28 47.87
N ASP B 429 -13.83 13.54 47.61
CA ASP B 429 -14.11 12.28 48.32
C ASP B 429 -12.92 11.31 48.16
N LEU B 430 -12.32 11.24 46.96
CA LEU B 430 -11.19 10.34 46.72
C LEU B 430 -9.95 10.78 47.55
N ASN B 431 -9.64 12.08 47.54
CA ASN B 431 -8.53 12.65 48.33
C ASN B 431 -8.69 12.29 49.82
N GLU B 432 -9.91 12.47 50.36
CA GLU B 432 -10.20 12.18 51.77
C GLU B 432 -10.03 10.69 52.05
N PHE B 433 -10.57 9.84 51.17
CA PHE B 433 -10.44 8.38 51.31
C PHE B 433 -8.96 7.98 51.33
N ALA B 434 -8.20 8.53 50.37
CA ALA B 434 -6.77 8.23 50.18
C ALA B 434 -5.96 8.60 51.43
N SER B 435 -6.26 9.79 51.99
CA SER B 435 -5.58 10.32 53.16
C SER B 435 -5.67 9.37 54.36
N LYS B 436 -6.67 8.47 54.36
CA LYS B 436 -6.90 7.55 55.47
C LYS B 436 -6.16 6.21 55.31
N GLN B 437 -5.74 5.86 54.08
CA GLN B 437 -5.23 4.50 53.79
C GLN B 437 -3.73 4.38 54.15
N LYS B 438 -3.04 5.51 54.36
CA LYS B 438 -1.61 5.55 54.76
C LYS B 438 -0.73 4.73 53.81
N ASP B 439 -1.00 4.82 52.50
CA ASP B 439 -0.28 4.04 51.48
C ASP B 439 0.13 4.98 50.34
N VAL B 440 1.44 5.21 50.17
CA VAL B 440 1.97 6.23 49.23
C VAL B 440 1.72 5.81 47.77
N ASP B 441 1.67 4.51 47.49
CA ASP B 441 1.45 4.04 46.15
C ASP B 441 -0.01 4.29 45.76
N PHE B 442 -0.95 4.07 46.70
CA PHE B 442 -2.36 4.37 46.44
C PHE B 442 -2.55 5.89 46.27
N ASP B 443 -1.88 6.69 47.12
CA ASP B 443 -1.92 8.17 47.01
C ASP B 443 -1.60 8.60 45.58
N ARG B 444 -0.52 8.02 45.03
CA ARG B 444 -0.02 8.34 43.71
C ARG B 444 -1.05 7.94 42.65
N LEU B 445 -1.53 6.68 42.71
CA LEU B 445 -2.44 6.16 41.69
C LEU B 445 -3.78 6.89 41.76
N ALA B 446 -4.25 7.23 42.97
CA ALA B 446 -5.51 7.94 43.18
C ALA B 446 -5.42 9.34 42.57
N LEU B 447 -4.31 10.03 42.83
CA LEU B 447 -4.05 11.37 42.33
C LEU B 447 -3.89 11.35 40.81
N GLU B 448 -3.23 10.31 40.27
CA GLU B 448 -2.92 10.25 38.83
C GLU B 448 -4.18 9.98 37.97
N TYR B 449 -5.26 9.46 38.57
CA TYR B 449 -6.45 9.06 37.84
C TYR B 449 -7.12 10.27 37.18
N LEU B 450 -7.33 10.16 35.86
CA LEU B 450 -7.96 11.17 35.02
C LEU B 450 -9.11 10.54 34.25
N PRO B 451 -10.38 10.84 34.63
CA PRO B 451 -11.54 10.24 33.97
C PRO B 451 -11.89 10.93 32.64
N LEU B 452 -10.96 10.84 31.69
CA LEU B 452 -11.08 11.44 30.35
C LEU B 452 -11.77 10.48 29.40
N LYS B 453 -12.51 11.06 28.46
CA LYS B 453 -13.14 10.39 27.35
C LYS B 453 -13.03 11.28 26.11
N PHE B 454 -13.31 10.67 24.95
CA PHE B 454 -13.51 11.35 23.65
C PHE B 454 -12.18 11.58 22.92
N SER B 455 -11.03 11.31 23.55
CA SER B 455 -9.73 11.45 22.89
C SER B 455 -9.56 10.35 21.82
N ARG B 456 -8.84 10.69 20.75
CA ARG B 456 -8.41 9.75 19.73
C ARG B 456 -7.16 10.30 19.05
N ARG B 457 -6.35 9.44 18.44
CA ARG B 457 -5.16 9.86 17.67
C ARG B 457 -5.58 10.64 16.41
N HIS B 458 -4.76 11.61 16.00
CA HIS B 458 -5.11 12.52 14.91
C HIS B 458 -4.54 11.99 13.57
N GLY B 459 -5.05 10.84 13.16
CA GLY B 459 -4.82 10.34 11.80
C GLY B 459 -5.99 10.65 10.90
N ASP B 460 -5.70 10.88 9.61
CA ASP B 460 -6.70 11.08 8.59
C ASP B 460 -6.03 10.98 7.22
N PRO B 461 -6.77 11.12 6.11
CA PRO B 461 -6.19 11.05 4.76
C PRO B 461 -5.10 12.08 4.46
N SER B 462 -5.09 13.22 5.17
CA SER B 462 -4.05 14.25 5.04
C SER B 462 -2.91 14.01 6.03
N ARG B 463 -3.08 13.03 6.94
CA ARG B 463 -2.01 12.62 7.87
C ARG B 463 -1.94 11.09 7.87
N PRO B 464 -1.74 10.46 6.68
CA PRO B 464 -1.93 9.01 6.55
C PRO B 464 -0.88 8.18 7.29
N TRP B 465 0.20 8.80 7.75
CA TRP B 465 1.20 8.09 8.61
C TRP B 465 0.69 7.86 10.03
N ASN B 466 -0.44 8.47 10.42
CA ASN B 466 -1.01 8.29 11.76
C ASN B 466 -2.24 7.37 11.65
N LYS B 467 -2.23 6.23 12.36
CA LYS B 467 -3.43 5.39 12.55
C LYS B 467 -4.38 6.11 13.53
N PHE B 468 -5.67 6.08 13.25
CA PHE B 468 -6.64 6.65 14.18
C PHE B 468 -7.65 5.55 14.50
N SER B 469 -8.24 5.65 15.68
CA SER B 469 -9.35 4.83 16.07
C SER B 469 -10.15 5.59 17.15
N ILE B 470 -11.44 5.80 16.89
CA ILE B 470 -12.33 6.50 17.78
C ILE B 470 -13.02 5.44 18.66
N ASN B 471 -12.43 5.21 19.83
CA ASN B 471 -12.73 4.09 20.69
C ASN B 471 -13.57 4.59 21.87
N THR B 472 -14.64 5.31 21.55
CA THR B 472 -15.43 6.07 22.52
C THR B 472 -16.68 5.29 22.94
N GLN B 473 -17.00 4.16 22.28
CA GLN B 473 -18.19 3.37 22.61
C GLN B 473 -17.77 1.90 22.74
N SER B 474 -18.16 1.24 23.82
CA SER B 474 -17.70 -0.14 24.03
C SER B 474 -18.26 -1.02 22.91
N GLU B 475 -17.45 -1.96 22.42
CA GLU B 475 -17.88 -2.92 21.40
C GLU B 475 -18.96 -3.86 21.98
N ILE B 476 -19.04 -3.96 23.33
CA ILE B 476 -19.97 -4.89 24.00
C ILE B 476 -21.37 -4.27 24.12
N ASP B 477 -21.48 -3.03 24.59
CA ASP B 477 -22.81 -2.45 24.94
C ASP B 477 -22.96 -0.98 24.51
N GLY B 478 -21.97 -0.43 23.79
CA GLY B 478 -22.04 0.94 23.27
C GLY B 478 -21.89 2.03 24.33
N SER B 479 -21.62 1.66 25.58
CA SER B 479 -21.47 2.61 26.70
C SER B 479 -20.19 3.44 26.50
N LYS B 480 -20.12 4.56 27.24
CA LYS B 480 -18.96 5.45 27.21
C LYS B 480 -17.71 4.67 27.66
N VAL B 481 -16.57 5.09 27.13
CA VAL B 481 -15.30 4.48 27.41
C VAL B 481 -14.42 5.59 28.01
N LEU B 482 -13.89 5.32 29.20
CA LEU B 482 -12.97 6.22 29.85
C LEU B 482 -11.55 5.68 29.64
N ASP B 483 -10.84 6.28 28.69
CA ASP B 483 -9.45 5.93 28.36
C ASP B 483 -8.81 7.13 27.66
N TYR B 484 -7.49 7.08 27.54
CA TYR B 484 -6.75 8.07 26.78
C TYR B 484 -5.38 7.50 26.42
N GLU B 485 -4.84 8.00 25.32
CA GLU B 485 -3.47 7.73 24.96
C GLU B 485 -3.04 8.81 23.96
N GLY B 486 -1.77 9.18 24.04
CA GLY B 486 -1.23 10.29 23.28
C GLY B 486 0.28 10.36 23.38
N ASN B 487 0.86 10.93 22.34
CA ASN B 487 2.27 11.27 22.30
C ASN B 487 2.50 12.38 23.34
N TRP B 488 3.65 12.28 24.02
CA TRP B 488 4.02 13.08 25.20
C TRP B 488 3.64 14.54 25.01
N ARG B 489 4.26 15.21 24.04
CA ARG B 489 4.13 16.63 23.77
C ARG B 489 2.68 16.98 23.39
N ASP B 490 2.06 16.16 22.54
CA ASP B 490 0.71 16.45 22.00
C ASP B 490 -0.31 16.50 23.13
N ILE B 491 -0.29 15.49 24.01
CA ILE B 491 -1.32 15.36 25.00
C ILE B 491 -1.08 16.34 26.16
N PHE B 492 0.17 16.50 26.63
CA PHE B 492 0.43 17.47 27.72
C PHE B 492 0.13 18.90 27.23
N GLN B 493 0.30 19.17 25.94
CA GLN B 493 -0.08 20.48 25.36
C GLN B 493 -1.61 20.65 25.46
N ASN B 494 -2.37 19.66 24.97
CA ASN B 494 -3.84 19.75 24.97
C ASN B 494 -4.34 19.99 26.40
N TRP B 495 -3.76 19.26 27.36
CA TRP B 495 -4.20 19.26 28.76
C TRP B 495 -4.01 20.63 29.43
N GLU B 496 -3.02 21.40 28.98
CA GLU B 496 -2.80 22.74 29.54
C GLU B 496 -4.07 23.59 29.35
N ALA B 497 -4.62 23.59 28.14
CA ALA B 497 -5.88 24.34 27.87
C ALA B 497 -7.04 23.72 28.67
N LEU B 498 -7.16 22.39 28.62
CA LEU B 498 -8.25 21.67 29.30
C LEU B 498 -8.27 21.98 30.81
N ALA B 499 -7.09 22.10 31.43
CA ALA B 499 -6.98 22.33 32.87
C ALA B 499 -7.68 23.63 33.29
N HIS B 500 -7.70 24.64 32.40
CA HIS B 500 -8.34 25.92 32.70
C HIS B 500 -9.83 25.74 33.04
N SER B 501 -10.49 24.77 32.39
CA SER B 501 -11.90 24.52 32.57
C SER B 501 -12.14 23.57 33.75
N PHE B 502 -11.11 22.82 34.15
CA PHE B 502 -11.20 21.91 35.29
C PHE B 502 -9.96 22.03 36.18
N PRO B 503 -9.73 23.19 36.85
CA PRO B 503 -8.46 23.46 37.52
C PRO B 503 -8.01 22.44 38.57
N ASN B 504 -8.96 21.80 39.26
CA ASN B 504 -8.66 20.94 40.39
C ASN B 504 -8.02 19.62 39.92
N PHE B 505 -8.01 19.35 38.61
CA PHE B 505 -7.29 18.18 38.08
C PHE B 505 -5.81 18.49 37.80
N ILE B 506 -5.34 19.71 38.06
CA ILE B 506 -3.95 20.05 37.70
C ILE B 506 -2.97 19.16 38.47
N ASP B 507 -3.22 18.89 39.76
CA ASP B 507 -2.29 18.10 40.57
C ASP B 507 -2.13 16.72 39.93
N SER B 508 -3.25 16.12 39.51
CA SER B 508 -3.28 14.84 38.78
C SER B 508 -2.34 14.87 37.57
N MET B 509 -2.42 15.93 36.77
CA MET B 509 -1.63 16.03 35.55
C MET B 509 -0.14 16.14 35.88
N ILE B 510 0.19 16.89 36.93
CA ILE B 510 1.57 17.14 37.28
C ILE B 510 2.22 15.83 37.74
N HIS B 511 1.50 15.07 38.57
CA HIS B 511 1.99 13.78 39.07
C HIS B 511 2.14 12.77 37.93
N LYS B 512 1.14 12.71 37.03
CA LYS B 512 1.21 11.88 35.81
C LYS B 512 2.53 12.16 35.06
N PHE B 513 2.81 13.45 34.84
CA PHE B 513 4.00 13.92 34.13
C PHE B 513 5.29 13.53 34.87
N LEU B 514 5.41 13.98 36.13
CA LEU B 514 6.61 13.78 36.90
C LEU B 514 6.91 12.28 37.04
N ASN B 515 5.88 11.49 37.40
CA ASN B 515 6.07 10.08 37.74
C ASN B 515 6.33 9.24 36.49
N ALA B 516 6.04 9.78 35.31
CA ALA B 516 6.39 9.12 34.05
C ALA B 516 7.75 9.60 33.53
N SER B 517 8.49 10.36 34.34
CA SER B 517 9.82 10.83 33.95
C SER B 517 10.90 9.91 34.57
N THR B 518 12.02 9.75 33.87
CA THR B 518 13.13 8.85 34.23
C THR B 518 14.09 9.55 35.19
N PHE B 519 14.93 8.74 35.86
CA PHE B 519 15.89 9.24 36.85
C PHE B 519 16.94 10.14 36.18
N ASP B 520 17.24 9.86 34.90
CA ASP B 520 18.27 10.60 34.15
C ASP B 520 17.63 11.80 33.41
N GLY B 521 16.34 12.07 33.69
CA GLY B 521 15.72 13.37 33.41
C GLY B 521 14.96 13.45 32.10
N TYR B 522 14.47 12.30 31.59
CA TYR B 522 13.76 12.26 30.31
C TYR B 522 12.41 11.53 30.48
N ASN B 523 11.83 11.01 29.40
CA ASN B 523 10.50 10.42 29.47
C ASN B 523 10.24 9.51 28.26
N PRO B 524 9.29 8.57 28.38
CA PRO B 524 8.83 7.76 27.26
C PRO B 524 8.03 8.60 26.26
N TYR B 525 7.78 8.04 25.08
CA TYR B 525 7.22 8.81 23.98
C TYR B 525 5.70 8.93 24.11
N ARG B 526 5.04 8.06 24.87
CA ARG B 526 3.55 8.02 24.91
C ARG B 526 3.05 7.75 26.33
N VAL B 527 1.95 8.42 26.70
CA VAL B 527 1.28 8.14 27.96
C VAL B 527 -0.13 7.60 27.68
N THR B 528 -0.62 6.81 28.62
CA THR B 528 -1.93 6.16 28.56
C THR B 528 -2.52 6.17 29.97
N LYS B 529 -3.83 5.93 30.05
CA LYS B 529 -4.47 5.69 31.33
C LYS B 529 -3.78 4.52 32.05
N GLU B 530 -3.46 3.45 31.31
CA GLU B 530 -2.82 2.25 31.88
C GLU B 530 -1.44 2.63 32.46
N GLY B 531 -0.71 3.52 31.78
CA GLY B 531 0.60 4.00 32.28
C GLY B 531 1.38 4.78 31.23
N PHE B 532 2.38 4.13 30.64
CA PHE B 532 3.19 4.74 29.59
C PHE B 532 3.78 3.65 28.69
N ASP B 533 4.16 4.05 27.48
CA ASP B 533 4.78 3.19 26.46
C ASP B 533 6.06 3.90 25.98
N TRP B 534 7.14 3.12 25.76
CA TRP B 534 8.39 3.63 25.19
C TRP B 534 8.58 3.00 23.81
N GLU B 535 9.28 3.69 22.91
CA GLU B 535 9.60 3.13 21.59
C GLU B 535 10.62 2.01 21.78
N THR B 536 10.53 0.97 20.92
CA THR B 536 11.42 -0.21 20.95
C THR B 536 12.18 -0.30 19.62
N ILE B 537 13.18 -1.17 19.58
CA ILE B 537 13.98 -1.39 18.39
C ILE B 537 13.49 -2.66 17.68
N TRP B 543 19.68 0.89 11.33
CA TRP B 543 19.38 2.31 11.15
C TRP B 543 18.07 2.71 11.86
N SER B 544 17.53 1.81 12.72
CA SER B 544 16.47 2.15 13.68
C SER B 544 17.05 2.17 15.11
N TYR B 545 16.71 3.24 15.84
CA TYR B 545 17.25 3.52 17.17
C TYR B 545 16.20 4.33 17.95
N ILE B 546 16.32 4.31 19.27
CA ILE B 546 15.39 4.97 20.17
C ILE B 546 16.07 6.21 20.74
N GLY B 547 15.34 6.99 21.55
CA GLY B 547 15.88 8.22 22.11
C GLY B 547 14.88 9.07 22.87
N TYR B 548 15.33 10.29 23.21
CA TYR B 548 14.59 11.25 24.01
C TYR B 548 14.58 12.59 23.27
N TRP B 549 13.41 13.24 23.26
CA TRP B 549 13.19 14.52 22.61
C TRP B 549 13.55 15.64 23.58
N GLY B 550 14.34 16.61 23.10
CA GLY B 550 14.99 17.60 23.95
C GLY B 550 14.03 18.61 24.56
N ASP B 551 12.86 18.78 23.94
CA ASP B 551 11.91 19.81 24.39
C ASP B 551 10.86 19.23 25.32
N HIS B 552 10.87 17.92 25.57
CA HIS B 552 9.72 17.22 26.19
C HIS B 552 9.53 17.60 27.67
N GLN B 553 10.58 18.03 28.35
CA GLN B 553 10.55 18.16 29.81
C GLN B 553 10.20 19.60 30.22
N ILE B 554 11.04 20.57 29.88
CA ILE B 554 11.06 21.85 30.57
C ILE B 554 9.77 22.66 30.35
N ILE B 555 9.47 23.03 29.10
CA ILE B 555 8.39 24.02 28.92
C ILE B 555 7.03 23.39 29.29
N TYR B 556 6.78 22.13 28.92
CA TYR B 556 5.45 21.50 29.13
C TYR B 556 5.23 21.29 30.64
N LEU B 557 6.29 20.95 31.40
CA LEU B 557 6.16 20.81 32.87
C LEU B 557 5.85 22.17 33.48
N LEU B 558 6.58 23.19 33.01
CA LEU B 558 6.50 24.52 33.57
C LEU B 558 5.07 25.04 33.52
N LYS B 559 4.37 24.84 32.40
CA LYS B 559 3.05 25.45 32.23
C LYS B 559 2.09 24.92 33.30
N PHE B 560 2.27 23.65 33.68
CA PHE B 560 1.51 23.05 34.75
C PHE B 560 1.91 23.62 36.12
N LEU B 561 3.22 23.77 36.36
CA LEU B 561 3.71 24.31 37.63
C LEU B 561 3.22 25.76 37.80
N GLU B 562 3.24 26.55 36.71
CA GLU B 562 2.74 27.93 36.72
C GLU B 562 1.26 27.93 37.11
N PHE B 563 0.51 27.01 36.48
CA PHE B 563 -0.93 26.91 36.69
C PHE B 563 -1.25 26.65 38.17
N ILE B 564 -0.62 25.64 38.77
CA ILE B 564 -1.03 25.23 40.12
C ILE B 564 -0.60 26.30 41.13
N GLU B 565 0.54 26.98 40.90
CA GLU B 565 0.98 27.99 41.84
C GLU B 565 0.01 29.19 41.78
N LYS B 566 -0.55 29.51 40.61
CA LYS B 566 -1.60 30.56 40.48
C LYS B 566 -2.90 30.14 41.19
N HIS B 567 -3.36 28.89 40.96
CA HIS B 567 -4.66 28.40 41.47
C HIS B 567 -4.60 27.95 42.94
N GLN B 568 -3.48 27.35 43.36
CA GLN B 568 -3.35 26.75 44.68
C GLN B 568 -2.00 27.14 45.26
N PRO B 569 -1.81 28.42 45.64
CA PRO B 569 -0.55 28.86 46.24
C PRO B 569 -0.16 28.00 47.46
N GLY B 570 1.10 27.54 47.49
CA GLY B 570 1.61 26.74 48.59
C GLY B 570 1.43 25.24 48.39
N LYS B 571 0.66 24.81 47.39
CA LYS B 571 0.47 23.37 47.13
C LYS B 571 1.80 22.71 46.75
N LEU B 572 2.58 23.35 45.86
CA LEU B 572 3.88 22.83 45.46
C LEU B 572 4.80 22.72 46.67
N HIS B 573 4.80 23.75 47.53
CA HIS B 573 5.59 23.74 48.75
C HIS B 573 5.29 22.47 49.57
N SER B 574 4.02 22.07 49.61
CA SER B 574 3.57 20.90 50.38
C SER B 574 4.18 19.60 49.86
N TYR B 575 4.70 19.57 48.61
CA TYR B 575 5.30 18.35 48.07
C TYR B 575 6.83 18.37 48.20
N PHE B 576 7.43 19.48 48.63
CA PHE B 576 8.90 19.62 48.67
C PHE B 576 9.57 18.43 49.39
N GLU B 577 9.00 18.04 50.55
CA GLU B 577 9.59 17.00 51.43
C GLU B 577 8.73 15.72 51.40
N SER B 578 7.73 15.67 50.53
CA SER B 578 6.82 14.54 50.47
C SER B 578 7.35 13.49 49.48
N GLU B 579 7.80 12.34 50.00
CA GLU B 579 8.39 11.29 49.15
C GLU B 579 7.29 10.41 48.55
N CYS B 580 6.50 10.98 47.63
CA CYS B 580 5.39 10.25 46.97
C CYS B 580 5.60 10.09 45.46
N PHE B 581 6.71 10.61 44.93
CA PHE B 581 7.00 10.54 43.48
C PHE B 581 7.87 9.30 43.21
N VAL B 582 7.81 8.80 41.96
CA VAL B 582 8.56 7.62 41.54
C VAL B 582 9.35 7.95 40.26
N TYR B 583 10.16 6.99 39.82
CA TYR B 583 10.92 7.11 38.59
C TYR B 583 10.45 6.05 37.57
N ALA B 584 10.11 6.52 36.37
CA ALA B 584 9.78 5.64 35.25
C ALA B 584 11.03 4.87 34.80
N ALA B 585 10.90 3.54 34.74
CA ALA B 585 11.94 2.69 34.18
C ALA B 585 11.71 2.56 32.68
N VAL B 586 12.40 3.40 31.92
CA VAL B 586 12.55 3.23 30.48
C VAL B 586 13.91 2.59 30.25
N PRO B 587 13.98 1.46 29.51
CA PRO B 587 15.24 0.70 29.37
C PRO B 587 16.16 1.29 28.31
N TYR B 588 16.52 2.57 28.48
CA TYR B 588 17.47 3.25 27.64
C TYR B 588 18.72 3.61 28.47
N THR B 589 19.88 3.25 27.91
CA THR B 589 21.20 3.50 28.47
C THR B 589 21.87 4.61 27.67
N ILE B 590 21.93 5.81 28.26
CA ILE B 590 22.66 6.92 27.70
C ILE B 590 24.14 6.66 27.97
N LYS B 591 24.96 6.69 26.91
CA LYS B 591 26.32 6.18 26.94
C LYS B 591 27.24 7.14 27.70
N PRO B 592 28.45 6.67 28.08
CA PRO B 592 29.43 7.53 28.74
C PRO B 592 29.77 8.82 27.97
N TYR B 593 30.14 9.86 28.70
CA TYR B 593 30.31 11.18 28.13
C TYR B 593 31.36 11.17 27.01
N GLU B 594 32.45 10.43 27.20
CA GLU B 594 33.57 10.37 26.24
C GLU B 594 33.07 9.84 24.89
N GLU B 595 32.14 8.87 24.92
CA GLU B 595 31.59 8.25 23.70
C GLU B 595 30.64 9.23 23.01
N ILE B 596 29.92 10.06 23.79
CA ILE B 596 28.99 11.04 23.23
C ILE B 596 29.78 12.13 22.50
N LEU B 597 30.84 12.62 23.15
CA LEU B 597 31.73 13.62 22.59
C LEU B 597 32.35 13.11 21.28
N ASN B 598 32.76 11.84 21.30
CA ASN B 598 33.37 11.17 20.15
C ASN B 598 32.39 11.09 18.97
N ASN B 599 31.17 10.64 19.22
CA ASN B 599 30.13 10.51 18.19
C ASN B 599 28.76 10.84 18.79
N PRO B 600 28.35 12.13 18.76
CA PRO B 600 27.11 12.54 19.40
C PRO B 600 25.82 12.14 18.67
N LYS B 601 25.92 11.38 17.57
CA LYS B 601 24.75 10.78 16.93
C LYS B 601 24.55 9.34 17.40
N ASP B 602 25.51 8.78 18.14
CA ASP B 602 25.45 7.40 18.65
C ASP B 602 25.59 7.44 20.18
N THR B 603 24.47 7.62 20.88
CA THR B 603 24.51 8.03 22.28
C THR B 603 23.58 7.24 23.22
N ILE B 604 22.65 6.45 22.68
CA ILE B 604 21.69 5.73 23.52
C ILE B 604 21.49 4.31 22.97
N GLY B 605 21.75 3.31 23.81
CA GLY B 605 21.51 1.91 23.51
C GLY B 605 20.25 1.42 24.21
N TYR B 606 19.56 0.47 23.55
CA TYR B 606 18.40 -0.20 24.11
C TYR B 606 18.87 -1.36 24.99
N ASN B 607 18.47 -1.35 26.26
CA ASN B 607 18.91 -2.36 27.22
C ASN B 607 17.87 -3.49 27.34
N HIS B 608 18.07 -4.54 26.53
CA HIS B 608 17.16 -5.68 26.39
C HIS B 608 17.03 -6.47 27.70
N GLU B 609 18.10 -6.50 28.51
CA GLU B 609 18.11 -7.19 29.80
C GLU B 609 17.21 -6.42 30.79
N TRP B 610 17.39 -5.10 30.85
CA TRP B 610 16.54 -4.21 31.65
C TRP B 610 15.07 -4.41 31.27
N GLU B 611 14.80 -4.49 29.96
CA GLU B 611 13.44 -4.63 29.43
C GLU B 611 12.77 -5.89 29.98
N LYS B 612 13.52 -7.01 30.00
CA LYS B 612 12.98 -8.32 30.39
C LYS B 612 12.52 -8.28 31.86
N VAL B 613 13.35 -7.67 32.72
CA VAL B 613 13.07 -7.53 34.16
C VAL B 613 11.80 -6.69 34.38
N ILE B 614 11.62 -5.63 33.59
CA ILE B 614 10.44 -4.75 33.70
C ILE B 614 9.19 -5.56 33.37
N ASN B 615 9.21 -6.22 32.20
CA ASN B 615 8.08 -6.98 31.67
C ASN B 615 7.70 -8.12 32.61
N GLU B 616 8.68 -8.64 33.37
CA GLU B 616 8.42 -9.68 34.37
C GLU B 616 7.74 -9.06 35.60
N ARG B 617 8.21 -7.88 36.03
CA ARG B 617 7.58 -7.15 37.13
C ARG B 617 6.17 -6.73 36.72
N LYS B 618 5.97 -6.38 35.44
CA LYS B 618 4.68 -5.90 34.97
C LYS B 618 3.64 -7.02 35.02
N LYS B 619 4.02 -8.25 34.67
CA LYS B 619 3.12 -9.42 34.77
C LYS B 619 2.79 -9.69 36.24
N SER B 620 3.76 -9.49 37.13
CA SER B 620 3.66 -9.83 38.56
C SER B 620 2.96 -8.74 39.38
N ILE B 621 3.04 -7.47 38.96
CA ILE B 621 2.58 -6.31 39.78
C ILE B 621 1.54 -5.46 39.02
N GLY B 622 1.68 -5.34 37.70
CA GLY B 622 0.88 -4.42 36.88
C GLY B 622 1.73 -3.28 36.34
N ALA B 623 1.10 -2.14 36.03
CA ALA B 623 1.81 -1.00 35.41
C ALA B 623 2.97 -0.51 36.30
N ASP B 624 2.76 -0.58 37.62
CA ASP B 624 3.74 -0.10 38.59
C ASP B 624 5.05 -0.91 38.48
N GLY B 625 5.04 -2.04 37.75
CA GLY B 625 6.24 -2.86 37.52
C GLY B 625 7.30 -2.13 36.70
N ALA B 626 6.90 -1.05 36.01
CA ALA B 626 7.78 -0.22 35.20
C ALA B 626 8.29 0.99 36.01
N LEU B 627 8.38 0.87 37.35
CA LEU B 627 8.99 1.92 38.19
C LEU B 627 10.28 1.39 38.82
N LEU B 628 11.22 2.29 39.13
CA LEU B 628 12.49 1.86 39.72
C LEU B 628 12.26 1.32 41.13
N LYS B 629 12.97 0.23 41.44
CA LYS B 629 13.05 -0.30 42.78
C LYS B 629 14.30 0.27 43.46
N SER B 630 14.41 0.04 44.78
CA SER B 630 15.61 0.34 45.58
C SER B 630 16.20 -0.99 46.10
N ASN B 631 17.30 -0.92 46.84
CA ASN B 631 17.97 -2.11 47.38
C ASN B 631 16.96 -2.96 48.18
N ASP B 632 16.07 -2.30 48.94
CA ASP B 632 15.09 -2.93 49.85
C ASP B 632 13.99 -3.68 49.08
N LYS B 633 14.22 -3.96 47.78
CA LYS B 633 13.33 -4.74 46.92
C LYS B 633 12.04 -3.98 46.59
N SER B 634 11.88 -2.78 47.19
CA SER B 634 10.64 -1.98 47.16
C SER B 634 10.63 -1.03 45.94
N ILE B 635 9.47 -0.43 45.66
CA ILE B 635 9.33 0.71 44.75
C ILE B 635 10.02 1.90 45.41
N TYR B 636 10.94 2.55 44.70
CA TYR B 636 11.67 3.69 45.22
C TYR B 636 10.83 4.97 45.05
N HIS B 637 10.73 5.73 46.13
CA HIS B 637 9.95 6.97 46.20
C HIS B 637 10.89 8.14 46.52
N VAL B 638 10.64 9.29 45.90
CA VAL B 638 11.43 10.52 46.12
C VAL B 638 10.48 11.72 46.17
N ASN B 639 11.02 12.87 46.56
CA ASN B 639 10.21 14.08 46.79
C ASN B 639 10.26 14.99 45.56
N PHE B 640 9.50 16.07 45.62
CA PHE B 640 9.32 17.00 44.50
C PHE B 640 10.66 17.63 44.14
N ILE B 641 11.44 17.99 45.16
CA ILE B 641 12.70 18.66 44.96
C ILE B 641 13.64 17.73 44.17
N GLU B 642 13.66 16.44 44.52
CA GLU B 642 14.54 15.52 43.84
C GLU B 642 14.11 15.39 42.36
N LYS B 643 12.80 15.36 42.10
CA LYS B 643 12.30 15.20 40.70
C LYS B 643 12.67 16.42 39.85
N ILE B 644 12.63 17.63 40.43
CA ILE B 644 12.99 18.83 39.71
C ILE B 644 14.50 18.83 39.46
N LEU B 645 15.30 18.45 40.47
CA LEU B 645 16.77 18.38 40.33
C LEU B 645 17.12 17.38 39.21
N ALA B 646 16.41 16.24 39.16
CA ALA B 646 16.66 15.21 38.15
C ALA B 646 16.55 15.80 36.73
N THR B 647 15.54 16.62 36.49
CA THR B 647 15.29 17.12 35.13
C THR B 647 16.17 18.35 34.87
N VAL B 648 16.32 19.24 35.86
CA VAL B 648 17.17 20.42 35.69
C VAL B 648 18.65 20.02 35.50
N LEU B 649 19.14 19.06 36.31
CA LEU B 649 20.54 18.64 36.23
C LEU B 649 20.82 17.98 34.88
N ALA B 650 19.88 17.17 34.36
CA ALA B 650 20.06 16.53 33.04
C ALA B 650 20.28 17.60 31.95
N LYS B 651 19.44 18.65 31.95
CA LYS B 651 19.55 19.75 30.98
C LYS B 651 20.85 20.52 31.18
N MET B 652 21.12 20.95 32.41
CA MET B 652 22.31 21.72 32.69
C MET B 652 23.57 20.91 32.38
N SER B 653 23.50 19.57 32.45
CA SER B 653 24.66 18.71 32.15
C SER B 653 24.98 18.73 30.64
N ASN B 654 24.05 19.23 29.83
CA ASN B 654 24.22 19.39 28.40
C ASN B 654 24.32 20.88 28.03
N PHE B 655 24.58 21.74 29.02
CA PHE B 655 24.66 23.17 28.80
C PHE B 655 26.02 23.53 28.21
N ILE B 656 26.01 24.04 26.99
CA ILE B 656 27.21 24.58 26.37
C ILE B 656 27.15 26.10 26.48
N PRO B 657 27.99 26.75 27.31
CA PRO B 657 27.98 28.20 27.46
C PRO B 657 28.02 28.95 26.11
N GLU B 658 27.05 29.87 25.94
CA GLU B 658 26.94 30.75 24.78
C GLU B 658 26.35 30.00 23.58
N ALA B 659 25.99 28.72 23.72
CA ALA B 659 25.47 27.90 22.58
C ALA B 659 24.06 27.35 22.85
N GLY B 660 23.77 26.97 24.10
CA GLY B 660 22.45 26.39 24.49
C GLY B 660 22.57 24.98 25.07
N ILE B 661 21.49 24.20 24.95
CA ILE B 661 21.42 22.80 25.39
C ILE B 661 21.71 21.87 24.20
N TRP B 662 22.76 21.08 24.34
CA TRP B 662 23.26 20.15 23.34
C TRP B 662 22.18 19.10 23.02
N LEU B 663 21.92 18.91 21.73
CA LEU B 663 21.00 17.87 21.25
C LEU B 663 21.80 16.60 20.94
N ASN B 664 21.74 15.61 21.83
CA ASN B 664 22.61 14.43 21.73
C ASN B 664 21.90 13.17 22.24
N THR B 665 20.56 13.12 22.15
CA THR B 665 19.78 12.00 22.70
C THR B 665 18.94 11.31 21.60
N GLN B 666 19.39 11.41 20.33
CA GLN B 666 18.94 10.59 19.18
C GLN B 666 17.47 10.84 18.80
N ARG B 667 16.92 11.98 19.21
CA ARG B 667 15.62 12.48 18.77
C ARG B 667 15.69 14.00 18.69
N PRO B 668 14.89 14.66 17.82
CA PRO B 668 14.93 16.12 17.71
C PRO B 668 14.13 16.82 18.81
N GLU B 669 13.87 18.13 18.64
CA GLU B 669 12.91 18.85 19.48
C GLU B 669 11.59 18.96 18.70
N TRP B 670 10.88 20.10 18.84
CA TRP B 670 9.55 20.28 18.26
C TRP B 670 9.56 19.97 16.75
N ASN B 671 10.53 20.51 16.03
CA ASN B 671 10.52 20.51 14.56
C ASN B 671 11.20 19.23 14.06
N ASP B 672 10.39 18.25 13.67
CA ASP B 672 10.92 16.97 13.19
C ASP B 672 11.64 17.15 11.85
N ALA B 673 11.31 18.22 11.12
CA ALA B 673 11.86 18.47 9.81
C ALA B 673 13.30 19.02 9.91
N ASN B 674 13.77 19.38 11.11
CA ASN B 674 15.18 19.77 11.31
C ASN B 674 15.92 18.72 12.15
N ASN B 675 15.60 17.45 11.88
CA ASN B 675 16.02 16.34 12.74
C ASN B 675 17.51 15.98 12.52
N ALA B 676 18.15 16.50 11.47
CA ALA B 676 19.59 16.27 11.32
C ALA B 676 20.41 17.22 12.22
N LEU B 677 19.75 18.16 12.92
CA LEU B 677 20.44 18.99 13.91
C LEU B 677 20.77 18.18 15.19
N VAL B 678 20.19 16.99 15.34
CA VAL B 678 20.54 16.10 16.45
C VAL B 678 22.00 15.63 16.24
N GLY B 679 22.88 15.89 17.22
CA GLY B 679 24.28 15.48 17.15
C GLY B 679 25.20 16.66 17.44
N ASN B 680 25.26 17.62 16.50
CA ASN B 680 26.08 18.80 16.64
C ASN B 680 25.21 20.04 16.90
N GLY B 681 23.89 19.89 16.90
CA GLY B 681 23.01 21.00 17.13
C GLY B 681 22.86 21.29 18.61
N VAL B 682 22.59 22.56 18.91
CA VAL B 682 22.44 23.03 20.27
C VAL B 682 21.24 23.97 20.31
N SER B 683 20.34 23.72 21.28
CA SER B 683 19.05 24.40 21.38
C SER B 683 19.17 25.63 22.28
N MET B 684 19.09 26.81 21.68
CA MET B 684 18.87 28.01 22.43
C MET B 684 17.39 28.08 22.83
N VAL B 685 16.52 27.53 21.98
CA VAL B 685 15.08 27.47 22.26
C VAL B 685 14.86 26.92 23.69
N THR B 686 15.41 25.74 23.98
CA THR B 686 15.21 25.10 25.29
C THR B 686 15.89 25.94 26.39
N LEU B 687 16.99 26.62 26.08
CA LEU B 687 17.66 27.48 27.09
C LEU B 687 16.75 28.65 27.47
N TYR B 688 16.08 29.26 26.48
CA TYR B 688 15.15 30.35 26.74
C TYR B 688 14.05 29.88 27.70
N TYR B 689 13.50 28.68 27.46
CA TYR B 689 12.43 28.15 28.32
C TYR B 689 12.99 27.73 29.67
N LEU B 690 14.25 27.27 29.71
CA LEU B 690 14.92 26.93 30.96
C LEU B 690 15.11 28.19 31.80
N ARG B 691 15.34 29.35 31.16
CA ARG B 691 15.45 30.60 31.88
C ARG B 691 14.12 30.84 32.63
N ARG B 692 13.01 30.69 31.90
CA ARG B 692 11.69 30.93 32.46
C ARG B 692 11.45 29.94 33.61
N PHE B 693 11.82 28.68 33.40
CA PHE B 693 11.66 27.60 34.38
C PHE B 693 12.41 27.93 35.67
N LEU B 694 13.68 28.33 35.56
CA LEU B 694 14.54 28.52 36.74
C LEU B 694 14.17 29.79 37.51
N LYS B 695 13.71 30.84 36.81
CA LYS B 695 13.22 32.06 37.48
C LYS B 695 11.97 31.73 38.31
N PHE B 696 11.05 30.98 37.71
CA PHE B 696 9.89 30.50 38.43
C PHE B 696 10.34 29.71 39.69
N PHE B 697 11.27 28.77 39.49
CA PHE B 697 11.73 27.89 40.56
C PHE B 697 12.46 28.69 41.65
N ASP B 698 13.27 29.67 41.21
CA ASP B 698 13.96 30.62 42.11
C ASP B 698 12.95 31.28 43.05
N GLN B 699 11.85 31.82 42.49
CA GLN B 699 10.78 32.46 43.29
C GLN B 699 10.11 31.42 44.21
N LEU B 700 9.84 30.23 43.69
CA LEU B 700 9.24 29.16 44.48
C LEU B 700 10.11 28.85 45.71
N LEU B 701 11.42 28.71 45.51
CA LEU B 701 12.33 28.37 46.61
C LEU B 701 12.34 29.52 47.62
N GLU B 702 12.36 30.76 47.11
CA GLU B 702 12.45 31.97 47.92
C GLU B 702 11.25 32.07 48.86
N ASN B 703 10.07 31.66 48.39
CA ASN B 703 8.83 31.77 49.17
C ASN B 703 8.70 30.61 50.16
N SER B 704 9.53 29.58 50.03
CA SER B 704 9.57 28.46 50.98
C SER B 704 10.24 28.92 52.28
N THR B 705 9.83 28.32 53.40
CA THR B 705 10.47 28.55 54.69
C THR B 705 11.22 27.30 55.17
N LEU B 706 11.27 26.24 54.34
CA LEU B 706 12.03 25.03 54.67
C LEU B 706 13.54 25.33 54.57
N GLU B 707 14.31 24.78 55.52
CA GLU B 707 15.73 25.11 55.69
C GLU B 707 16.62 24.07 54.99
N ASN B 708 16.07 22.87 54.77
CA ASN B 708 16.83 21.74 54.24
C ASN B 708 16.11 21.11 53.04
N ILE B 709 16.82 20.21 52.37
CA ILE B 709 16.26 19.32 51.35
C ILE B 709 16.79 17.91 51.64
N LYS B 710 16.10 16.92 51.08
CA LYS B 710 16.45 15.52 51.21
C LYS B 710 16.43 14.88 49.81
N ILE B 711 17.56 14.28 49.40
CA ILE B 711 17.72 13.70 48.07
C ILE B 711 18.55 12.41 48.19
N SER B 712 18.37 11.51 47.22
CA SER B 712 19.13 10.26 47.11
C SER B 712 20.63 10.55 47.28
N ASN B 713 21.31 9.75 48.12
CA ASN B 713 22.76 9.89 48.36
C ASN B 713 23.52 9.91 47.02
N GLU B 714 23.07 9.08 46.07
CA GLU B 714 23.67 8.94 44.73
C GLU B 714 23.66 10.29 43.99
N MET B 715 22.60 11.09 44.20
CA MET B 715 22.45 12.35 43.51
C MET B 715 23.38 13.42 44.10
N VAL B 716 23.89 13.23 45.34
CA VAL B 716 24.63 14.29 46.04
C VAL B 716 25.87 14.71 45.23
N GLU B 717 26.69 13.73 44.82
CA GLU B 717 27.94 14.00 44.08
C GLU B 717 27.62 14.75 42.78
N PHE B 718 26.58 14.30 42.07
CA PHE B 718 26.16 14.86 40.77
C PHE B 718 25.73 16.32 40.95
N TYR B 719 24.82 16.57 41.88
CA TYR B 719 24.32 17.90 42.20
C TYR B 719 25.49 18.82 42.58
N HIS B 720 26.40 18.31 43.43
CA HIS B 720 27.51 19.12 43.94
C HIS B 720 28.51 19.41 42.81
N LYS B 721 28.78 18.45 41.92
CA LYS B 721 29.77 18.64 40.84
C LYS B 721 29.25 19.70 39.86
N VAL B 722 27.94 19.65 39.57
CA VAL B 722 27.30 20.61 38.67
C VAL B 722 27.36 22.01 39.31
N ARG B 723 26.91 22.10 40.56
CA ARG B 723 26.86 23.37 41.27
C ARG B 723 28.26 23.99 41.33
N GLU B 724 29.25 23.17 41.68
CA GLU B 724 30.67 23.55 41.84
C GLU B 724 31.21 24.16 40.53
N THR B 725 30.99 23.43 39.43
CA THR B 725 31.46 23.81 38.11
C THR B 725 30.98 25.24 37.78
N LEU B 726 29.69 25.51 38.04
CA LEU B 726 29.11 26.81 37.75
C LEU B 726 29.70 27.86 38.70
N MET B 727 29.72 27.55 40.01
CA MET B 727 30.17 28.52 41.02
C MET B 727 31.63 28.94 40.75
N GLU B 728 32.49 27.98 40.39
CA GLU B 728 33.94 28.22 40.24
C GLU B 728 34.24 28.89 38.89
N ASN B 729 33.27 28.93 37.98
CA ASN B 729 33.46 29.55 36.67
C ASN B 729 32.63 30.83 36.51
N GLN B 730 31.97 31.29 37.59
CA GLN B 730 31.10 32.46 37.53
C GLN B 730 31.93 33.71 37.12
N HIS B 731 33.20 33.75 37.52
CA HIS B 731 34.08 34.91 37.23
C HIS B 731 34.22 35.13 35.72
N LEU B 732 34.06 34.08 34.90
CA LEU B 732 34.19 34.15 33.42
C LEU B 732 33.07 35.00 32.78
N LEU B 733 31.94 35.19 33.49
CA LEU B 733 30.76 35.84 32.90
C LEU B 733 30.98 37.35 32.71
N ALA B 734 32.08 37.89 33.25
CA ALA B 734 32.46 39.29 33.07
C ALA B 734 32.80 39.60 31.60
N GLY B 735 33.11 38.57 30.79
CA GLY B 735 33.42 38.76 29.39
C GLY B 735 32.89 37.61 28.56
N SER B 736 33.44 37.48 27.35
CA SER B 736 33.15 36.36 26.46
C SER B 736 33.95 35.13 26.89
N ILE B 737 33.38 33.95 26.66
CA ILE B 737 33.97 32.68 27.07
C ILE B 737 34.73 32.10 25.87
N SER B 738 36.02 31.83 26.06
CA SER B 738 36.87 31.16 25.07
C SER B 738 36.34 29.75 24.79
N ASP B 739 36.75 29.23 23.62
CA ASP B 739 36.45 27.88 23.17
C ASP B 739 37.08 26.85 24.14
N THR B 740 38.25 27.19 24.71
CA THR B 740 38.95 26.33 25.68
C THR B 740 38.10 26.17 26.94
N ASP B 741 37.67 27.29 27.54
CA ASP B 741 36.91 27.27 28.78
C ASP B 741 35.52 26.65 28.54
N ARG B 742 34.99 26.81 27.32
CA ARG B 742 33.68 26.25 26.95
C ARG B 742 33.75 24.73 27.13
N LYS B 743 34.86 24.12 26.69
CA LYS B 743 35.04 22.68 26.79
C LYS B 743 35.33 22.25 28.24
N VAL B 744 36.17 23.01 28.97
CA VAL B 744 36.47 22.71 30.40
C VAL B 744 35.14 22.55 31.15
N ILE B 745 34.21 23.50 30.93
CA ILE B 745 32.92 23.53 31.60
C ILE B 745 32.04 22.36 31.15
N LEU B 746 31.89 22.15 29.83
CA LEU B 746 31.01 21.09 29.32
C LEU B 746 31.51 19.72 29.78
N ASP B 747 32.82 19.48 29.69
CA ASP B 747 33.45 18.23 30.15
C ASP B 747 33.05 17.94 31.61
N LYS B 748 33.20 18.93 32.51
CA LYS B 748 32.84 18.77 33.93
C LYS B 748 31.34 18.48 34.09
N LEU B 749 30.47 19.20 33.37
CA LEU B 749 29.02 18.99 33.49
C LEU B 749 28.63 17.60 32.96
N GLY B 750 29.17 17.25 31.79
CA GLY B 750 28.85 15.97 31.13
C GLY B 750 29.37 14.76 31.89
N ASN B 751 30.58 14.88 32.48
CA ASN B 751 31.14 13.74 33.18
C ASN B 751 30.38 13.48 34.47
N ALA B 752 29.91 14.55 35.12
CA ALA B 752 29.14 14.43 36.35
C ALA B 752 27.83 13.68 36.06
N ALA B 753 27.14 14.06 34.98
CA ALA B 753 25.91 13.38 34.60
C ALA B 753 26.22 11.92 34.26
N ALA B 754 27.32 11.66 33.55
CA ALA B 754 27.67 10.31 33.09
C ALA B 754 27.97 9.39 34.28
N ASP B 755 28.71 9.88 35.28
CA ASP B 755 29.03 9.09 36.47
C ASP B 755 27.75 8.75 37.24
N TYR B 756 26.82 9.71 37.34
CA TYR B 756 25.55 9.50 38.00
C TYR B 756 24.79 8.34 37.34
N ARG B 757 24.58 8.45 36.02
CA ARG B 757 23.86 7.47 35.21
C ARG B 757 24.53 6.09 35.33
N PHE B 758 25.87 6.04 35.23
CA PHE B 758 26.58 4.78 35.27
C PHE B 758 26.28 4.05 36.58
N GLN B 759 26.31 4.80 37.69
CA GLN B 759 26.09 4.23 39.01
C GLN B 759 24.69 3.63 39.10
N ILE B 760 23.68 4.35 38.58
CA ILE B 760 22.29 3.91 38.69
C ILE B 760 22.02 2.76 37.70
N TYR B 761 22.54 2.84 36.47
CA TYR B 761 22.36 1.76 35.47
C TYR B 761 22.94 0.45 36.01
N ASN B 762 24.07 0.53 36.74
CA ASN B 762 24.81 -0.68 37.15
C ASN B 762 24.34 -1.19 38.52
N SER B 763 24.17 -0.31 39.51
CA SER B 763 23.90 -0.72 40.91
C SER B 763 22.44 -0.41 41.33
N GLY B 764 21.79 0.54 40.66
CA GLY B 764 20.47 1.03 41.08
C GLY B 764 20.57 1.99 42.26
N PHE B 765 19.43 2.53 42.68
CA PHE B 765 19.33 3.33 43.87
C PHE B 765 19.35 2.41 45.09
N TRP B 766 20.19 2.73 46.08
CA TRP B 766 20.33 1.95 47.30
C TRP B 766 19.11 2.17 48.19
N GLY B 767 18.56 3.39 48.15
CA GLY B 767 17.35 3.71 48.90
C GLY B 767 17.58 4.71 50.04
N LYS B 768 18.84 5.09 50.32
CA LYS B 768 19.14 6.06 51.39
C LYS B 768 19.23 7.48 50.81
N LYS B 769 18.76 8.46 51.59
CA LYS B 769 18.78 9.86 51.22
C LYS B 769 19.66 10.62 52.21
N ARG B 770 20.02 11.86 51.85
CA ARG B 770 20.85 12.74 52.66
C ARG B 770 20.21 14.13 52.75
N THR B 771 20.43 14.78 53.90
CA THR B 771 19.94 16.12 54.20
C THR B 771 20.98 17.14 53.75
N HIS B 772 20.55 18.09 52.90
CA HIS B 772 21.39 19.20 52.44
C HIS B 772 20.62 20.52 52.60
N SER B 773 21.31 21.65 52.42
CA SER B 773 20.75 22.96 52.71
C SER B 773 19.83 23.41 51.56
N MET B 774 18.74 24.09 51.96
CA MET B 774 17.90 24.81 51.02
C MET B 774 18.70 25.98 50.43
N GLN B 775 19.55 26.62 51.25
CA GLN B 775 20.37 27.74 50.80
C GLN B 775 21.23 27.30 49.60
N GLY B 776 21.79 26.08 49.69
CA GLY B 776 22.64 25.52 48.65
C GLY B 776 21.88 25.37 47.32
N LEU B 777 20.61 24.98 47.39
CA LEU B 777 19.76 24.83 46.21
C LEU B 777 19.42 26.21 45.63
N LYS B 778 19.10 27.19 46.50
CA LYS B 778 18.85 28.58 46.08
C LYS B 778 20.10 29.12 45.37
N ASN B 779 21.28 28.79 45.91
CA ASN B 779 22.56 29.19 45.30
C ASN B 779 22.71 28.59 43.89
N PHE B 780 22.34 27.31 43.75
CA PHE B 780 22.40 26.55 42.48
C PHE B 780 21.49 27.21 41.42
N THR B 781 20.25 27.52 41.80
CA THR B 781 19.28 28.09 40.89
C THR B 781 19.77 29.48 40.43
N LYS B 782 20.28 30.27 41.37
CA LYS B 782 20.73 31.64 41.10
C LYS B 782 21.91 31.62 40.10
N VAL B 783 22.92 30.77 40.35
CA VAL B 783 24.12 30.74 39.50
C VAL B 783 23.76 30.12 38.13
N SER B 784 22.82 29.16 38.10
CA SER B 784 22.33 28.61 36.84
C SER B 784 21.73 29.73 35.98
N LEU B 785 20.91 30.58 36.62
CA LEU B 785 20.32 31.73 35.92
C LEU B 785 21.38 32.72 35.45
N GLN B 786 22.45 32.92 36.23
CA GLN B 786 23.53 33.83 35.83
C GLN B 786 24.13 33.32 34.51
N PHE B 787 24.39 32.01 34.43
CA PHE B 787 25.00 31.42 33.24
C PHE B 787 24.04 31.51 32.05
N ILE B 788 22.76 31.24 32.27
CA ILE B 788 21.78 31.23 31.18
C ILE B 788 21.61 32.65 30.64
N ASP B 789 21.49 33.63 31.55
CA ASP B 789 21.29 35.03 31.16
C ASP B 789 22.47 35.48 30.28
N HIS B 790 23.70 35.14 30.71
CA HIS B 790 24.92 35.46 29.94
C HIS B 790 24.83 34.84 28.55
N SER B 791 24.40 33.58 28.47
CA SER B 791 24.26 32.87 27.21
C SER B 791 23.19 33.54 26.32
N ILE B 792 22.09 34.01 26.91
CA ILE B 792 21.04 34.66 26.12
C ILE B 792 21.61 35.94 25.48
N LYS B 793 22.38 36.71 26.26
CA LYS B 793 22.94 37.99 25.82
C LYS B 793 23.92 37.77 24.65
N ALA B 794 24.51 36.57 24.59
CA ALA B 794 25.48 36.23 23.53
C ALA B 794 24.78 35.67 22.29
N ASN B 795 23.43 35.69 22.23
CA ASN B 795 22.74 35.02 21.15
C ASN B 795 21.75 35.97 20.43
N GLN B 796 21.95 37.29 20.57
CA GLN B 796 21.23 38.26 19.77
C GLN B 796 22.01 38.47 18.47
N ARG B 797 21.27 38.52 17.35
CA ARG B 797 21.78 38.84 16.02
C ARG B 797 21.78 40.35 15.83
N PRO B 798 22.57 40.91 14.88
CA PRO B 798 22.49 42.34 14.57
C PRO B 798 21.09 42.85 14.21
N ASP B 799 20.27 42.01 13.56
CA ASP B 799 18.91 42.39 13.13
C ASP B 799 17.91 42.32 14.32
N LYS B 800 18.36 41.92 15.51
CA LYS B 800 17.59 41.92 16.78
C LYS B 800 16.83 40.61 16.99
N LEU B 801 16.80 39.72 15.98
CA LEU B 801 16.30 38.36 16.20
C LEU B 801 17.28 37.60 17.10
N TYR B 802 16.79 36.53 17.74
CA TYR B 802 17.65 35.65 18.56
C TYR B 802 17.84 34.31 17.86
N HIS B 803 19.03 33.73 18.07
CA HIS B 803 19.38 32.41 17.60
C HIS B 803 18.44 31.37 18.23
N ALA B 804 18.00 30.43 17.40
CA ALA B 804 17.14 29.33 17.82
C ALA B 804 17.99 28.09 18.09
N TYR B 805 18.77 27.71 17.07
CA TYR B 805 19.61 26.52 17.05
C TYR B 805 21.00 26.89 16.53
N ASN B 806 22.04 26.44 17.26
CA ASN B 806 23.43 26.66 16.92
C ASN B 806 24.08 25.31 16.67
N LEU B 807 25.30 25.32 16.11
CA LEU B 807 26.10 24.14 15.92
C LEU B 807 27.33 24.23 16.84
N MET B 808 27.73 23.07 17.39
CA MET B 808 28.96 22.97 18.16
C MET B 808 29.89 22.00 17.42
N SER B 809 31.20 22.24 17.55
CA SER B 809 32.20 21.30 17.06
C SER B 809 33.38 21.28 18.03
N VAL B 810 34.02 20.11 18.13
CA VAL B 810 35.21 19.89 18.94
C VAL B 810 36.43 20.12 18.03
N GLU B 811 37.29 21.05 18.45
CA GLU B 811 38.47 21.50 17.68
C GLU B 811 39.73 21.27 18.51
N LYS B 812 40.82 20.83 17.85
CA LYS B 812 42.11 20.49 18.49
C LYS B 812 41.88 19.63 19.74
N ASN B 813 40.82 18.80 19.70
CA ASN B 813 40.23 18.03 20.82
C ASN B 813 40.31 18.77 22.17
N LYS B 814 40.54 20.09 22.15
CA LYS B 814 40.78 20.90 23.37
C LYS B 814 39.84 22.11 23.43
N GLU B 815 39.01 22.31 22.40
CA GLU B 815 38.19 23.51 22.28
C GLU B 815 36.80 23.11 21.76
N ILE B 816 35.78 23.90 22.10
CA ILE B 816 34.46 23.78 21.50
C ILE B 816 34.11 25.12 20.84
N ALA B 817 33.91 25.09 19.52
CA ALA B 817 33.54 26.27 18.73
C ALA B 817 32.02 26.27 18.47
N ILE B 818 31.42 27.46 18.39
CA ILE B 818 30.01 27.66 18.07
C ILE B 818 29.90 28.31 16.69
N SER B 819 28.94 27.86 15.90
CA SER B 819 28.59 28.53 14.65
C SER B 819 27.06 28.57 14.55
N TYR B 820 26.56 29.37 13.61
CA TYR B 820 25.18 29.87 13.67
C TYR B 820 24.43 29.46 12.40
N LEU B 821 23.09 29.43 12.52
CA LEU B 821 22.17 29.02 11.47
C LEU B 821 21.20 30.18 11.16
N SER B 822 20.32 29.96 10.18
CA SER B 822 19.45 31.01 9.70
C SER B 822 18.46 31.41 10.79
N GLU B 823 17.83 32.56 10.59
CA GLU B 823 16.77 33.05 11.47
C GLU B 823 15.63 32.01 11.46
N MET B 824 15.10 31.71 12.65
CA MET B 824 14.01 30.76 12.79
C MET B 824 12.96 31.33 13.74
N LEU B 825 11.68 31.17 13.38
CA LEU B 825 10.55 31.72 14.11
C LEU B 825 10.54 31.18 15.55
N GLU B 826 10.86 29.89 15.69
CA GLU B 826 10.80 29.20 16.97
C GLU B 826 11.73 29.87 18.00
N GLY B 827 12.87 30.40 17.56
CA GLY B 827 13.77 31.15 18.44
C GLY B 827 13.14 32.43 19.00
N GLN B 828 12.35 33.11 18.16
CA GLN B 828 11.74 34.38 18.54
C GLN B 828 10.63 34.08 19.56
N VAL B 829 9.82 33.05 19.27
CA VAL B 829 8.77 32.60 20.17
C VAL B 829 9.36 32.32 21.56
N ALA B 830 10.50 31.60 21.59
CA ALA B 830 11.11 31.14 22.84
C ALA B 830 11.69 32.31 23.64
N VAL B 831 12.46 33.20 22.98
CA VAL B 831 13.10 34.33 23.68
C VAL B 831 12.00 35.27 24.22
N LEU B 832 10.93 35.47 23.43
CA LEU B 832 9.82 36.34 23.82
C LEU B 832 8.98 35.68 24.93
N SER B 833 9.14 34.37 25.15
CA SER B 833 8.49 33.59 26.23
C SER B 833 9.38 33.48 27.48
N SER B 834 10.65 33.89 27.37
CA SER B 834 11.71 33.59 28.34
C SER B 834 11.52 34.35 29.64
N GLY B 835 10.79 35.47 29.58
CA GLY B 835 10.64 36.40 30.70
C GLY B 835 11.89 37.22 30.94
N PHE B 836 12.92 37.08 30.08
CA PHE B 836 14.24 37.69 30.33
C PHE B 836 14.32 39.12 29.81
N LEU B 837 13.70 39.41 28.65
CA LEU B 837 13.89 40.70 28.00
C LEU B 837 12.95 41.73 28.62
N SER B 838 13.33 43.00 28.54
CA SER B 838 12.45 44.12 28.90
C SER B 838 11.36 44.26 27.82
N SER B 839 10.35 45.07 28.11
CA SER B 839 9.25 45.31 27.17
C SER B 839 9.80 45.93 25.88
N LYS B 840 10.72 46.88 26.01
CA LYS B 840 11.32 47.56 24.85
C LYS B 840 12.09 46.55 23.99
N GLU B 841 12.82 45.63 24.64
CA GLU B 841 13.59 44.62 23.94
C GLU B 841 12.66 43.60 23.26
N ASN B 842 11.57 43.21 23.92
CA ASN B 842 10.55 42.35 23.32
C ASN B 842 10.05 43.00 22.02
N LEU B 843 9.74 44.30 22.08
CA LEU B 843 9.20 45.06 20.94
C LEU B 843 10.25 45.14 19.82
N ALA B 844 11.54 45.29 20.17
CA ALA B 844 12.64 45.33 19.16
C ALA B 844 12.74 43.99 18.43
N VAL B 845 12.62 42.89 19.18
CA VAL B 845 12.60 41.60 18.55
C VAL B 845 11.46 41.58 17.54
N LEU B 846 10.25 41.96 17.97
CA LEU B 846 9.07 41.80 17.13
C LEU B 846 9.14 42.72 15.92
N ASP B 847 9.72 43.91 16.07
CA ASP B 847 9.92 44.84 14.94
C ASP B 847 10.88 44.19 13.92
N GLY B 848 11.96 43.57 14.42
CA GLY B 848 12.88 42.83 13.57
C GLY B 848 12.19 41.71 12.81
N LEU B 849 11.31 40.98 13.51
CA LEU B 849 10.66 39.81 12.96
C LEU B 849 9.73 40.21 11.79
N LYS B 850 8.91 41.24 12.03
CA LYS B 850 8.01 41.80 11.01
C LYS B 850 8.78 42.20 9.74
N ASN B 851 10.00 42.72 9.90
CA ASN B 851 10.82 43.24 8.78
C ASN B 851 11.71 42.15 8.17
N SER B 852 11.67 40.92 8.71
CA SER B 852 12.58 39.85 8.31
C SER B 852 12.00 39.05 7.14
N ALA B 853 12.82 38.14 6.61
CA ALA B 853 12.47 37.24 5.53
C ALA B 853 11.53 36.11 6.02
N LEU B 854 11.18 36.10 7.31
CA LEU B 854 10.22 35.16 7.83
C LEU B 854 8.79 35.65 7.55
N PHE B 855 8.61 36.93 7.22
CA PHE B 855 7.27 37.44 6.96
C PHE B 855 6.87 37.04 5.53
N ARG B 856 5.76 36.29 5.39
CA ARG B 856 5.23 35.95 4.09
C ARG B 856 4.02 36.85 3.80
N GLU B 857 4.10 37.59 2.69
CA GLU B 857 3.21 38.71 2.36
C GLU B 857 1.78 38.24 2.08
N ASP B 858 1.60 37.29 1.16
CA ASP B 858 0.27 36.98 0.62
C ASP B 858 -0.68 36.49 1.75
N GLN B 859 -0.16 35.80 2.78
CA GLN B 859 -0.97 35.32 3.91
C GLN B 859 -0.72 36.17 5.18
N TYR B 860 0.14 37.18 5.05
CA TYR B 860 0.59 38.09 6.13
C TYR B 860 0.78 37.32 7.45
N SER B 861 1.64 36.31 7.42
CA SER B 861 2.04 35.58 8.63
C SER B 861 3.47 35.07 8.45
N TYR B 862 3.92 34.13 9.30
CA TYR B 862 5.35 33.82 9.46
C TYR B 862 5.71 32.39 9.04
N LEU B 863 6.78 32.30 8.24
CA LEU B 863 7.49 31.07 7.92
C LEU B 863 8.30 30.62 9.15
N LEU B 864 8.66 29.34 9.19
CA LEU B 864 9.51 28.82 10.25
C LEU B 864 10.97 29.29 10.04
N TYR B 865 11.38 29.47 8.78
CA TYR B 865 12.75 29.85 8.36
C TYR B 865 12.60 30.50 6.98
N PRO B 866 13.64 31.19 6.45
CA PRO B 866 13.51 31.82 5.13
C PRO B 866 13.13 30.81 4.04
N ASN B 867 12.25 31.22 3.12
CA ASN B 867 12.14 30.59 1.83
C ASN B 867 13.45 30.85 1.11
N LYS B 868 13.95 29.86 0.39
CA LYS B 868 15.16 30.05 -0.37
C LYS B 868 15.00 29.28 -1.68
N GLU B 869 15.64 29.79 -2.72
CA GLU B 869 15.72 29.16 -4.02
C GLU B 869 16.67 27.98 -3.89
N LEU B 870 16.16 26.77 -4.11
CA LEU B 870 17.01 25.59 -4.30
C LEU B 870 17.49 25.58 -5.74
N PRO B 871 18.71 25.03 -5.98
CA PRO B 871 19.25 25.00 -7.33
C PRO B 871 18.34 24.13 -8.22
N LYS B 872 18.13 24.63 -9.45
CA LYS B 872 17.43 23.89 -10.47
C LYS B 872 18.19 22.61 -10.81
N PHE B 873 17.49 21.65 -11.40
CA PHE B 873 18.00 20.30 -11.63
C PHE B 873 19.36 20.38 -12.33
N LEU B 874 19.44 21.14 -13.43
CA LEU B 874 20.66 21.21 -14.21
C LEU B 874 21.75 22.08 -13.55
N ASP B 875 21.50 22.68 -12.38
CA ASP B 875 22.50 23.47 -11.67
C ASP B 875 23.03 22.74 -10.43
N LYS B 876 22.55 21.51 -10.17
CA LYS B 876 22.73 20.87 -8.85
C LYS B 876 24.13 20.27 -8.69
N ASN B 877 24.72 19.79 -9.77
CA ASN B 877 25.77 18.79 -9.66
C ASN B 877 26.74 18.96 -10.82
N THR B 878 27.53 20.04 -10.75
CA THR B 878 28.59 20.27 -11.71
C THR B 878 29.91 20.45 -10.95
N ILE B 879 30.94 19.75 -11.42
CA ILE B 879 32.29 19.82 -10.90
C ILE B 879 33.06 20.77 -11.84
N SER B 880 33.71 21.78 -11.27
CA SER B 880 34.48 22.72 -12.09
C SER B 880 35.58 21.95 -12.83
N LYS B 881 35.88 22.37 -14.06
CA LYS B 881 37.03 21.84 -14.84
C LYS B 881 38.32 21.89 -14.00
N GLU B 882 38.52 22.97 -13.25
CA GLU B 882 39.75 23.19 -12.49
C GLU B 882 39.90 22.07 -11.44
N ALA B 883 38.81 21.78 -10.72
CA ALA B 883 38.82 20.78 -9.64
C ALA B 883 39.11 19.39 -10.23
N VAL B 884 38.57 19.08 -11.41
CA VAL B 884 38.78 17.79 -12.04
C VAL B 884 40.26 17.63 -12.40
N SER B 885 40.81 18.62 -13.12
CA SER B 885 42.18 18.52 -13.64
C SER B 885 43.22 18.47 -12.50
N LYS B 886 42.91 19.10 -11.37
CA LYS B 886 43.79 19.12 -10.18
C LYS B 886 43.71 17.80 -9.40
N SER B 887 42.68 16.97 -9.64
CA SER B 887 42.63 15.59 -9.12
C SER B 887 43.17 14.64 -10.19
N GLU B 888 44.17 13.84 -9.81
CA GLU B 888 44.72 12.80 -10.69
C GLU B 888 43.67 11.70 -10.88
N LEU B 889 43.02 11.30 -9.78
CA LEU B 889 42.04 10.19 -9.80
C LEU B 889 40.86 10.53 -10.72
N LEU B 890 40.24 11.70 -10.51
CA LEU B 890 39.07 12.09 -11.32
C LEU B 890 39.48 12.24 -12.79
N SER B 891 40.64 12.85 -13.03
CA SER B 891 41.15 13.03 -14.40
C SER B 891 41.36 11.67 -15.09
N LEU B 892 41.87 10.70 -14.33
CA LEU B 892 42.14 9.35 -14.83
C LEU B 892 40.81 8.63 -15.13
N LEU B 893 39.84 8.76 -14.23
CA LEU B 893 38.53 8.14 -14.37
C LEU B 893 37.83 8.67 -15.64
N VAL B 894 37.94 9.98 -15.88
CA VAL B 894 37.41 10.62 -17.10
C VAL B 894 38.13 10.03 -18.32
N SER B 895 39.47 9.97 -18.27
CA SER B 895 40.28 9.49 -19.40
C SER B 895 39.90 8.04 -19.78
N LYS B 896 39.54 7.21 -18.79
CA LYS B 896 39.25 5.78 -18.98
C LYS B 896 37.73 5.53 -19.13
N SER B 897 36.92 6.60 -19.16
CA SER B 897 35.46 6.53 -19.35
C SER B 897 34.79 5.69 -18.24
N ASN B 898 35.38 5.71 -17.05
CA ASN B 898 34.73 5.15 -15.87
C ASN B 898 33.71 6.18 -15.35
N LYS B 899 32.48 5.70 -15.13
CA LYS B 899 31.34 6.55 -14.81
C LYS B 899 30.81 6.25 -13.41
N GLN B 900 31.59 5.51 -12.60
CA GLN B 900 31.13 5.02 -11.27
C GLN B 900 31.13 6.19 -10.27
N VAL B 901 31.99 7.19 -10.50
CA VAL B 901 32.12 8.35 -9.62
C VAL B 901 31.77 9.64 -10.38
N ILE B 902 32.41 9.85 -11.53
CA ILE B 902 32.38 11.11 -12.27
C ILE B 902 32.06 10.79 -13.74
N GLU B 903 31.26 11.68 -14.36
CA GLU B 903 30.93 11.58 -15.76
C GLU B 903 31.06 12.96 -16.44
N LYS B 904 31.49 12.93 -17.69
CA LYS B 904 31.69 14.11 -18.51
C LYS B 904 30.58 14.14 -19.55
N ASP B 905 29.84 15.25 -19.63
CA ASP B 905 28.71 15.36 -20.57
C ASP B 905 29.24 15.84 -21.92
N SER B 906 28.35 15.90 -22.91
CA SER B 906 28.69 16.11 -24.31
C SER B 906 29.02 17.59 -24.62
N ILE B 907 28.92 18.49 -23.65
CA ILE B 907 29.45 19.85 -23.80
C ILE B 907 30.70 20.02 -22.91
N GLY B 908 31.22 18.92 -22.35
CA GLY B 908 32.50 18.91 -21.64
C GLY B 908 32.39 19.35 -20.18
N GLU B 909 31.20 19.26 -19.58
CA GLU B 909 31.03 19.57 -18.18
C GLU B 909 30.98 18.27 -17.36
N TYR B 910 31.24 18.39 -16.06
CA TYR B 910 31.53 17.27 -15.20
C TYR B 910 30.48 17.17 -14.10
N HIS B 911 30.04 15.93 -13.82
CA HIS B 911 28.98 15.62 -12.86
C HIS B 911 29.36 14.39 -12.03
N PHE B 912 28.99 14.40 -10.74
CA PHE B 912 29.02 13.20 -9.94
C PHE B 912 27.88 12.28 -10.40
N ASN B 913 28.16 10.98 -10.32
CA ASN B 913 27.23 9.89 -10.68
C ASN B 913 25.84 10.18 -10.13
N GLY B 914 24.83 10.01 -10.99
CA GLY B 914 23.45 10.39 -10.72
C GLY B 914 22.77 9.54 -9.66
N GLU B 915 23.40 8.43 -9.26
CA GLU B 915 22.83 7.55 -8.22
C GLU B 915 23.19 8.01 -6.80
N PHE B 916 24.17 8.90 -6.66
CA PHE B 916 24.63 9.34 -5.35
C PHE B 916 23.53 10.18 -4.68
N ASN B 917 23.24 9.88 -3.42
CA ASN B 917 22.37 10.70 -2.61
C ASN B 917 23.24 11.59 -1.68
N ASN B 918 24.37 11.05 -1.22
CA ASN B 918 25.23 11.73 -0.25
C ASN B 918 26.61 11.07 -0.29
N ALA B 919 27.50 11.51 0.62
CA ALA B 919 28.91 11.12 0.63
C ALA B 919 29.07 9.61 0.80
N SER B 920 28.16 8.98 1.55
CA SER B 920 28.30 7.54 1.82
C SER B 920 28.18 6.73 0.54
N ASN B 921 27.39 7.19 -0.44
CA ASN B 921 27.33 6.54 -1.76
C ASN B 921 28.65 6.72 -2.51
N LEU B 922 29.23 7.92 -2.41
CA LEU B 922 30.53 8.21 -3.03
C LEU B 922 31.60 7.28 -2.45
N LYS B 923 31.65 7.19 -1.11
CA LYS B 923 32.63 6.32 -0.42
C LYS B 923 32.50 4.88 -0.93
N GLN B 924 31.27 4.36 -0.99
CA GLN B 924 31.03 2.98 -1.43
C GLN B 924 31.58 2.81 -2.84
N ALA B 925 31.32 3.77 -3.72
CA ALA B 925 31.82 3.71 -5.09
C ALA B 925 33.35 3.70 -5.10
N LEU B 926 33.99 4.44 -4.19
CA LEU B 926 35.46 4.52 -4.16
C LEU B 926 36.05 3.20 -3.65
N GLU B 927 35.34 2.51 -2.76
CA GLU B 927 35.75 1.19 -2.28
C GLU B 927 35.63 0.18 -3.42
N ASP B 928 34.56 0.26 -4.22
CA ASP B 928 34.40 -0.59 -5.40
C ASP B 928 35.58 -0.37 -6.36
N LEU B 929 36.01 0.89 -6.53
CA LEU B 929 37.12 1.22 -7.43
C LEU B 929 38.43 0.63 -6.89
N SER B 930 38.57 0.58 -5.57
CA SER B 930 39.82 0.18 -4.92
C SER B 930 40.04 -1.34 -5.02
N GLN B 931 39.01 -2.09 -5.46
CA GLN B 931 39.12 -3.53 -5.76
C GLN B 931 39.88 -3.74 -7.08
N GLN B 932 39.83 -2.74 -7.98
CA GLN B 932 40.54 -2.79 -9.27
C GLN B 932 41.99 -2.32 -9.06
N ASN B 933 42.94 -3.03 -9.68
CA ASN B 933 44.37 -2.82 -9.44
C ASN B 933 44.78 -1.42 -9.91
N GLU B 934 44.24 -1.00 -11.05
CA GLU B 934 44.49 0.30 -11.70
C GLU B 934 44.23 1.51 -10.77
N TYR B 935 43.27 1.35 -9.86
CA TYR B 935 42.76 2.48 -9.06
C TYR B 935 43.20 2.36 -7.60
N LYS B 936 43.55 1.13 -7.15
CA LYS B 936 43.79 0.83 -5.73
C LYS B 936 44.58 1.95 -5.04
N ASP B 937 45.75 2.31 -5.61
CA ASP B 937 46.68 3.27 -4.98
C ASP B 937 46.09 4.69 -4.94
N LEU B 938 45.56 5.15 -6.07
CA LEU B 938 45.03 6.51 -6.18
C LEU B 938 43.86 6.71 -5.21
N VAL B 939 43.01 5.70 -5.09
CA VAL B 939 41.84 5.75 -4.20
C VAL B 939 42.30 5.98 -2.76
N ALA B 940 43.34 5.24 -2.35
CA ALA B 940 43.92 5.40 -1.01
C ALA B 940 44.50 6.80 -0.85
N LYS B 941 45.17 7.32 -1.90
CA LYS B 941 45.83 8.63 -1.89
C LYS B 941 44.80 9.77 -1.83
N GLU B 942 43.73 9.71 -2.64
CA GLU B 942 42.91 10.90 -2.95
C GLU B 942 41.45 10.79 -2.46
N SER B 943 41.10 9.74 -1.71
CA SER B 943 39.70 9.55 -1.27
C SER B 943 39.19 10.78 -0.52
N LYS B 944 40.02 11.32 0.37
CA LYS B 944 39.66 12.48 1.21
C LYS B 944 39.51 13.73 0.34
N THR B 945 40.35 13.84 -0.70
CA THR B 945 40.34 14.95 -1.66
C THR B 945 39.03 14.92 -2.47
N VAL B 946 38.67 13.74 -3.00
CA VAL B 946 37.47 13.59 -3.82
C VAL B 946 36.23 13.90 -2.98
N GLU B 947 36.20 13.38 -1.75
CA GLU B 947 35.11 13.63 -0.80
C GLU B 947 34.97 15.13 -0.51
N ALA B 948 36.08 15.87 -0.52
CA ALA B 948 36.08 17.32 -0.26
C ALA B 948 35.50 18.07 -1.48
N ILE B 949 35.79 17.56 -2.68
CA ILE B 949 35.19 18.08 -3.92
C ILE B 949 33.67 17.86 -3.86
N PHE B 950 33.25 16.66 -3.41
CA PHE B 950 31.85 16.34 -3.26
C PHE B 950 31.16 17.33 -2.31
N GLU B 951 31.77 17.56 -1.15
CA GLU B 951 31.21 18.47 -0.14
C GLU B 951 31.18 19.91 -0.66
N ASP B 952 32.11 20.24 -1.54
CA ASP B 952 32.22 21.54 -2.16
C ASP B 952 31.04 21.77 -3.10
N VAL B 953 30.70 20.75 -3.90
CA VAL B 953 29.59 20.80 -4.84
C VAL B 953 28.25 20.86 -4.10
N PHE B 954 28.04 20.03 -3.06
CA PHE B 954 26.72 19.83 -2.47
C PHE B 954 26.53 20.50 -1.10
N ASN B 955 27.61 20.88 -0.43
CA ASN B 955 27.51 21.69 0.79
C ASN B 955 26.59 20.99 1.81
N HIS B 956 26.86 19.71 2.08
CA HIS B 956 26.04 18.94 3.00
C HIS B 956 26.33 19.30 4.48
N LYS B 957 27.41 20.04 4.75
CA LYS B 957 27.68 20.60 6.09
C LYS B 957 26.51 21.51 6.52
N ALA B 958 25.80 22.13 5.57
CA ALA B 958 24.72 23.06 5.84
C ALA B 958 23.36 22.35 5.94
N PHE B 959 23.33 21.02 5.77
CA PHE B 959 22.06 20.29 5.80
C PHE B 959 21.58 20.18 7.25
N THR B 960 20.33 20.58 7.51
CA THR B 960 19.78 20.50 8.86
C THR B 960 18.60 19.52 8.91
N GLY B 961 18.19 18.99 7.75
CA GLY B 961 17.02 18.14 7.64
C GLY B 961 16.19 18.49 6.41
N ARG B 962 15.09 17.77 6.22
CA ARG B 962 14.26 17.89 5.02
C ARG B 962 13.60 19.28 4.94
N SER B 963 13.57 20.02 6.06
CA SER B 963 12.96 21.35 6.10
C SER B 963 13.43 22.23 4.92
N GLY B 964 14.72 22.16 4.57
CA GLY B 964 15.31 23.01 3.55
C GLY B 964 15.33 22.37 2.17
N THR B 965 14.59 21.27 1.97
CA THR B 965 14.70 20.51 0.75
C THR B 965 13.34 19.99 0.28
N PHE B 966 12.23 20.58 0.76
CA PHE B 966 10.90 20.25 0.21
C PHE B 966 9.97 21.45 0.41
N TYR B 967 8.71 21.31 -0.04
CA TYR B 967 7.86 22.44 -0.40
C TYR B 967 6.47 22.32 0.24
N GLY B 968 6.34 21.55 1.32
CA GLY B 968 5.10 21.43 2.06
C GLY B 968 5.39 21.16 3.52
N TYR B 969 4.33 21.11 4.33
CA TYR B 969 4.43 20.81 5.76
C TYR B 969 5.32 21.88 6.43
N GLU B 970 6.42 21.46 7.10
CA GLU B 970 7.35 22.39 7.76
C GLU B 970 8.32 23.01 6.74
N GLY B 971 8.16 22.68 5.46
CA GLY B 971 9.14 23.03 4.42
C GLY B 971 9.12 24.50 3.98
N LEU B 972 9.84 24.72 2.86
CA LEU B 972 10.14 26.05 2.28
C LEU B 972 8.87 26.75 1.80
N GLY B 973 8.65 27.96 2.32
CA GLY B 973 7.54 28.79 1.91
C GLY B 973 6.28 28.41 2.64
N SER B 974 6.36 27.47 3.59
CA SER B 974 5.17 26.97 4.27
C SER B 974 5.00 27.68 5.61
N ILE B 975 3.75 28.10 5.88
CA ILE B 975 3.38 28.61 7.19
C ILE B 975 2.86 27.46 8.03
N TYR B 976 3.54 27.19 9.15
CA TYR B 976 3.15 26.15 10.08
C TYR B 976 2.47 26.85 11.26
N TRP B 977 1.14 26.70 11.34
CA TRP B 977 0.27 27.58 12.12
C TRP B 977 0.48 27.43 13.62
N HIS B 978 0.82 26.22 14.09
CA HIS B 978 1.03 26.01 15.50
C HIS B 978 2.10 27.01 16.00
N MET B 979 3.19 27.18 15.26
CA MET B 979 4.28 28.03 15.70
C MET B 979 3.84 29.50 15.64
N VAL B 980 2.98 29.86 14.68
CA VAL B 980 2.44 31.23 14.63
C VAL B 980 1.61 31.48 15.89
N SER B 981 0.80 30.50 16.28
CA SER B 981 -0.06 30.66 17.44
C SER B 981 0.74 30.64 18.75
N LYS B 982 1.88 29.94 18.78
CA LYS B 982 2.82 30.02 19.91
C LYS B 982 3.39 31.45 20.00
N LEU B 983 3.71 32.04 18.84
CA LEU B 983 4.17 33.43 18.79
C LEU B 983 3.07 34.35 19.34
N GLN B 984 1.82 34.12 18.92
CA GLN B 984 0.70 34.97 19.36
C GLN B 984 0.60 34.98 20.90
N LEU B 985 0.65 33.79 21.51
CA LEU B 985 0.53 33.64 22.96
C LEU B 985 1.68 34.36 23.66
N ALA B 986 2.91 34.15 23.17
CA ALA B 986 4.10 34.80 23.68
C ALA B 986 3.93 36.33 23.62
N VAL B 987 3.46 36.85 22.48
CA VAL B 987 3.27 38.30 22.32
C VAL B 987 2.21 38.79 23.32
N LEU B 988 1.14 38.01 23.51
CA LEU B 988 0.15 38.39 24.50
C LEU B 988 0.82 38.52 25.88
N GLU B 989 1.63 37.52 26.27
CA GLU B 989 2.27 37.54 27.58
C GLU B 989 3.18 38.78 27.67
N CYS B 990 3.81 39.16 26.55
CA CYS B 990 4.66 40.38 26.50
C CYS B 990 3.81 41.66 26.69
N CYS B 991 2.59 41.66 26.12
CA CYS B 991 1.65 42.78 26.26
C CYS B 991 1.25 42.96 27.73
N LEU B 992 0.94 41.84 28.39
CA LEU B 992 0.46 41.85 29.78
C LEU B 992 1.57 42.37 30.69
N LYS B 993 2.81 41.99 30.40
CA LYS B 993 3.97 42.49 31.15
C LYS B 993 4.08 44.01 31.00
N ALA B 994 3.96 44.53 29.77
CA ALA B 994 4.09 45.99 29.54
C ALA B 994 2.99 46.76 30.30
N VAL B 995 1.77 46.24 30.32
CA VAL B 995 0.64 46.91 30.98
C VAL B 995 0.85 46.90 32.49
N GLU B 996 1.20 45.71 33.01
CA GLU B 996 1.49 45.42 34.42
C GLU B 996 2.59 46.37 34.93
N GLU B 997 3.66 46.55 34.17
CA GLU B 997 4.83 47.34 34.58
C GLU B 997 4.60 48.83 34.31
N LYS B 998 3.44 49.19 33.74
CA LYS B 998 3.11 50.57 33.44
C LYS B 998 4.18 51.16 32.50
N GLU B 999 4.46 50.47 31.39
CA GLU B 999 5.27 51.02 30.31
C GLU B 999 4.53 52.21 29.70
N SER B 1000 5.24 52.97 28.88
CA SER B 1000 4.64 54.05 28.12
C SER B 1000 3.52 53.49 27.25
N GLU B 1001 2.53 54.35 26.96
CA GLU B 1001 1.41 53.95 26.11
C GLU B 1001 1.91 53.67 24.68
N GLU B 1002 3.05 54.28 24.29
CA GLU B 1002 3.66 54.02 22.96
C GLU B 1002 4.13 52.56 22.89
N VAL B 1003 4.84 52.09 23.91
CA VAL B 1003 5.35 50.72 23.94
C VAL B 1003 4.17 49.73 24.05
N ILE B 1004 3.21 49.99 24.95
CA ILE B 1004 2.05 49.12 25.12
C ILE B 1004 1.33 49.02 23.76
N GLY B 1005 1.09 50.18 23.13
CA GLY B 1005 0.38 50.30 21.87
C GLY B 1005 1.05 49.55 20.74
N ARG B 1006 2.38 49.71 20.61
CA ARG B 1006 3.12 49.01 19.56
C ARG B 1006 3.12 47.48 19.79
N LEU B 1007 3.20 47.02 21.04
CA LEU B 1007 3.14 45.58 21.36
C LEU B 1007 1.76 45.00 21.03
N LEU B 1008 0.69 45.74 21.36
CA LEU B 1008 -0.69 45.34 21.05
C LEU B 1008 -0.91 45.29 19.53
N GLU B 1009 -0.35 46.26 18.80
CA GLU B 1009 -0.42 46.30 17.34
C GLU B 1009 0.16 44.99 16.76
N HIS B 1010 1.32 44.56 17.28
CA HIS B 1010 1.91 43.28 16.90
C HIS B 1010 0.92 42.14 17.20
N TYR B 1011 0.36 42.13 18.41
CA TYR B 1011 -0.59 41.10 18.78
C TYR B 1011 -1.74 41.02 17.78
N TYR B 1012 -2.39 42.16 17.48
CA TYR B 1012 -3.60 42.18 16.62
C TYR B 1012 -3.25 41.78 15.19
N GLU B 1013 -2.08 42.19 14.69
CA GLU B 1013 -1.62 41.79 13.33
C GLU B 1013 -1.34 40.27 13.23
N ILE B 1014 -0.67 39.71 14.23
CA ILE B 1014 -0.38 38.29 14.23
C ILE B 1014 -1.71 37.53 14.22
N ASN B 1015 -2.66 37.99 15.05
CA ASN B 1015 -4.00 37.39 15.13
C ASN B 1015 -4.70 37.44 13.76
N GLU B 1016 -4.59 38.56 13.04
CA GLU B 1016 -5.20 38.70 11.71
C GLU B 1016 -4.58 37.68 10.75
N GLY B 1017 -3.25 37.48 10.87
CA GLY B 1017 -2.52 36.49 10.10
C GLY B 1017 -3.11 35.09 10.25
N ILE B 1018 -3.54 34.74 11.48
CA ILE B 1018 -4.15 33.41 11.78
C ILE B 1018 -5.33 33.16 10.83
N GLY B 1019 -6.08 34.22 10.46
CA GLY B 1019 -6.83 34.28 9.19
C GLY B 1019 -8.34 34.10 9.30
N VAL B 1020 -8.91 34.23 10.50
CA VAL B 1020 -10.35 34.02 10.73
C VAL B 1020 -11.19 34.98 9.87
N HIS B 1021 -10.63 36.15 9.48
CA HIS B 1021 -11.36 37.18 8.69
C HIS B 1021 -10.98 37.21 7.22
N LYS B 1022 -10.09 36.30 6.80
CA LYS B 1022 -9.71 36.19 5.40
C LYS B 1022 -10.89 35.63 4.60
N SER B 1023 -10.92 35.95 3.31
CA SER B 1023 -11.86 35.37 2.39
C SER B 1023 -11.62 33.86 2.32
N PRO B 1024 -12.65 33.04 2.04
CA PRO B 1024 -12.41 31.61 1.85
C PRO B 1024 -11.33 31.31 0.78
N SER B 1025 -11.24 32.09 -0.30
CA SER B 1025 -10.28 31.76 -1.36
C SER B 1025 -8.84 32.00 -0.87
N LEU B 1026 -8.61 33.04 -0.08
CA LEU B 1026 -7.28 33.26 0.43
C LEU B 1026 -6.97 32.23 1.52
N TYR B 1027 -7.90 31.97 2.44
CA TYR B 1027 -7.68 31.02 3.54
C TYR B 1027 -7.44 29.62 2.93
N GLY B 1028 -8.27 29.30 1.92
CA GLY B 1028 -8.26 28.04 1.18
C GLY B 1028 -9.22 26.99 1.74
N ALA B 1029 -10.08 27.38 2.69
CA ALA B 1029 -11.09 26.51 3.33
C ALA B 1029 -12.05 27.41 4.13
N PHE B 1030 -12.86 26.82 5.03
CA PHE B 1030 -13.68 27.60 5.98
C PHE B 1030 -12.73 28.23 7.00
N PRO B 1031 -12.64 29.59 7.06
CA PRO B 1031 -11.71 30.25 7.98
C PRO B 1031 -11.95 30.00 9.48
N THR B 1032 -13.09 29.40 9.83
CA THR B 1032 -13.35 29.06 11.21
C THR B 1032 -12.80 27.68 11.58
N ASP B 1033 -12.13 26.99 10.64
CA ASP B 1033 -11.54 25.66 10.89
C ASP B 1033 -10.01 25.77 10.86
N ALA B 1034 -9.35 25.23 11.89
CA ALA B 1034 -7.92 25.16 11.99
C ALA B 1034 -7.36 24.07 11.05
N TYR B 1035 -6.19 24.38 10.49
CA TYR B 1035 -5.40 23.52 9.62
C TYR B 1035 -3.94 23.56 10.08
N SER B 1036 -3.16 22.49 9.84
CA SER B 1036 -1.79 22.43 10.31
C SER B 1036 -0.88 23.44 9.59
N HIS B 1037 -1.04 23.59 8.28
CA HIS B 1037 -0.10 24.41 7.51
C HIS B 1037 -0.75 24.95 6.23
N THR B 1038 -0.20 26.06 5.73
CA THR B 1038 -0.53 26.60 4.42
C THR B 1038 0.76 26.75 3.63
N PRO B 1039 0.99 25.92 2.58
CA PRO B 1039 2.21 26.00 1.78
C PRO B 1039 2.19 27.18 0.79
N ALA B 1040 3.28 27.35 0.06
CA ALA B 1040 3.45 28.52 -0.83
C ALA B 1040 2.46 28.48 -1.99
N GLY B 1041 2.07 27.28 -2.45
CA GLY B 1041 1.37 27.15 -3.73
C GLY B 1041 -0.04 26.61 -3.59
N LYS B 1042 -0.56 26.50 -2.35
CA LYS B 1042 -1.94 26.09 -2.08
C LYS B 1042 -2.45 26.78 -0.80
N GLY B 1043 -3.77 26.64 -0.58
CA GLY B 1043 -4.47 27.03 0.64
C GLY B 1043 -4.29 26.05 1.78
N ALA B 1044 -5.04 26.26 2.86
CA ALA B 1044 -4.88 25.50 4.11
C ALA B 1044 -4.91 23.97 3.84
N GLN B 1045 -4.02 23.26 4.54
CA GLN B 1045 -3.82 21.81 4.43
C GLN B 1045 -3.84 21.16 5.83
N GLN B 1046 -4.45 19.97 5.90
CA GLN B 1046 -4.52 19.07 7.07
C GLN B 1046 -5.51 19.62 8.10
N PRO B 1047 -6.82 19.33 7.94
CA PRO B 1047 -7.85 19.89 8.82
C PRO B 1047 -7.91 19.27 10.22
N GLY B 1048 -8.26 20.12 11.19
CA GLY B 1048 -8.74 19.69 12.49
C GLY B 1048 -7.69 19.75 13.59
N MET B 1049 -7.20 18.59 14.00
CA MET B 1049 -6.62 18.39 15.33
C MET B 1049 -5.13 18.76 15.30
N THR B 1050 -4.87 20.03 15.08
CA THR B 1050 -3.57 20.60 15.27
C THR B 1050 -3.45 21.11 16.71
N GLY B 1051 -2.24 21.06 17.25
CA GLY B 1051 -1.89 21.65 18.53
C GLY B 1051 -2.07 23.17 18.56
N GLN B 1052 -2.17 23.81 17.40
CA GLN B 1052 -2.44 25.25 17.30
C GLN B 1052 -3.59 25.65 18.24
N VAL B 1053 -4.62 24.80 18.31
CA VAL B 1053 -5.89 25.16 18.95
C VAL B 1053 -5.70 25.43 20.46
N LYS B 1054 -4.79 24.68 21.12
CA LYS B 1054 -4.56 24.88 22.57
C LYS B 1054 -3.98 26.28 22.83
N GLU B 1055 -3.07 26.74 21.96
CA GLU B 1055 -2.48 28.09 22.07
C GLU B 1055 -3.58 29.16 21.95
N ASP B 1056 -4.45 29.01 20.95
CA ASP B 1056 -5.48 30.00 20.63
C ASP B 1056 -6.58 30.02 21.71
N ILE B 1057 -6.81 28.87 22.36
CA ILE B 1057 -7.70 28.85 23.52
C ILE B 1057 -7.10 29.73 24.63
N LEU B 1058 -5.80 29.52 24.94
CA LEU B 1058 -5.13 30.26 26.01
C LEU B 1058 -5.10 31.76 25.68
N SER B 1059 -4.80 32.12 24.43
CA SER B 1059 -4.74 33.52 24.01
C SER B 1059 -6.12 34.18 24.16
N ARG B 1060 -7.18 33.44 23.82
CA ARG B 1060 -8.55 33.97 23.91
C ARG B 1060 -8.87 34.35 25.36
N PHE B 1061 -8.54 33.46 26.30
CA PHE B 1061 -8.73 33.71 27.73
C PHE B 1061 -7.91 34.95 28.15
N GLY B 1062 -6.68 35.07 27.63
CA GLY B 1062 -5.82 36.26 27.88
C GLY B 1062 -6.46 37.55 27.39
N GLU B 1063 -7.04 37.50 26.19
CA GLU B 1063 -7.74 38.64 25.57
C GLU B 1063 -8.91 39.09 26.45
N LEU B 1064 -9.66 38.11 26.99
CA LEU B 1064 -10.86 38.37 27.80
C LEU B 1064 -10.47 38.82 29.24
N GLY B 1065 -9.19 38.72 29.57
CA GLY B 1065 -8.70 39.24 30.84
C GLY B 1065 -9.01 38.28 31.98
N ILE B 1066 -8.92 36.99 31.70
CA ILE B 1066 -9.18 35.99 32.69
C ILE B 1066 -7.84 35.60 33.32
N PHE B 1067 -7.55 36.14 34.52
CA PHE B 1067 -6.26 35.92 35.19
C PHE B 1067 -6.50 35.26 36.54
N VAL B 1068 -5.64 34.30 36.89
CA VAL B 1068 -5.67 33.67 38.19
C VAL B 1068 -4.33 33.95 38.87
N LYS B 1069 -4.40 34.37 40.13
CA LYS B 1069 -3.23 34.62 40.95
C LYS B 1069 -3.66 34.57 42.42
N ASN B 1070 -2.78 33.99 43.24
CA ASN B 1070 -2.97 33.91 44.70
C ASN B 1070 -4.25 33.16 45.04
N GLY B 1071 -4.61 32.17 44.21
CA GLY B 1071 -5.83 31.40 44.40
C GLY B 1071 -7.10 32.17 44.02
N CYS B 1072 -6.95 33.33 43.37
CA CYS B 1072 -8.09 34.21 43.12
C CYS B 1072 -8.28 34.43 41.63
N LEU B 1073 -9.56 34.39 41.21
CA LEU B 1073 -9.95 34.66 39.82
C LEU B 1073 -10.17 36.16 39.62
N GLU B 1074 -9.55 36.72 38.59
CA GLU B 1074 -9.75 38.10 38.21
C GLU B 1074 -10.34 38.15 36.80
N LEU B 1075 -11.35 39.00 36.60
CA LEU B 1075 -11.97 39.22 35.31
C LEU B 1075 -11.82 40.71 34.95
N ASN B 1076 -10.76 41.01 34.20
CA ASN B 1076 -10.26 42.39 34.04
C ASN B 1076 -9.58 42.56 32.68
N PRO B 1077 -10.31 42.71 31.55
CA PRO B 1077 -9.67 42.87 30.25
C PRO B 1077 -8.87 44.17 30.15
N CYS B 1078 -7.64 44.09 29.61
CA CYS B 1078 -6.82 45.26 29.23
C CYS B 1078 -6.47 45.23 27.72
N LEU B 1079 -6.63 44.08 27.05
CA LEU B 1079 -6.25 43.85 25.63
C LEU B 1079 -7.50 43.70 24.74
N LEU B 1080 -8.70 43.67 25.33
CA LEU B 1080 -9.94 43.38 24.61
C LEU B 1080 -10.41 44.62 23.85
N ARG B 1081 -10.83 44.43 22.59
CA ARG B 1081 -11.27 45.50 21.70
C ARG B 1081 -12.77 45.77 21.88
N LYS B 1082 -13.13 47.06 21.82
CA LYS B 1082 -14.51 47.54 22.03
C LYS B 1082 -15.44 46.89 20.99
N ASP B 1083 -14.95 46.68 19.77
CA ASP B 1083 -15.79 46.15 18.69
C ASP B 1083 -16.24 44.69 18.93
N GLU B 1084 -15.69 43.99 19.94
CA GLU B 1084 -16.17 42.64 20.28
C GLU B 1084 -17.57 42.70 20.91
N PHE B 1085 -17.99 43.86 21.43
CA PHE B 1085 -19.25 43.98 22.17
C PHE B 1085 -20.43 44.14 21.21
N LEU B 1086 -21.55 43.49 21.58
CA LEU B 1086 -22.77 43.38 20.78
C LEU B 1086 -23.32 44.77 20.42
N LYS B 1087 -23.83 44.88 19.20
CA LYS B 1087 -24.43 46.10 18.67
C LYS B 1087 -25.96 46.00 18.71
N GLU B 1088 -26.49 44.80 18.99
CA GLU B 1088 -27.93 44.59 19.22
C GLU B 1088 -28.11 43.45 20.24
N ALA B 1089 -29.31 43.37 20.82
CA ALA B 1089 -29.68 42.35 21.80
C ALA B 1089 -29.59 40.97 21.14
N LYS B 1090 -29.09 39.99 21.89
CA LYS B 1090 -28.98 38.60 21.44
C LYS B 1090 -29.17 37.66 22.62
N THR B 1091 -29.60 36.42 22.31
CA THR B 1091 -29.83 35.36 23.30
C THR B 1091 -28.62 34.41 23.36
N PHE B 1092 -28.05 34.26 24.55
CA PHE B 1092 -26.94 33.32 24.79
C PHE B 1092 -27.50 31.99 25.32
N ASP B 1093 -27.45 30.95 24.49
CA ASP B 1093 -27.86 29.61 24.87
C ASP B 1093 -26.60 28.85 25.29
N TYR B 1094 -26.58 28.30 26.51
CA TYR B 1094 -25.38 27.69 27.07
C TYR B 1094 -25.77 26.45 27.88
N VAL B 1095 -24.77 25.74 28.41
CA VAL B 1095 -24.98 24.56 29.23
C VAL B 1095 -24.33 24.76 30.59
N THR B 1096 -25.08 24.50 31.67
CA THR B 1096 -24.59 24.62 33.04
C THR B 1096 -23.74 23.40 33.41
N VAL B 1097 -23.04 23.49 34.54
CA VAL B 1097 -22.21 22.38 35.05
C VAL B 1097 -23.09 21.14 35.26
N ASN B 1098 -24.39 21.31 35.51
CA ASN B 1098 -25.29 20.19 35.72
C ASN B 1098 -26.07 19.85 34.44
N PHE B 1099 -25.48 20.12 33.25
CA PHE B 1099 -25.98 19.66 31.92
C PHE B 1099 -27.34 20.28 31.55
N GLN B 1100 -27.73 21.39 32.20
CA GLN B 1100 -28.98 22.08 31.88
C GLN B 1100 -28.72 23.08 30.75
N HIS B 1101 -29.50 22.96 29.67
CA HIS B 1101 -29.47 23.87 28.54
C HIS B 1101 -30.31 25.10 28.87
N GLN B 1102 -29.67 26.25 29.14
CA GLN B 1102 -30.35 27.45 29.62
C GLN B 1102 -29.95 28.67 28.78
N SER B 1103 -30.63 29.79 29.02
CA SER B 1103 -30.53 30.99 28.21
C SER B 1103 -30.38 32.23 29.10
N LEU B 1104 -29.61 33.21 28.60
CA LEU B 1104 -29.57 34.58 29.13
C LEU B 1104 -29.79 35.55 27.98
N GLU B 1105 -30.52 36.64 28.24
CA GLU B 1105 -30.75 37.70 27.26
C GLU B 1105 -29.62 38.72 27.37
N LEU B 1106 -28.82 38.88 26.32
CA LEU B 1106 -27.77 39.92 26.31
C LEU B 1106 -28.32 41.17 25.65
N VAL B 1107 -27.91 42.33 26.18
CA VAL B 1107 -28.25 43.63 25.62
C VAL B 1107 -27.04 44.16 24.86
N GLU B 1108 -27.28 45.25 24.13
CA GLU B 1108 -26.24 46.04 23.49
C GLU B 1108 -25.14 46.36 24.49
N LYS B 1109 -23.89 46.41 24.02
CA LYS B 1109 -22.74 46.80 24.83
C LYS B 1109 -22.42 45.73 25.88
N SER B 1110 -22.70 44.47 25.54
CA SER B 1110 -22.29 43.35 26.36
C SER B 1110 -21.82 42.18 25.46
N LEU B 1111 -21.15 41.22 26.08
CA LEU B 1111 -20.86 39.94 25.45
C LEU B 1111 -20.81 38.85 26.54
N ALA B 1112 -20.70 37.59 26.11
CA ALA B 1112 -20.73 36.50 27.04
C ALA B 1112 -19.72 35.43 26.65
N PHE B 1113 -19.28 34.71 27.67
CA PHE B 1113 -18.50 33.50 27.49
C PHE B 1113 -18.71 32.62 28.73
N THR B 1114 -18.02 31.49 28.81
CA THR B 1114 -18.06 30.71 30.03
C THR B 1114 -16.65 30.47 30.54
N TYR B 1115 -16.53 30.24 31.84
CA TYR B 1115 -15.29 29.88 32.46
C TYR B 1115 -15.59 28.91 33.60
N CYS B 1116 -14.92 27.76 33.58
CA CYS B 1116 -15.30 26.60 34.39
C CYS B 1116 -16.81 26.34 34.26
N GLN B 1117 -17.32 26.57 33.04
CA GLN B 1117 -18.72 26.37 32.62
C GLN B 1117 -19.68 27.25 33.45
N ILE B 1118 -19.18 28.38 33.96
CA ILE B 1118 -20.04 29.43 34.48
C ILE B 1118 -20.16 30.54 33.44
N PRO B 1119 -21.38 31.00 33.08
CA PRO B 1119 -21.52 32.08 32.12
C PRO B 1119 -21.09 33.42 32.75
N ILE B 1120 -20.27 34.14 31.99
CA ILE B 1120 -19.76 35.41 32.36
C ILE B 1120 -20.18 36.41 31.29
N ILE B 1121 -20.81 37.50 31.75
CA ILE B 1121 -21.25 38.58 30.91
C ILE B 1121 -20.41 39.82 31.24
N TYR B 1122 -19.76 40.36 30.21
CA TYR B 1122 -19.09 41.66 30.26
C TYR B 1122 -20.06 42.71 29.72
N LYS B 1123 -20.24 43.81 30.47
CA LYS B 1123 -21.05 44.93 30.03
C LYS B 1123 -20.24 46.23 30.21
N ILE B 1124 -20.33 47.11 29.21
CA ILE B 1124 -19.67 48.42 29.27
C ILE B 1124 -20.44 49.28 30.26
N ALA B 1125 -19.74 49.93 31.19
CA ALA B 1125 -20.38 50.63 32.30
C ALA B 1125 -19.57 51.86 32.70
N ASN B 1126 -20.20 52.75 33.47
CA ASN B 1126 -19.58 53.99 33.94
C ASN B 1126 -18.60 53.70 35.09
N GLN B 1127 -18.76 52.57 35.78
CA GLN B 1127 -17.97 52.25 36.98
C GLN B 1127 -17.64 50.75 36.97
N LYS B 1128 -16.41 50.42 37.34
CA LYS B 1128 -15.96 49.04 37.43
C LYS B 1128 -16.68 48.35 38.60
N CYS B 1129 -17.19 47.14 38.37
CA CYS B 1129 -17.71 46.30 39.45
C CYS B 1129 -18.01 44.89 38.93
N ILE B 1130 -18.15 43.98 39.89
CA ILE B 1130 -18.43 42.59 39.61
C ILE B 1130 -19.66 42.20 40.42
N GLU B 1131 -20.52 41.38 39.84
CA GLU B 1131 -21.68 40.89 40.56
C GLU B 1131 -21.76 39.36 40.39
N VAL B 1132 -21.73 38.65 41.51
CA VAL B 1132 -21.82 37.21 41.54
C VAL B 1132 -23.25 36.83 41.90
N PHE B 1133 -23.94 36.14 41.00
CA PHE B 1133 -25.29 35.66 41.20
C PHE B 1133 -25.19 34.18 41.61
N THR B 1134 -25.82 33.80 42.73
CA THR B 1134 -25.78 32.43 43.18
C THR B 1134 -27.16 31.79 42.93
N ASN B 1135 -27.16 30.46 42.88
CA ASN B 1135 -28.32 29.66 42.43
C ASN B 1135 -29.39 29.65 43.52
N ASP B 1136 -29.07 30.21 44.70
CA ASP B 1136 -30.03 30.47 45.76
C ASP B 1136 -30.87 31.71 45.46
N GLY B 1137 -30.68 32.35 44.30
CA GLY B 1137 -31.40 33.59 43.93
C GLY B 1137 -30.88 34.87 44.58
N LYS B 1138 -29.71 34.81 45.24
CA LYS B 1138 -29.09 36.01 45.83
C LYS B 1138 -27.97 36.52 44.92
N SER B 1139 -27.54 37.77 45.12
CA SER B 1139 -26.35 38.28 44.41
C SER B 1139 -25.51 39.15 45.35
N ALA B 1140 -24.23 39.30 44.98
CA ALA B 1140 -23.28 40.10 45.73
C ALA B 1140 -22.40 40.86 44.74
N LYS B 1141 -22.25 42.17 44.98
CA LYS B 1141 -21.53 43.12 44.14
C LYS B 1141 -20.34 43.71 44.92
N ALA B 1142 -19.26 43.98 44.20
CA ALA B 1142 -18.05 44.60 44.73
C ALA B 1142 -17.36 45.38 43.61
N ALA B 1143 -16.65 46.46 43.98
CA ALA B 1143 -15.95 47.33 43.01
C ALA B 1143 -14.75 46.61 42.39
N SER B 1144 -14.06 45.80 43.20
CA SER B 1144 -12.88 45.06 42.77
C SER B 1144 -13.27 43.96 41.76
N LEU B 1145 -12.46 43.80 40.72
CA LEU B 1145 -12.67 42.76 39.69
C LEU B 1145 -11.89 41.47 40.04
N ILE B 1146 -11.33 41.41 41.24
CA ILE B 1146 -10.67 40.21 41.73
C ILE B 1146 -11.59 39.55 42.76
N LEU B 1147 -12.01 38.31 42.48
CA LEU B 1147 -12.84 37.58 43.42
C LEU B 1147 -11.98 37.03 44.55
N ASP B 1148 -12.61 36.89 45.72
CA ASP B 1148 -11.93 36.36 46.88
C ASP B 1148 -11.72 34.85 46.70
N LYS B 1149 -10.92 34.29 47.63
CA LYS B 1149 -10.51 32.89 47.67
C LYS B 1149 -11.71 31.94 47.63
N GLN B 1150 -12.70 32.15 48.49
CA GLN B 1150 -13.83 31.22 48.62
C GLN B 1150 -14.65 31.20 47.32
N THR B 1151 -15.01 32.39 46.80
CA THR B 1151 -15.79 32.50 45.56
C THR B 1151 -15.03 31.81 44.41
N SER B 1152 -13.72 32.09 44.33
CA SER B 1152 -12.88 31.54 43.29
C SER B 1152 -12.86 30.00 43.36
N GLN B 1153 -12.79 29.44 44.58
CA GLN B 1153 -12.83 27.97 44.79
C GLN B 1153 -14.17 27.41 44.30
N ASP B 1154 -15.25 28.15 44.54
CA ASP B 1154 -16.59 27.78 44.04
C ASP B 1154 -16.60 27.70 42.49
N VAL B 1155 -15.88 28.61 41.81
CA VAL B 1155 -15.75 28.58 40.35
C VAL B 1155 -14.93 27.35 39.92
N PHE B 1156 -13.71 27.24 40.45
CA PHE B 1156 -12.78 26.20 40.02
C PHE B 1156 -13.35 24.81 40.37
N GLY B 1157 -14.10 24.71 41.47
CA GLY B 1157 -14.58 23.44 42.00
C GLY B 1157 -15.86 22.97 41.34
N ARG B 1158 -16.45 23.78 40.45
CA ARG B 1158 -17.60 23.40 39.62
C ARG B 1158 -18.76 22.87 40.46
N THR B 1159 -19.04 23.55 41.58
CA THR B 1159 -19.95 23.08 42.61
C THR B 1159 -21.41 23.46 42.33
N GLY B 1160 -21.67 24.27 41.29
CA GLY B 1160 -23.02 24.63 40.92
C GLY B 1160 -23.60 25.73 41.80
N ILE B 1161 -22.80 26.35 42.67
CA ILE B 1161 -23.27 27.38 43.61
C ILE B 1161 -23.56 28.68 42.86
N ILE B 1162 -22.66 29.03 41.93
CA ILE B 1162 -22.74 30.30 41.20
C ILE B 1162 -23.52 30.07 39.91
N ASN B 1163 -24.52 30.92 39.65
CA ASN B 1163 -25.36 30.84 38.45
C ASN B 1163 -24.71 31.58 37.28
N LYS B 1164 -24.21 32.80 37.53
CA LYS B 1164 -23.58 33.62 36.50
C LYS B 1164 -22.80 34.76 37.16
N ILE B 1165 -21.89 35.38 36.40
CA ILE B 1165 -21.13 36.53 36.87
C ILE B 1165 -21.27 37.65 35.82
N GLU B 1166 -21.58 38.85 36.28
CA GLU B 1166 -21.61 40.05 35.43
C GLU B 1166 -20.47 41.00 35.84
N VAL B 1167 -19.68 41.40 34.85
CA VAL B 1167 -18.54 42.27 35.07
C VAL B 1167 -18.79 43.57 34.31
N SER B 1168 -18.74 44.67 35.07
CA SER B 1168 -18.83 46.03 34.54
C SER B 1168 -17.43 46.55 34.23
N ILE B 1169 -17.22 46.82 32.94
CA ILE B 1169 -15.93 47.17 32.34
C ILE B 1169 -16.01 48.64 31.92
N LEU B 1170 -14.95 49.40 32.22
CA LEU B 1170 -14.87 50.84 31.84
C LEU B 1170 -14.52 50.92 30.35
N GLU B 1171 -15.29 51.73 29.61
CA GLU B 1171 -15.14 51.82 28.17
C GLU B 1171 -13.69 52.24 27.81
N SER B 1172 -13.09 53.11 28.63
CA SER B 1172 -11.75 53.63 28.35
C SER B 1172 -10.66 52.55 28.55
N ASP B 1173 -10.99 51.40 29.12
CA ASP B 1173 -10.04 50.29 29.24
C ASP B 1173 -10.14 49.36 28.04
N LEU B 1174 -11.16 49.52 27.17
CA LEU B 1174 -11.29 48.69 25.95
C LEU B 1174 -10.48 49.34 24.81
N ARG B 1175 -10.02 48.51 23.89
CA ARG B 1175 -9.06 48.90 22.87
C ARG B 1175 -9.74 49.19 21.54
#